data_6GOU
#
_entry.id   6GOU
#
_cell.length_a   147.958
_cell.length_b   120.644
_cell.length_c   148.160
_cell.angle_alpha   90.00
_cell.angle_beta   95.27
_cell.angle_gamma   90.00
#
_symmetry.space_group_name_H-M   'I 1 2 1'
#
loop_
_entity.id
_entity.type
_entity.pdbx_description
1 polymer 'Alkyldihydroxyacetonephosphate synthase, peroxisomal'
2 non-polymer 'FLAVIN-ADENINE DINUCLEOTIDE'
3 non-polymer (3~{S})-3-[2,6-bis(fluoranyl)phenyl]-~{N}-[(2-oxidanylidene-1,3-dihydrobenzimidazol-5-yl)methyl]butanamide
#
_entity_poly.entity_id   1
_entity_poly.type   'polypeptide(L)'
_entity_poly.pdbx_seq_one_letter_code
;MAEAAAAAAAAAAAGETSASSGSAAERDPDQDRAGRRLRVLSGHLLGRPQEALSTNECKARRAASAATAAPTATPAAPES
GIIPKKRQELMKWNGWGYNDSKFFLNKKGQLELTGKRYPLSGVALPTFKDWIQNTFGINLDHKTTSKASLNPSDTPPSIV
NEDFLHELKKTNISYSQEADDRVFRAHGHCLHEIFLLREGMFERIPDIVLWPTCHDDVVKIVNLACKYNLCIIPIGGGTS
VSYGLMCPADETRTIISLDTSQMNRILWVDENNLTAHVEAGITGQELERQLKESGYCTGHEPDSLEFSTVGGWISTRASG
MKKNIYGNIEDLVVHMKVVTPRGVIEKSCQGPRMSTGPDIHHFIMGSEGTLGVITEATIKIRPTPEYQKYGSVAFPNFEQ
GVACLREIAKQRCAPASIRLMDNQQFQFGHALKPQVSSIFTSFLDGLKKFYITKFKGFDPNQLSVATLLFEGDREKVLQH
EKQVYDIAAKFGGLAAGEDNGQRGYLLTYVIAYMRDLGLEYYIIGESFETSAPWDRVVDLCRNVKERIRRECKEKGVQFP
PLSTCRVTQTYDAGACIYFYFAFNYRGISDPLAVFEQTEAAAREEILANGGSLSHHHGVGKLRKQWLKESISDVGFGMLK
SVKDYVDPTNIFGNRNLL
;
_entity_poly.pdbx_strand_id   D,A,B,C
#
# COMPACT_ATOMS: atom_id res chain seq x y z
N GLY A 81 16.86 4.64 -31.49
CA GLY A 81 16.16 5.97 -31.78
C GLY A 81 15.51 6.21 -33.15
N ILE A 82 15.98 5.48 -34.18
CA ILE A 82 15.29 5.39 -35.48
C ILE A 82 14.07 4.47 -35.37
N ILE A 83 12.95 4.94 -35.88
CA ILE A 83 11.71 4.16 -35.95
C ILE A 83 11.86 3.07 -37.02
N PRO A 84 11.66 1.77 -36.67
CA PRO A 84 11.76 0.73 -37.71
C PRO A 84 10.52 0.67 -38.60
N LYS A 85 10.59 -0.14 -39.64
CA LYS A 85 9.48 -0.25 -40.62
C LYS A 85 8.29 -0.99 -40.05
N LYS A 86 8.56 -2.15 -39.46
CA LYS A 86 7.53 -2.92 -38.76
C LYS A 86 7.43 -2.31 -37.33
N ARG A 87 6.60 -1.29 -37.19
CA ARG A 87 6.55 -0.47 -35.95
C ARG A 87 6.10 -1.27 -34.73
N GLN A 88 5.03 -2.05 -34.94
CA GLN A 88 4.48 -2.99 -33.93
C GLN A 88 5.52 -3.88 -33.21
N GLU A 89 6.68 -4.08 -33.81
CA GLU A 89 7.77 -4.84 -33.17
C GLU A 89 8.46 -4.14 -31.98
N LEU A 90 8.48 -2.81 -31.99
CA LEU A 90 8.99 -2.00 -30.87
C LEU A 90 7.91 -1.23 -30.09
N MET A 91 6.84 -0.87 -30.79
CA MET A 91 5.76 -0.01 -30.25
C MET A 91 4.41 -0.71 -30.14
N LYS A 92 3.58 -0.18 -29.26
CA LYS A 92 2.22 -0.68 -29.07
C LYS A 92 1.37 -0.39 -30.29
N TRP A 93 0.73 -1.44 -30.77
CA TRP A 93 -0.18 -1.39 -31.90
C TRP A 93 -1.52 -0.71 -31.52
N ASN A 94 -1.89 -0.76 -30.23
CA ASN A 94 -3.22 -0.31 -29.77
C ASN A 94 -3.21 0.83 -28.76
N GLY A 95 -2.05 1.43 -28.57
CA GLY A 95 -1.90 2.58 -27.67
C GLY A 95 -0.58 3.31 -27.83
N TRP A 96 -0.31 4.17 -26.85
CA TRP A 96 0.85 5.02 -26.85
C TRP A 96 2.10 4.28 -26.40
N GLY A 97 3.20 4.53 -27.12
CA GLY A 97 4.55 4.27 -26.61
C GLY A 97 5.16 2.93 -26.96
N TYR A 98 6.18 2.58 -26.18
CA TYR A 98 6.94 1.32 -26.34
C TYR A 98 6.23 0.10 -25.68
N ASN A 99 6.25 -1.04 -26.39
CA ASN A 99 5.69 -2.33 -25.90
C ASN A 99 6.19 -2.73 -24.52
N ASP A 100 7.49 -2.49 -24.28
CA ASP A 100 8.12 -2.80 -23.00
C ASP A 100 7.72 -1.90 -21.82
N SER A 101 6.89 -0.89 -22.07
CA SER A 101 6.47 0.08 -21.06
C SER A 101 4.95 0.14 -20.89
N LYS A 102 4.44 -0.48 -19.81
CA LYS A 102 2.99 -0.60 -19.48
C LYS A 102 2.82 -0.49 -17.96
N PHE A 103 1.73 0.11 -17.51
CA PHE A 103 1.42 0.11 -16.08
C PHE A 103 0.78 -1.23 -15.69
N PHE A 104 1.22 -1.79 -14.55
CA PHE A 104 0.64 -3.03 -14.02
C PHE A 104 0.57 -3.01 -12.50
N LEU A 105 -0.17 -3.95 -11.92
CA LEU A 105 -0.18 -4.17 -10.46
C LEU A 105 0.92 -5.13 -10.05
N ASN A 106 1.88 -4.64 -9.26
CA ASN A 106 3.03 -5.47 -8.86
C ASN A 106 2.59 -6.50 -7.80
N LYS A 107 3.49 -7.39 -7.43
CA LYS A 107 3.21 -8.46 -6.44
C LYS A 107 2.90 -7.98 -5.00
N LYS A 108 3.02 -6.67 -4.73
CA LYS A 108 2.45 -6.01 -3.51
C LYS A 108 1.09 -5.30 -3.73
N GLY A 109 0.54 -5.42 -4.94
CA GLY A 109 -0.72 -4.75 -5.31
C GLY A 109 -0.63 -3.23 -5.47
N GLN A 110 0.57 -2.79 -5.87
CA GLN A 110 0.89 -1.40 -6.12
C GLN A 110 1.10 -1.23 -7.62
N LEU A 111 0.78 -0.04 -8.14
CA LEU A 111 0.99 0.26 -9.54
C LEU A 111 2.50 0.51 -9.79
N GLU A 112 2.97 0.01 -10.90
CA GLU A 112 4.39 0.04 -11.27
C GLU A 112 4.46 0.03 -12.79
N LEU A 113 5.55 0.60 -13.31
CA LEU A 113 5.80 0.65 -14.75
C LEU A 113 6.81 -0.43 -15.14
N THR A 114 6.55 -1.10 -16.24
CA THR A 114 7.40 -2.18 -16.77
C THR A 114 8.70 -1.64 -17.35
N GLY A 115 9.66 -2.52 -17.52
CA GLY A 115 10.84 -2.21 -18.31
C GLY A 115 11.84 -1.38 -17.55
N LYS A 116 12.87 -0.95 -18.26
CA LYS A 116 13.97 -0.16 -17.69
C LYS A 116 14.11 1.20 -18.41
N ARG A 117 13.07 1.66 -19.08
CA ARG A 117 13.20 2.75 -20.08
C ARG A 117 13.23 4.20 -19.53
N TYR A 118 12.32 4.51 -18.60
CA TYR A 118 12.19 5.86 -18.01
C TYR A 118 12.71 5.81 -16.61
N PRO A 119 13.01 6.98 -16.00
CA PRO A 119 13.32 7.08 -14.58
C PRO A 119 12.38 6.35 -13.61
N LEU A 120 11.07 6.42 -13.85
CA LEU A 120 10.05 5.71 -13.04
C LEU A 120 9.82 4.25 -13.42
N SER A 121 10.45 3.79 -14.49
CA SER A 121 10.38 2.38 -14.85
C SER A 121 10.96 1.53 -13.70
N GLY A 122 10.21 0.50 -13.31
CA GLY A 122 10.62 -0.44 -12.27
C GLY A 122 10.57 0.13 -10.86
N VAL A 123 9.87 1.23 -10.68
CA VAL A 123 9.75 1.89 -9.38
C VAL A 123 8.28 1.83 -8.98
N ALA A 124 8.02 1.23 -7.83
CA ALA A 124 6.68 1.08 -7.31
C ALA A 124 6.15 2.39 -6.75
N LEU A 125 4.84 2.60 -6.93
CA LEU A 125 4.14 3.85 -6.68
C LEU A 125 3.00 3.57 -5.69
N PRO A 126 3.31 3.54 -4.39
CA PRO A 126 2.34 3.04 -3.41
C PRO A 126 1.00 3.82 -3.33
N THR A 127 1.07 5.14 -3.50
CA THR A 127 -0.11 6.01 -3.34
C THR A 127 -0.96 6.17 -4.62
N PHE A 128 -0.43 5.73 -5.75
CA PHE A 128 -1.06 5.97 -7.04
C PHE A 128 -2.40 5.20 -7.14
N LYS A 129 -2.42 3.97 -6.66
CA LYS A 129 -3.65 3.18 -6.67
C LYS A 129 -4.74 3.89 -5.89
N ASP A 130 -4.42 4.28 -4.66
CA ASP A 130 -5.38 4.99 -3.79
C ASP A 130 -5.92 6.28 -4.42
N TRP A 131 -5.04 7.01 -5.07
CA TRP A 131 -5.41 8.25 -5.75
C TRP A 131 -6.47 7.99 -6.87
N ILE A 132 -6.23 6.99 -7.71
CA ILE A 132 -7.18 6.65 -8.79
C ILE A 132 -8.54 6.26 -8.20
N GLN A 133 -8.52 5.49 -7.13
CA GLN A 133 -9.74 5.08 -6.43
C GLN A 133 -10.47 6.29 -5.82
N ASN A 134 -9.76 7.10 -5.06
CA ASN A 134 -10.34 8.31 -4.43
C ASN A 134 -10.91 9.31 -5.45
N THR A 135 -10.18 9.52 -6.55
CA THR A 135 -10.55 10.52 -7.56
C THR A 135 -11.71 10.05 -8.43
N PHE A 136 -11.77 8.77 -8.75
CA PHE A 136 -12.76 8.27 -9.74
C PHE A 136 -13.89 7.33 -9.25
N GLY A 137 -13.74 6.77 -8.05
CA GLY A 137 -14.72 5.84 -7.48
C GLY A 137 -14.79 4.49 -8.20
N ILE A 138 -13.64 3.85 -8.31
CA ILE A 138 -13.54 2.52 -8.91
C ILE A 138 -12.70 1.68 -7.99
N ASN A 139 -12.68 0.37 -8.27
CA ASN A 139 -12.02 -0.61 -7.40
C ASN A 139 -10.60 -0.95 -7.79
N LEU A 140 -10.38 -1.65 -8.91
CA LEU A 140 -9.02 -1.96 -9.38
C LEU A 140 -8.45 -3.19 -8.69
N THR A 155 -10.51 -5.57 -41.20
CA THR A 155 -9.61 -4.96 -42.17
C THR A 155 -10.17 -4.91 -43.60
N PRO A 156 -10.33 -3.70 -44.18
CA PRO A 156 -10.64 -3.66 -45.61
C PRO A 156 -9.49 -4.24 -46.47
N PRO A 157 -9.80 -4.69 -47.69
CA PRO A 157 -8.75 -5.17 -48.59
C PRO A 157 -8.01 -4.02 -49.29
N SER A 158 -6.78 -4.32 -49.71
CA SER A 158 -5.90 -3.33 -50.33
C SER A 158 -6.22 -3.20 -51.82
N ILE A 159 -6.63 -1.99 -52.22
CA ILE A 159 -7.12 -1.70 -53.58
C ILE A 159 -6.06 -0.90 -54.35
N VAL A 160 -5.14 -1.60 -55.02
CA VAL A 160 -3.99 -0.93 -55.69
C VAL A 160 -3.78 -1.35 -57.14
N ASN A 161 -3.52 -0.37 -57.99
CA ASN A 161 -3.26 -0.59 -59.42
C ASN A 161 -1.95 -1.36 -59.64
N GLU A 162 -2.00 -2.39 -60.50
CA GLU A 162 -0.84 -3.27 -60.78
C GLU A 162 0.25 -2.60 -61.65
N ASP A 163 -0.12 -1.66 -62.53
CA ASP A 163 0.82 -0.86 -63.37
C ASP A 163 1.66 0.14 -62.56
N PHE A 164 1.02 0.80 -61.59
CA PHE A 164 1.69 1.69 -60.62
C PHE A 164 2.66 0.88 -59.77
N LEU A 165 2.17 -0.24 -59.26
CA LEU A 165 2.95 -1.22 -58.47
C LEU A 165 4.19 -1.74 -59.22
N HIS A 166 4.02 -1.92 -60.53
CA HIS A 166 5.10 -2.31 -61.45
C HIS A 166 6.20 -1.22 -61.50
N GLU A 167 5.80 0.03 -61.71
CA GLU A 167 6.76 1.17 -61.72
C GLU A 167 7.46 1.39 -60.37
N LEU A 168 6.69 1.22 -59.30
CA LEU A 168 7.17 1.33 -57.91
C LEU A 168 8.25 0.32 -57.60
N LYS A 169 8.12 -0.91 -58.13
CA LYS A 169 9.15 -1.96 -58.00
C LYS A 169 10.47 -1.57 -58.68
N LYS A 170 10.39 -0.80 -59.77
CA LYS A 170 11.58 -0.31 -60.49
C LYS A 170 12.43 0.70 -59.68
N THR A 171 11.85 1.31 -58.65
CA THR A 171 12.51 2.38 -57.85
C THR A 171 13.27 1.87 -56.62
N ASN A 172 13.04 0.61 -56.24
CA ASN A 172 13.51 0.10 -54.93
C ASN A 172 13.24 1.11 -53.79
N ILE A 173 11.98 1.56 -53.75
CA ILE A 173 11.39 2.23 -52.60
C ILE A 173 10.60 1.13 -51.94
N SER A 174 10.94 0.84 -50.72
CA SER A 174 10.26 -0.21 -49.98
C SER A 174 8.78 0.14 -49.81
N TYR A 175 7.94 -0.89 -49.80
CA TYR A 175 6.49 -0.72 -49.70
C TYR A 175 5.82 -1.92 -49.07
N SER A 176 4.61 -1.73 -48.57
CA SER A 176 3.87 -2.78 -47.87
C SER A 176 2.38 -2.60 -48.06
N GLN A 177 1.69 -3.72 -48.27
CA GLN A 177 0.22 -3.77 -48.38
C GLN A 177 -0.39 -4.54 -47.21
N GLU A 178 0.42 -4.81 -46.21
CA GLU A 178 0.04 -5.67 -45.11
C GLU A 178 -0.94 -4.95 -44.15
N ALA A 179 -1.93 -5.68 -43.67
CA ALA A 179 -2.95 -5.13 -42.77
C ALA A 179 -2.36 -4.35 -41.59
N ASP A 180 -1.55 -5.04 -40.80
CA ASP A 180 -1.03 -4.47 -39.54
C ASP A 180 -0.15 -3.20 -39.74
N ASP A 181 0.52 -3.07 -40.89
CA ASP A 181 1.29 -1.84 -41.23
C ASP A 181 0.35 -0.70 -41.59
N ARG A 182 -0.72 -1.02 -42.30
CA ARG A 182 -1.69 -0.02 -42.74
C ARG A 182 -2.60 0.47 -41.60
N VAL A 183 -2.96 -0.45 -40.72
CA VAL A 183 -3.72 -0.13 -39.52
C VAL A 183 -2.89 0.77 -38.60
N PHE A 184 -1.61 0.47 -38.44
CA PHE A 184 -0.72 1.29 -37.60
C PHE A 184 -0.71 2.76 -38.04
N ARG A 185 -0.71 3.01 -39.35
CA ARG A 185 -0.59 4.36 -39.93
C ARG A 185 -1.92 5.07 -40.23
N ALA A 186 -2.99 4.61 -39.60
CA ALA A 186 -4.34 5.13 -39.86
C ALA A 186 -4.92 5.99 -38.72
N HIS A 187 -4.06 6.34 -37.78
CA HIS A 187 -4.50 7.01 -36.54
C HIS A 187 -3.37 7.73 -35.85
N GLY A 188 -3.75 8.69 -35.05
CA GLY A 188 -2.90 9.28 -34.04
C GLY A 188 -3.41 8.88 -32.67
N HIS A 189 -3.36 9.83 -31.75
CA HIS A 189 -3.67 9.50 -30.35
C HIS A 189 -4.76 10.35 -29.76
N CYS A 190 -5.83 10.53 -30.54
CA CYS A 190 -7.09 11.04 -30.02
C CYS A 190 -7.84 9.85 -29.42
N LEU A 191 -8.69 10.12 -28.43
CA LEU A 191 -9.41 9.04 -27.72
C LEU A 191 -10.21 8.11 -28.64
N HIS A 192 -11.09 8.69 -29.45
CA HIS A 192 -11.94 7.89 -30.33
C HIS A 192 -11.13 6.90 -31.21
N GLU A 193 -10.04 7.37 -31.79
CA GLU A 193 -9.14 6.54 -32.62
C GLU A 193 -8.64 5.32 -31.82
N ILE A 194 -8.26 5.56 -30.57
CA ILE A 194 -7.72 4.52 -29.69
C ILE A 194 -8.76 3.45 -29.31
N PHE A 195 -10.02 3.87 -29.16
CA PHE A 195 -11.14 2.92 -28.98
C PHE A 195 -11.40 2.06 -30.22
N LEU A 196 -11.55 2.68 -31.38
CA LEU A 196 -11.73 1.93 -32.61
C LEU A 196 -10.57 0.94 -32.87
N LEU A 197 -9.39 1.27 -32.35
CA LEU A 197 -8.22 0.42 -32.49
C LEU A 197 -8.34 -0.83 -31.59
N ARG A 198 -8.59 -0.59 -30.32
CA ARG A 198 -8.81 -1.66 -29.32
C ARG A 198 -10.06 -2.52 -29.54
N GLU A 199 -11.14 -1.87 -29.95
CA GLU A 199 -12.51 -2.44 -29.85
C GLU A 199 -13.25 -2.48 -31.18
N GLY A 200 -12.50 -2.59 -32.28
CA GLY A 200 -13.16 -2.70 -33.58
C GLY A 200 -12.25 -2.38 -34.74
N MET A 201 -12.75 -1.55 -35.65
CA MET A 201 -12.06 -1.24 -36.89
C MET A 201 -12.41 0.17 -37.41
N PHE A 202 -11.46 0.72 -38.15
CA PHE A 202 -11.61 2.02 -38.80
C PHE A 202 -12.45 1.81 -40.03
N GLU A 203 -13.11 2.86 -40.47
CA GLU A 203 -13.82 2.85 -41.74
C GLU A 203 -12.84 2.77 -42.89
N ARG A 204 -11.94 3.73 -42.94
CA ARG A 204 -10.95 3.81 -44.01
C ARG A 204 -9.56 3.78 -43.43
N ILE A 205 -8.64 3.09 -44.12
CA ILE A 205 -7.21 3.04 -43.76
C ILE A 205 -6.37 3.16 -45.00
N PRO A 206 -5.06 3.40 -44.85
CA PRO A 206 -4.27 3.49 -46.09
C PRO A 206 -4.27 2.17 -46.85
N ASP A 207 -4.22 2.27 -48.17
CA ASP A 207 -4.19 1.11 -49.05
C ASP A 207 -2.79 0.53 -49.21
N ILE A 208 -1.81 1.41 -49.30
CA ILE A 208 -0.41 0.99 -49.34
C ILE A 208 0.45 1.96 -48.50
N VAL A 209 1.51 1.43 -47.91
CA VAL A 209 2.51 2.22 -47.16
C VAL A 209 3.79 2.26 -47.99
N LEU A 210 4.38 3.43 -48.13
CA LEU A 210 5.68 3.59 -48.79
C LEU A 210 6.69 4.21 -47.82
N TRP A 211 7.94 3.80 -47.95
CA TRP A 211 9.03 4.29 -47.12
C TRP A 211 10.12 4.92 -48.00
N PRO A 212 9.95 6.17 -48.44
CA PRO A 212 11.08 6.80 -49.14
C PRO A 212 12.21 7.06 -48.16
N THR A 213 13.42 7.13 -48.70
CA THR A 213 14.65 7.28 -47.89
C THR A 213 15.37 8.60 -48.12
N CYS A 214 14.89 9.39 -49.08
CA CYS A 214 15.50 10.67 -49.41
C CYS A 214 14.51 11.61 -50.14
N HIS A 215 14.96 12.81 -50.43
CA HIS A 215 14.15 13.76 -51.21
C HIS A 215 13.71 13.24 -52.60
N ASP A 216 14.66 12.67 -53.37
CA ASP A 216 14.36 12.25 -54.75
C ASP A 216 13.31 11.13 -54.79
N ASP A 217 13.40 10.20 -53.85
CA ASP A 217 12.37 9.19 -53.64
C ASP A 217 10.99 9.81 -53.50
N VAL A 218 10.89 10.89 -52.73
CA VAL A 218 9.61 11.59 -52.51
C VAL A 218 9.11 12.24 -53.80
N VAL A 219 10.02 12.80 -54.58
CA VAL A 219 9.67 13.39 -55.89
C VAL A 219 9.04 12.31 -56.79
N LYS A 220 9.69 11.15 -56.87
CA LYS A 220 9.18 9.98 -57.59
C LYS A 220 7.76 9.57 -57.18
N ILE A 221 7.52 9.49 -55.89
CA ILE A 221 6.22 9.10 -55.36
C ILE A 221 5.12 10.09 -55.74
N VAL A 222 5.43 11.37 -55.64
CA VAL A 222 4.45 12.43 -55.93
C VAL A 222 4.18 12.46 -57.44
N ASN A 223 5.22 12.29 -58.25
CA ASN A 223 5.06 12.13 -59.72
C ASN A 223 4.19 10.90 -60.07
N LEU A 224 4.43 9.81 -59.36
CA LEU A 224 3.57 8.64 -59.49
C LEU A 224 2.11 8.87 -59.09
N ALA A 225 1.90 9.66 -58.04
CA ALA A 225 0.53 9.98 -57.61
C ALA A 225 -0.25 10.84 -58.61
N CYS A 226 0.45 11.71 -59.34
CA CYS A 226 -0.16 12.49 -60.42
C CYS A 226 -0.66 11.58 -61.56
N LYS A 227 0.24 10.69 -61.96
CA LYS A 227 0.01 9.81 -63.11
C LYS A 227 -1.12 8.81 -62.88
N TYR A 228 -1.11 8.12 -61.75
CA TYR A 228 -2.12 7.10 -61.44
C TYR A 228 -3.25 7.57 -60.50
N ASN A 229 -3.39 8.89 -60.35
CA ASN A 229 -4.49 9.49 -59.57
C ASN A 229 -4.56 8.96 -58.13
N LEU A 230 -3.45 9.08 -57.42
CA LEU A 230 -3.33 8.58 -56.05
C LEU A 230 -3.53 9.71 -55.04
N CYS A 231 -3.80 9.31 -53.80
CA CYS A 231 -3.96 10.21 -52.67
C CYS A 231 -2.89 9.92 -51.59
N ILE A 232 -2.26 10.97 -51.07
CA ILE A 232 -1.12 10.82 -50.15
C ILE A 232 -1.38 11.48 -48.79
N ILE A 233 -1.17 10.69 -47.74
CA ILE A 233 -1.22 11.18 -46.37
C ILE A 233 0.14 10.90 -45.70
N PRO A 234 0.97 11.98 -45.58
CA PRO A 234 2.27 11.82 -44.95
C PRO A 234 2.13 11.42 -43.49
N ILE A 235 3.04 10.59 -43.01
CA ILE A 235 3.14 10.27 -41.58
C ILE A 235 4.62 10.27 -41.12
N GLY A 236 4.83 10.83 -39.93
CA GLY A 236 6.11 10.70 -39.22
C GLY A 236 5.91 9.79 -38.02
N GLY A 237 5.89 10.40 -36.84
CA GLY A 237 5.64 9.65 -35.60
C GLY A 237 4.23 9.12 -35.42
N GLY A 238 3.28 9.62 -36.20
CA GLY A 238 1.89 9.28 -35.95
C GLY A 238 1.38 9.71 -34.59
N THR A 239 1.78 10.88 -34.14
CA THR A 239 1.37 11.40 -32.82
C THR A 239 0.25 12.45 -32.86
N SER A 240 -0.24 12.76 -34.04
CA SER A 240 -1.30 13.74 -34.18
C SER A 240 -2.39 13.52 -33.14
N VAL A 241 -2.73 14.60 -32.46
CA VAL A 241 -3.94 14.64 -31.63
C VAL A 241 -5.00 15.57 -32.25
N SER A 242 -5.15 15.51 -33.56
CA SER A 242 -6.15 16.34 -34.23
C SER A 242 -6.93 15.63 -35.34
N TYR A 243 -6.94 14.30 -35.35
CA TYR A 243 -7.40 13.51 -36.50
C TYR A 243 -6.68 13.92 -37.80
N GLY A 244 -5.40 14.29 -37.66
CA GLY A 244 -4.57 14.73 -38.78
C GLY A 244 -4.22 13.65 -39.77
N LEU A 245 -4.19 12.41 -39.29
CA LEU A 245 -3.81 11.25 -40.09
C LEU A 245 -4.99 10.39 -40.57
N MET A 246 -6.14 10.54 -39.90
CA MET A 246 -7.37 9.80 -40.27
C MET A 246 -7.66 9.91 -41.77
N CYS A 247 -8.00 8.78 -42.39
CA CYS A 247 -8.32 8.76 -43.82
C CYS A 247 -9.78 9.07 -44.00
N PRO A 248 -10.13 10.05 -44.86
CA PRO A 248 -11.55 10.29 -45.12
C PRO A 248 -12.27 9.02 -45.60
N ALA A 249 -13.43 8.74 -45.02
CA ALA A 249 -14.15 7.48 -45.30
C ALA A 249 -14.66 7.41 -46.72
N ASP A 250 -15.02 8.56 -47.30
CA ASP A 250 -15.55 8.61 -48.68
C ASP A 250 -14.49 8.80 -49.77
N GLU A 251 -13.23 8.54 -49.43
CA GLU A 251 -12.11 8.72 -50.37
C GLU A 251 -11.94 7.47 -51.23
N THR A 252 -12.33 7.58 -52.50
CA THR A 252 -12.37 6.43 -53.42
C THR A 252 -11.01 6.08 -54.01
N ARG A 253 -10.09 7.05 -54.06
CA ARG A 253 -8.74 6.79 -54.59
C ARG A 253 -7.90 5.93 -53.68
N THR A 254 -6.88 5.32 -54.26
CA THR A 254 -5.86 4.58 -53.50
C THR A 254 -5.13 5.58 -52.59
N ILE A 255 -5.16 5.31 -51.28
CA ILE A 255 -4.43 6.13 -50.30
C ILE A 255 -3.04 5.52 -50.04
N ILE A 256 -2.01 6.29 -50.37
CA ILE A 256 -0.61 6.04 -49.94
C ILE A 256 -0.35 6.63 -48.55
N SER A 257 0.09 5.80 -47.60
CA SER A 257 0.70 6.34 -46.35
C SER A 257 2.18 6.56 -46.62
N LEU A 258 2.56 7.81 -46.87
CA LEU A 258 3.94 8.18 -47.15
C LEU A 258 4.69 8.34 -45.81
N ASP A 259 5.38 7.29 -45.41
CA ASP A 259 6.01 7.20 -44.10
C ASP A 259 7.40 7.79 -44.25
N THR A 260 7.70 8.80 -43.43
CA THR A 260 9.01 9.49 -43.46
C THR A 260 10.10 8.90 -42.55
N SER A 261 9.78 7.91 -41.74
CA SER A 261 10.67 7.41 -40.71
C SER A 261 12.08 6.98 -41.14
N GLN A 262 12.20 6.55 -42.39
CA GLN A 262 13.48 6.07 -42.95
C GLN A 262 14.25 7.14 -43.69
N MET A 263 13.69 8.35 -43.74
CA MET A 263 14.26 9.50 -44.43
C MET A 263 14.67 10.44 -43.32
N ASN A 264 15.79 10.07 -42.68
CA ASN A 264 16.07 10.47 -41.29
C ASN A 264 17.51 10.81 -40.96
N ARG A 265 18.35 11.07 -41.94
CA ARG A 265 19.74 11.33 -41.61
C ARG A 265 19.99 12.85 -41.45
N ILE A 266 20.89 13.19 -40.51
CA ILE A 266 21.44 14.53 -40.40
C ILE A 266 22.37 14.71 -41.58
N LEU A 267 22.08 15.65 -42.48
CA LEU A 267 22.89 15.82 -43.70
C LEU A 267 24.19 16.59 -43.47
N TRP A 268 24.13 17.69 -42.73
CA TRP A 268 25.37 18.39 -42.28
C TRP A 268 25.11 19.16 -41.00
N VAL A 269 26.18 19.39 -40.26
CA VAL A 269 26.19 20.27 -39.10
C VAL A 269 27.13 21.44 -39.40
N ASP A 270 26.56 22.64 -39.46
CA ASP A 270 27.31 23.86 -39.80
C ASP A 270 27.73 24.59 -38.52
N GLU A 271 28.95 24.32 -38.08
CA GLU A 271 29.43 24.84 -36.79
C GLU A 271 29.66 26.33 -36.83
N ASN A 272 29.84 26.88 -38.02
CA ASN A 272 30.01 28.34 -38.18
C ASN A 272 28.71 29.09 -37.99
N ASN A 273 27.66 28.64 -38.68
CA ASN A 273 26.34 29.28 -38.58
C ASN A 273 25.42 28.74 -37.43
N LEU A 274 25.92 27.77 -36.67
CA LEU A 274 25.11 27.00 -35.71
C LEU A 274 23.74 26.60 -36.27
N THR A 275 23.79 25.85 -37.35
CA THR A 275 22.63 25.25 -37.95
C THR A 275 22.92 23.77 -38.29
N ALA A 276 21.87 22.98 -38.39
CA ALA A 276 21.97 21.60 -38.77
C ALA A 276 20.92 21.35 -39.84
N HIS A 277 21.36 20.71 -40.93
CA HIS A 277 20.50 20.43 -42.06
C HIS A 277 20.14 18.99 -42.00
N VAL A 278 18.84 18.73 -41.86
CA VAL A 278 18.35 17.37 -41.53
C VAL A 278 17.19 16.95 -42.41
N GLU A 279 17.06 15.63 -42.59
CA GLU A 279 15.90 15.05 -43.29
C GLU A 279 14.72 15.07 -42.34
N ALA A 280 13.53 15.26 -42.93
CA ALA A 280 12.33 15.56 -42.15
C ALA A 280 11.82 14.43 -41.25
N GLY A 281 12.20 13.19 -41.54
CA GLY A 281 11.73 12.03 -40.80
C GLY A 281 12.38 11.69 -39.48
N ILE A 282 13.49 12.36 -39.16
CA ILE A 282 14.24 12.11 -37.93
C ILE A 282 13.39 12.48 -36.72
N THR A 283 13.40 11.61 -35.72
CA THR A 283 12.76 11.91 -34.46
C THR A 283 13.56 12.93 -33.61
N GLY A 284 12.86 13.60 -32.71
CA GLY A 284 13.47 14.52 -31.77
C GLY A 284 14.54 13.85 -30.97
N GLN A 285 14.21 12.69 -30.42
CA GLN A 285 15.12 11.95 -29.55
C GLN A 285 16.39 11.55 -30.28
N GLU A 286 16.22 11.11 -31.54
CA GLU A 286 17.35 10.72 -32.38
C GLU A 286 18.17 11.92 -32.79
N LEU A 287 17.49 13.00 -33.15
CA LEU A 287 18.15 14.27 -33.50
C LEU A 287 19.00 14.79 -32.32
N GLU A 288 18.43 14.83 -31.11
CA GLU A 288 19.18 15.31 -29.93
C GLU A 288 20.35 14.38 -29.58
N ARG A 289 20.17 13.09 -29.79
CA ARG A 289 21.21 12.12 -29.43
C ARG A 289 22.40 12.30 -30.35
N GLN A 290 22.17 12.29 -31.66
CA GLN A 290 23.24 12.49 -32.66
C GLN A 290 23.98 13.80 -32.54
N LEU A 291 23.25 14.88 -32.30
CA LEU A 291 23.85 16.21 -32.11
C LEU A 291 24.67 16.32 -30.84
N LYS A 292 24.23 15.63 -29.78
CA LYS A 292 24.93 15.68 -28.50
C LYS A 292 26.32 15.08 -28.63
N GLU A 293 26.47 14.06 -29.47
CA GLU A 293 27.81 13.48 -29.76
C GLU A 293 28.85 14.47 -30.31
N SER A 294 28.39 15.54 -30.95
CA SER A 294 29.23 16.66 -31.38
C SER A 294 29.19 17.88 -30.46
N GLY A 295 28.61 17.77 -29.28
CA GLY A 295 28.49 18.90 -28.35
C GLY A 295 27.37 19.88 -28.58
N TYR A 296 26.37 19.51 -29.39
CA TYR A 296 25.26 20.40 -29.72
C TYR A 296 23.87 19.82 -29.36
N CYS A 297 22.86 20.67 -29.42
CA CYS A 297 21.46 20.27 -29.32
C CYS A 297 20.59 21.25 -30.11
N THR A 298 19.29 20.99 -30.20
CA THR A 298 18.32 22.03 -30.65
C THR A 298 17.56 22.67 -29.49
N GLY A 299 17.37 21.85 -28.46
CA GLY A 299 16.50 22.20 -27.32
C GLY A 299 15.00 22.13 -27.60
N HIS A 300 14.61 21.59 -28.75
CA HIS A 300 13.20 21.49 -29.08
C HIS A 300 12.69 20.21 -28.49
N GLU A 301 11.87 20.34 -27.44
CA GLU A 301 11.47 19.18 -26.64
C GLU A 301 9.97 19.12 -26.35
N PRO A 302 9.16 18.72 -27.38
CA PRO A 302 7.78 18.38 -27.13
C PRO A 302 7.68 17.10 -26.32
N ASP A 303 6.55 16.90 -25.67
CA ASP A 303 6.27 15.64 -24.93
C ASP A 303 6.31 14.39 -25.83
N SER A 304 6.03 14.57 -27.12
CA SER A 304 6.10 13.46 -28.10
C SER A 304 7.46 13.22 -28.75
N LEU A 305 8.52 13.85 -28.23
CA LEU A 305 9.84 13.84 -28.87
C LEU A 305 10.43 12.46 -29.19
N GLU A 306 10.03 11.43 -28.44
CA GLU A 306 10.46 10.07 -28.72
C GLU A 306 10.06 9.59 -30.11
N PHE A 307 8.93 10.09 -30.61
CA PHE A 307 8.43 9.65 -31.92
C PHE A 307 8.15 10.75 -32.94
N SER A 308 7.84 11.96 -32.49
CA SER A 308 7.46 13.06 -33.39
C SER A 308 8.66 13.55 -34.20
N THR A 309 8.43 13.95 -35.45
CA THR A 309 9.51 14.23 -36.40
C THR A 309 9.66 15.70 -36.70
N VAL A 310 10.79 16.06 -37.31
CA VAL A 310 11.04 17.44 -37.73
C VAL A 310 9.96 17.93 -38.69
N GLY A 311 9.68 17.11 -39.70
CA GLY A 311 8.60 17.39 -40.66
C GLY A 311 7.23 17.53 -40.01
N GLY A 312 7.00 16.72 -38.98
CA GLY A 312 5.78 16.84 -38.15
C GLY A 312 5.69 18.22 -37.49
N TRP A 313 6.77 18.60 -36.82
CA TRP A 313 6.77 19.83 -36.04
C TRP A 313 6.49 21.02 -36.90
N ILE A 314 7.00 21.01 -38.13
CA ILE A 314 6.78 22.10 -39.07
C ILE A 314 5.36 22.05 -39.56
N SER A 315 4.87 20.84 -39.82
CA SER A 315 3.48 20.66 -40.28
C SER A 315 2.44 21.14 -39.28
N THR A 316 2.68 20.96 -37.99
CA THR A 316 1.68 21.25 -36.94
C THR A 316 1.97 22.50 -36.11
N ARG A 317 3.01 23.24 -36.46
CA ARG A 317 3.52 24.36 -35.62
C ARG A 317 3.78 23.92 -34.16
N ALA A 318 4.51 22.82 -34.01
CA ALA A 318 4.80 22.25 -32.70
C ALA A 318 5.52 23.22 -31.75
N SER A 319 5.18 23.12 -30.46
CA SER A 319 5.83 23.90 -29.42
C SER A 319 6.54 22.94 -28.48
N GLY A 320 7.68 23.39 -27.95
CA GLY A 320 8.55 22.59 -27.09
C GLY A 320 8.64 23.15 -25.68
N MET A 321 8.93 22.26 -24.75
CA MET A 321 9.01 22.61 -23.33
C MET A 321 9.94 23.80 -23.05
N LYS A 322 11.09 23.84 -23.72
CA LYS A 322 12.13 24.87 -23.45
C LYS A 322 12.17 26.01 -24.48
N LYS A 323 11.04 26.22 -25.16
CA LYS A 323 10.79 27.39 -26.00
C LYS A 323 11.38 28.72 -25.50
N ASN A 324 11.26 28.98 -24.20
CA ASN A 324 11.81 30.21 -23.57
C ASN A 324 13.26 30.51 -23.95
N ILE A 325 14.07 29.46 -24.09
CA ILE A 325 15.44 29.61 -24.59
C ILE A 325 15.58 29.37 -26.08
N TYR A 326 15.04 28.26 -26.55
CA TYR A 326 15.38 27.75 -27.88
C TYR A 326 14.45 28.22 -28.97
N GLY A 327 13.29 28.69 -28.58
CA GLY A 327 12.23 29.08 -29.49
C GLY A 327 11.27 27.94 -29.75
N ASN A 328 10.10 28.29 -30.27
CA ASN A 328 9.19 27.28 -30.86
C ASN A 328 9.72 26.93 -32.25
N ILE A 329 9.05 26.02 -32.94
CA ILE A 329 9.49 25.61 -34.29
C ILE A 329 9.63 26.78 -35.29
N GLU A 330 8.73 27.76 -35.27
CA GLU A 330 8.79 28.90 -36.24
C GLU A 330 10.06 29.71 -36.09
N ASP A 331 10.58 29.74 -34.87
CA ASP A 331 11.84 30.41 -34.51
C ASP A 331 13.05 29.58 -34.95
N LEU A 332 12.97 28.29 -34.72
CA LEU A 332 14.06 27.36 -34.98
C LEU A 332 14.37 27.10 -36.46
N VAL A 333 13.38 27.20 -37.35
CA VAL A 333 13.56 26.79 -38.76
C VAL A 333 14.08 27.94 -39.62
N VAL A 334 15.27 27.76 -40.16
CA VAL A 334 15.94 28.73 -41.01
C VAL A 334 15.62 28.51 -42.45
N HIS A 335 15.41 27.25 -42.84
CA HIS A 335 15.23 26.85 -44.24
C HIS A 335 14.50 25.53 -44.33
N MET A 336 13.77 25.33 -45.43
CA MET A 336 13.12 24.05 -45.72
C MET A 336 13.01 23.77 -47.22
N LYS A 337 12.80 22.50 -47.51
CA LYS A 337 12.61 21.97 -48.86
C LYS A 337 11.33 21.18 -48.84
N VAL A 338 10.40 21.51 -49.73
CA VAL A 338 9.06 20.92 -49.74
C VAL A 338 8.72 20.43 -51.15
N VAL A 339 8.30 19.16 -51.25
CA VAL A 339 7.84 18.55 -52.51
C VAL A 339 6.34 18.64 -52.59
N THR A 340 5.86 19.31 -53.64
CA THR A 340 4.41 19.43 -53.93
C THR A 340 4.11 19.03 -55.38
N PRO A 341 2.85 18.69 -55.68
CA PRO A 341 2.48 18.35 -57.06
C PRO A 341 2.90 19.39 -58.09
N ARG A 342 2.72 20.66 -57.78
CA ARG A 342 3.15 21.76 -58.66
C ARG A 342 4.69 21.84 -58.85
N GLY A 343 5.43 21.30 -57.90
CA GLY A 343 6.90 21.35 -57.90
C GLY A 343 7.49 21.55 -56.52
N VAL A 344 8.79 21.81 -56.51
CA VAL A 344 9.58 21.90 -55.28
C VAL A 344 9.71 23.32 -54.80
N ILE A 345 9.32 23.59 -53.54
CA ILE A 345 9.56 24.91 -52.90
C ILE A 345 10.77 24.89 -51.99
N GLU A 346 11.54 25.96 -52.07
CA GLU A 346 12.86 26.08 -51.47
C GLU A 346 13.44 27.45 -51.73
N LYS A 347 13.83 28.16 -50.68
CA LYS A 347 14.46 29.45 -50.86
C LYS A 347 15.90 29.25 -51.31
N SER A 348 16.40 30.16 -52.13
CA SER A 348 17.73 30.01 -52.72
C SER A 348 18.84 30.42 -51.81
N CYS A 349 18.53 31.00 -50.65
CA CYS A 349 19.57 31.37 -49.69
C CYS A 349 19.20 31.12 -48.23
N GLN A 350 20.24 31.02 -47.41
CA GLN A 350 20.18 30.60 -46.01
C GLN A 350 20.35 31.77 -44.99
N GLY A 351 20.00 32.97 -45.43
CA GLY A 351 20.15 34.18 -44.61
C GLY A 351 19.24 34.10 -43.39
N PRO A 352 19.64 34.72 -42.27
CA PRO A 352 18.88 34.67 -41.00
C PRO A 352 17.50 35.35 -40.98
N ARG A 353 17.36 36.44 -41.74
CA ARG A 353 16.14 37.24 -41.74
C ARG A 353 16.03 37.98 -43.07
N MET A 354 14.84 37.89 -43.69
CA MET A 354 14.60 38.42 -45.03
C MET A 354 13.40 39.33 -45.12
N SER A 355 13.44 40.23 -46.10
CA SER A 355 12.28 40.99 -46.60
C SER A 355 12.16 40.75 -48.12
N THR A 356 11.59 39.61 -48.49
CA THR A 356 11.35 39.27 -49.90
C THR A 356 9.89 38.87 -50.10
N GLY A 357 9.00 39.76 -49.67
CA GLY A 357 7.55 39.51 -49.70
C GLY A 357 7.07 38.65 -48.54
N PRO A 358 5.81 38.20 -48.60
CA PRO A 358 5.30 37.31 -47.59
C PRO A 358 6.19 36.09 -47.46
N ASP A 359 6.45 35.70 -46.22
CA ASP A 359 7.39 34.63 -45.93
C ASP A 359 6.77 33.25 -46.24
N ILE A 360 7.17 32.66 -47.35
CA ILE A 360 6.57 31.39 -47.80
C ILE A 360 6.84 30.20 -46.89
N HIS A 361 7.76 30.33 -45.94
CA HIS A 361 7.88 29.31 -44.88
C HIS A 361 6.58 29.22 -44.05
N HIS A 362 5.98 30.37 -43.76
CA HIS A 362 4.73 30.40 -43.01
C HIS A 362 3.49 29.94 -43.82
N PHE A 363 3.62 29.80 -45.13
CA PHE A 363 2.61 29.13 -45.96
C PHE A 363 2.63 27.61 -45.77
N ILE A 364 3.80 27.06 -45.48
CA ILE A 364 3.96 25.62 -45.23
C ILE A 364 3.84 25.26 -43.77
N MET A 365 4.38 26.11 -42.91
CA MET A 365 4.42 25.87 -41.48
C MET A 365 3.01 25.97 -40.92
N GLY A 366 2.48 24.83 -40.50
CA GLY A 366 1.05 24.69 -40.15
C GLY A 366 0.16 24.11 -41.23
N SER A 367 0.73 23.60 -42.33
CA SER A 367 -0.05 23.08 -43.45
C SER A 367 -0.67 21.68 -43.23
N GLU A 368 -0.31 21.06 -42.12
CA GLU A 368 -0.92 19.79 -41.65
C GLU A 368 -1.08 18.72 -42.74
N GLY A 369 -0.06 18.61 -43.59
CA GLY A 369 0.00 17.57 -44.63
C GLY A 369 -0.92 17.73 -45.84
N THR A 370 -1.36 18.96 -46.07
CA THR A 370 -2.35 19.26 -47.12
C THR A 370 -1.79 19.90 -48.40
N LEU A 371 -0.52 20.30 -48.38
CA LEU A 371 0.12 20.97 -49.52
C LEU A 371 1.24 20.14 -50.15
N GLY A 372 1.87 19.28 -49.36
CA GLY A 372 3.01 18.53 -49.87
C GLY A 372 3.75 17.75 -48.83
N VAL A 373 4.97 17.34 -49.18
CA VAL A 373 5.89 16.65 -48.26
C VAL A 373 7.11 17.52 -47.94
N ILE A 374 7.23 17.86 -46.68
CA ILE A 374 8.44 18.50 -46.17
C ILE A 374 9.52 17.41 -46.07
N THR A 375 10.57 17.51 -46.88
CA THR A 375 11.61 16.48 -46.99
C THR A 375 12.89 16.82 -46.23
N GLU A 376 13.23 18.10 -46.19
CA GLU A 376 14.48 18.56 -45.55
C GLU A 376 14.26 19.90 -44.87
N ALA A 377 15.00 20.13 -43.79
CA ALA A 377 14.91 21.38 -43.06
C ALA A 377 16.21 21.72 -42.36
N THR A 378 16.48 23.03 -42.26
CA THR A 378 17.68 23.52 -41.59
C THR A 378 17.26 24.15 -40.26
N ILE A 379 17.78 23.58 -39.18
CA ILE A 379 17.35 23.96 -37.84
C ILE A 379 18.52 24.53 -37.02
N LYS A 380 18.20 25.54 -36.21
CA LYS A 380 19.15 26.15 -35.33
C LYS A 380 19.61 25.16 -34.27
N ILE A 381 20.93 25.18 -34.01
CA ILE A 381 21.51 24.40 -32.92
C ILE A 381 22.23 25.32 -31.96
N ARG A 382 22.51 24.78 -30.79
CA ARG A 382 23.15 25.49 -29.69
C ARG A 382 24.16 24.56 -29.02
N PRO A 383 25.23 25.12 -28.44
CA PRO A 383 26.10 24.28 -27.61
C PRO A 383 25.25 23.54 -26.57
N THR A 384 25.59 22.28 -26.29
CA THR A 384 24.94 21.54 -25.20
C THR A 384 25.04 22.39 -23.94
N PRO A 385 23.91 22.64 -23.26
CA PRO A 385 23.90 23.55 -22.13
C PRO A 385 24.85 23.08 -21.07
N GLU A 386 25.65 24.00 -20.55
CA GLU A 386 26.70 23.70 -19.57
C GLU A 386 26.10 22.99 -18.34
N TYR A 387 24.97 23.48 -17.83
CA TYR A 387 24.41 23.12 -16.50
C TYR A 387 22.88 23.21 -16.48
N GLN A 388 22.25 22.31 -15.72
CA GLN A 388 20.81 22.39 -15.43
C GLN A 388 20.53 22.37 -13.93
N LYS A 389 19.46 23.04 -13.56
CA LYS A 389 18.99 23.06 -12.18
C LYS A 389 17.45 23.17 -12.13
N TYR A 390 16.84 22.39 -11.25
CA TYR A 390 15.40 22.38 -11.11
C TYR A 390 14.98 23.18 -9.89
N GLY A 391 13.71 23.48 -9.80
CA GLY A 391 13.20 24.28 -8.70
C GLY A 391 11.70 24.23 -8.61
N SER A 392 11.16 24.76 -7.53
CA SER A 392 9.74 24.89 -7.38
C SER A 392 9.36 25.98 -6.42
N VAL A 393 8.12 26.41 -6.53
CA VAL A 393 7.58 27.50 -5.70
C VAL A 393 6.12 27.18 -5.44
N ALA A 394 5.68 27.41 -4.21
CA ALA A 394 4.30 27.19 -3.83
C ALA A 394 3.60 28.51 -3.59
N PHE A 395 2.31 28.55 -3.90
CA PHE A 395 1.51 29.76 -3.76
C PHE A 395 0.19 29.50 -3.01
N PRO A 396 -0.32 30.52 -2.29
CA PRO A 396 -1.58 30.31 -1.58
C PRO A 396 -2.69 29.83 -2.47
N ASN A 397 -2.69 30.28 -3.72
CA ASN A 397 -3.72 29.86 -4.67
C ASN A 397 -3.25 29.95 -6.12
N PHE A 398 -4.07 29.42 -7.02
CA PHE A 398 -3.81 29.50 -8.45
C PHE A 398 -3.67 30.95 -8.93
N GLU A 399 -4.58 31.81 -8.47
CA GLU A 399 -4.68 33.23 -8.90
C GLU A 399 -3.35 33.96 -8.69
N GLN A 400 -2.76 33.78 -7.51
CA GLN A 400 -1.48 34.43 -7.16
C GLN A 400 -0.29 33.88 -7.95
N GLY A 401 -0.34 32.59 -8.27
CA GLY A 401 0.64 31.95 -9.16
C GLY A 401 0.61 32.54 -10.56
N VAL A 402 -0.59 32.73 -11.09
CA VAL A 402 -0.76 33.33 -12.42
C VAL A 402 -0.21 34.76 -12.43
N ALA A 403 -0.52 35.50 -11.38
CA ALA A 403 -0.02 36.88 -11.21
C ALA A 403 1.52 36.93 -11.16
N CYS A 404 2.12 35.93 -10.51
CA CYS A 404 3.61 35.80 -10.46
C CYS A 404 4.21 35.44 -11.85
N LEU A 405 3.61 34.50 -12.54
CA LEU A 405 4.05 34.11 -13.93
C LEU A 405 3.93 35.28 -14.89
N ARG A 406 2.85 36.02 -14.75
CA ARG A 406 2.67 37.29 -15.49
C ARG A 406 3.84 38.24 -15.26
N GLU A 407 4.24 38.40 -14.01
CA GLU A 407 5.29 39.36 -13.61
C GLU A 407 6.67 38.92 -14.09
N ILE A 408 6.90 37.62 -14.07
CA ILE A 408 8.11 37.05 -14.62
C ILE A 408 8.15 37.33 -16.14
N ALA A 409 7.02 37.14 -16.82
CA ALA A 409 6.92 37.46 -18.26
C ALA A 409 7.19 38.94 -18.54
N LYS A 410 6.60 39.82 -17.71
CA LYS A 410 6.75 41.27 -17.79
C LYS A 410 8.21 41.72 -17.65
N GLN A 411 8.91 41.10 -16.71
CA GLN A 411 10.35 41.35 -16.55
C GLN A 411 11.23 40.54 -17.51
N ARG A 412 10.62 39.73 -18.38
CA ARG A 412 11.36 38.91 -19.35
C ARG A 412 12.53 38.15 -18.71
N CYS A 413 12.24 37.46 -17.62
CA CYS A 413 13.20 36.65 -16.89
C CYS A 413 12.68 35.24 -16.59
N ALA A 414 11.84 34.72 -17.47
CA ALA A 414 11.37 33.36 -17.35
C ALA A 414 12.55 32.45 -17.53
N PRO A 415 12.63 31.39 -16.72
CA PRO A 415 13.62 30.34 -17.00
C PRO A 415 13.27 29.47 -18.20
N ALA A 416 14.14 28.50 -18.50
CA ALA A 416 13.94 27.55 -19.62
C ALA A 416 12.49 27.02 -19.67
N SER A 417 12.06 26.50 -18.53
CA SER A 417 10.69 26.11 -18.34
C SER A 417 10.19 26.66 -17.01
N ILE A 418 8.98 27.21 -17.05
CA ILE A 418 8.21 27.57 -15.86
C ILE A 418 6.77 27.12 -16.09
N ARG A 419 6.22 26.40 -15.14
CA ARG A 419 4.89 25.86 -15.25
C ARG A 419 4.18 25.93 -13.92
N LEU A 420 2.91 26.30 -13.93
CA LEU A 420 2.10 26.45 -12.72
C LEU A 420 0.99 25.43 -12.71
N MET A 421 1.01 24.52 -11.74
CA MET A 421 -0.02 23.50 -11.56
C MET A 421 -1.09 24.01 -10.63
N ASP A 422 -2.37 23.72 -10.92
CA ASP A 422 -3.46 23.92 -9.93
C ASP A 422 -3.37 22.91 -8.77
N ASN A 423 -4.28 23.00 -7.81
CA ASN A 423 -4.18 22.16 -6.61
C ASN A 423 -4.41 20.66 -6.92
N GLN A 424 -5.43 20.34 -7.70
CA GLN A 424 -5.68 18.93 -8.07
C GLN A 424 -4.42 18.29 -8.68
N GLN A 425 -3.71 19.01 -9.55
CA GLN A 425 -2.46 18.48 -10.17
C GLN A 425 -1.30 18.36 -9.21
N PHE A 426 -1.21 19.26 -8.25
CA PHE A 426 -0.20 19.16 -7.17
C PHE A 426 -0.39 17.87 -6.36
N GLN A 427 -1.62 17.62 -5.95
CA GLN A 427 -1.97 16.38 -5.25
C GLN A 427 -1.64 15.16 -6.09
N PHE A 428 -1.96 15.20 -7.39
CA PHE A 428 -1.63 14.12 -8.31
C PHE A 428 -0.14 13.76 -8.25
N GLY A 429 0.69 14.78 -8.45
CA GLY A 429 2.14 14.63 -8.43
C GLY A 429 2.70 14.14 -7.10
N HIS A 430 2.04 14.54 -6.01
CA HIS A 430 2.38 14.06 -4.68
C HIS A 430 2.07 12.58 -4.51
N ALA A 431 0.97 12.13 -5.11
CA ALA A 431 0.56 10.72 -5.09
C ALA A 431 1.42 9.79 -5.98
N LEU A 432 2.43 10.32 -6.66
CA LEU A 432 3.33 9.52 -7.48
C LEU A 432 4.76 9.39 -6.97
N LYS A 433 5.06 9.95 -5.81
CA LYS A 433 6.41 9.76 -5.24
C LYS A 433 6.48 8.39 -4.55
N PRO A 434 7.68 7.78 -4.51
CA PRO A 434 7.97 6.74 -3.50
C PRO A 434 8.23 7.34 -2.11
N ASP A 459 -3.51 27.18 2.96
CA ASP A 459 -4.62 26.23 2.78
C ASP A 459 -4.26 25.14 1.75
N PRO A 460 -4.15 23.86 2.17
CA PRO A 460 -3.68 22.83 1.22
C PRO A 460 -4.70 22.29 0.19
N ASN A 461 -5.87 22.95 0.05
CA ASN A 461 -6.87 22.64 -1.01
C ASN A 461 -6.96 23.66 -2.14
N GLN A 462 -6.46 24.87 -1.92
CA GLN A 462 -6.30 25.86 -3.00
C GLN A 462 -4.84 26.11 -3.42
N LEU A 463 -3.90 25.61 -2.63
CA LEU A 463 -2.49 25.85 -2.86
C LEU A 463 -2.04 25.28 -4.22
N SER A 464 -1.30 26.09 -4.97
CA SER A 464 -0.77 25.74 -6.27
C SER A 464 0.75 25.82 -6.27
N VAL A 465 1.36 25.07 -7.17
CA VAL A 465 2.81 24.93 -7.24
C VAL A 465 3.33 25.20 -8.65
N ALA A 466 4.41 25.98 -8.72
CA ALA A 466 5.11 26.21 -9.98
C ALA A 466 6.39 25.41 -10.01
N THR A 467 6.61 24.65 -11.09
CA THR A 467 7.86 23.95 -11.30
C THR A 467 8.74 24.83 -12.20
N LEU A 468 10.06 24.74 -11.98
CA LEU A 468 11.06 25.53 -12.69
C LEU A 468 12.21 24.67 -13.24
N LEU A 469 12.71 25.03 -14.40
CA LEU A 469 13.91 24.41 -14.95
C LEU A 469 14.76 25.52 -15.52
N PHE A 470 15.94 25.69 -14.96
CA PHE A 470 16.90 26.68 -15.44
C PHE A 470 17.96 25.89 -16.19
N GLU A 471 18.34 26.34 -17.38
CA GLU A 471 19.47 25.70 -18.09
C GLU A 471 20.24 26.67 -18.97
N GLY A 472 21.58 26.53 -18.91
CA GLY A 472 22.53 27.34 -19.68
C GLY A 472 23.97 27.33 -19.18
N ASP A 473 24.64 28.47 -19.34
CA ASP A 473 25.96 28.76 -18.74
C ASP A 473 25.89 28.73 -17.24
N ARG A 474 26.93 28.16 -16.63
CA ARG A 474 26.96 27.93 -15.17
C ARG A 474 26.58 29.16 -14.35
N GLU A 475 27.15 30.29 -14.73
CA GLU A 475 27.03 31.53 -13.95
C GLU A 475 25.70 32.26 -14.09
N LYS A 476 25.23 32.37 -15.33
CA LYS A 476 23.97 33.07 -15.62
C LYS A 476 22.71 32.40 -15.07
N VAL A 477 22.76 31.08 -14.93
CA VAL A 477 21.66 30.30 -14.38
C VAL A 477 21.28 30.81 -12.98
N LEU A 478 22.28 31.12 -12.17
CA LEU A 478 22.06 31.56 -10.77
C LEU A 478 21.54 32.98 -10.63
N GLN A 479 22.06 33.89 -11.46
CA GLN A 479 21.51 35.26 -11.58
C GLN A 479 20.02 35.24 -11.84
N HIS A 480 19.63 34.43 -12.81
CA HIS A 480 18.23 34.14 -13.10
C HIS A 480 17.46 33.62 -11.88
N GLU A 481 17.99 32.56 -11.26
CA GLU A 481 17.31 31.85 -10.18
C GLU A 481 16.84 32.82 -9.10
N LYS A 482 17.74 33.70 -8.71
CA LYS A 482 17.48 34.67 -7.65
C LYS A 482 16.31 35.59 -8.00
N GLN A 483 16.37 36.13 -9.20
CA GLN A 483 15.33 37.06 -9.66
C GLN A 483 13.92 36.46 -9.67
N VAL A 484 13.83 35.19 -10.08
CA VAL A 484 12.55 34.46 -10.11
C VAL A 484 11.97 34.33 -8.69
N TYR A 485 12.78 33.88 -7.73
CA TYR A 485 12.32 33.63 -6.35
C TYR A 485 11.92 34.94 -5.67
N ASP A 486 12.70 35.98 -5.90
CA ASP A 486 12.39 37.31 -5.30
C ASP A 486 11.02 37.82 -5.82
N ILE A 487 10.82 37.74 -7.13
CA ILE A 487 9.52 38.06 -7.74
C ILE A 487 8.40 37.19 -7.15
N ALA A 488 8.65 35.89 -7.06
CA ALA A 488 7.67 34.97 -6.49
C ALA A 488 7.32 35.32 -5.04
N ALA A 489 8.34 35.68 -4.24
CA ALA A 489 8.15 36.18 -2.86
C ALA A 489 7.01 37.19 -2.73
N LYS A 490 6.99 38.17 -3.64
CA LYS A 490 5.94 39.21 -3.60
C LYS A 490 4.51 38.79 -3.91
N PHE A 491 4.31 37.56 -4.40
CA PHE A 491 2.95 36.99 -4.59
C PHE A 491 2.60 35.89 -3.58
N GLY A 492 3.40 35.81 -2.51
CA GLY A 492 3.28 34.77 -1.48
C GLY A 492 3.90 33.45 -1.89
N GLY A 493 5.00 33.52 -2.63
CA GLY A 493 5.65 32.32 -3.18
C GLY A 493 6.82 31.90 -2.32
N LEU A 494 6.79 30.65 -1.85
CA LEU A 494 7.83 30.12 -0.96
C LEU A 494 8.59 29.04 -1.68
N ALA A 495 9.90 29.15 -1.75
CA ALA A 495 10.72 28.12 -2.40
C ALA A 495 10.33 26.75 -1.82
N ALA A 496 9.93 25.82 -2.68
CA ALA A 496 9.32 24.54 -2.25
C ALA A 496 10.13 23.31 -2.66
N GLY A 497 11.41 23.51 -2.94
CA GLY A 497 12.34 22.40 -3.12
C GLY A 497 12.79 22.02 -4.53
N GLU A 498 14.04 21.59 -4.59
CA GLU A 498 14.65 21.10 -5.82
C GLU A 498 14.04 19.75 -6.27
N ASP A 499 13.56 18.96 -5.31
CA ASP A 499 13.02 17.63 -5.61
C ASP A 499 11.72 17.74 -6.38
N ASN A 500 10.77 18.50 -5.82
CA ASN A 500 9.46 18.74 -6.45
C ASN A 500 9.62 19.08 -7.93
N GLY A 501 10.51 20.02 -8.20
CA GLY A 501 10.85 20.41 -9.56
C GLY A 501 11.32 19.23 -10.40
N GLN A 502 12.34 18.53 -9.92
CA GLN A 502 12.95 17.47 -10.72
C GLN A 502 11.98 16.34 -11.03
N ARG A 503 11.29 15.81 -10.02
CA ARG A 503 10.33 14.70 -10.24
C ARG A 503 9.14 15.14 -11.15
N GLY A 504 8.77 16.42 -11.05
CA GLY A 504 7.77 17.04 -11.93
C GLY A 504 8.06 16.91 -13.43
N TYR A 505 9.29 17.19 -13.83
CA TYR A 505 9.69 17.11 -15.24
C TYR A 505 10.00 15.68 -15.76
N LEU A 506 10.49 14.79 -14.91
CA LEU A 506 10.69 13.37 -15.28
C LEU A 506 9.35 12.66 -15.54
N LEU A 507 8.35 13.11 -14.82
CA LEU A 507 6.95 12.61 -14.96
C LEU A 507 6.31 12.79 -16.34
N THR A 508 6.71 13.82 -17.09
CA THR A 508 5.99 14.23 -18.29
C THR A 508 5.99 13.21 -19.44
N TYR A 509 7.04 12.41 -19.52
CA TYR A 509 7.13 11.36 -20.57
C TYR A 509 6.45 10.05 -20.20
N VAL A 510 5.91 9.94 -18.98
CA VAL A 510 5.10 8.77 -18.58
C VAL A 510 3.59 9.05 -18.54
N ILE A 511 3.18 10.32 -18.41
CA ILE A 511 1.74 10.68 -18.39
C ILE A 511 0.97 10.01 -19.52
N ALA A 512 1.54 10.02 -20.71
CA ALA A 512 0.83 9.50 -21.91
C ALA A 512 0.44 8.01 -21.81
N TYR A 513 1.25 7.26 -21.05
CA TYR A 513 1.02 5.82 -20.78
C TYR A 513 -0.17 5.55 -19.86
N MET A 514 -0.61 6.55 -19.11
CA MET A 514 -1.76 6.39 -18.20
C MET A 514 -3.12 6.34 -18.89
N ARG A 515 -3.21 6.74 -20.15
CA ARG A 515 -4.45 6.56 -20.89
C ARG A 515 -4.83 5.09 -20.86
N ASP A 516 -3.88 4.25 -21.30
CA ASP A 516 -4.09 2.79 -21.37
C ASP A 516 -4.45 2.16 -20.01
N LEU A 517 -3.86 2.69 -18.93
CA LEU A 517 -4.18 2.25 -17.56
C LEU A 517 -5.62 2.55 -17.23
N GLY A 518 -6.00 3.79 -17.39
CA GLY A 518 -7.38 4.21 -17.18
C GLY A 518 -8.40 3.43 -18.00
N LEU A 519 -8.06 3.09 -19.25
CA LEU A 519 -8.97 2.33 -20.12
C LEU A 519 -9.32 0.93 -19.57
N GLU A 520 -8.37 0.30 -18.87
CA GLU A 520 -8.63 -1.01 -18.25
C GLU A 520 -9.73 -0.91 -17.19
N TYR A 521 -9.68 0.18 -16.44
CA TYR A 521 -10.58 0.42 -15.31
C TYR A 521 -11.68 1.44 -15.57
N TYR A 522 -12.27 1.38 -16.77
CA TYR A 522 -13.46 2.18 -17.13
C TYR A 522 -13.29 3.69 -16.92
N ILE A 523 -12.09 4.20 -17.21
CA ILE A 523 -11.79 5.66 -17.13
C ILE A 523 -11.34 6.18 -18.50
N ILE A 524 -12.00 7.23 -18.96
CA ILE A 524 -11.60 7.87 -20.23
C ILE A 524 -11.30 9.32 -20.00
N GLY A 525 -10.54 9.88 -20.93
CA GLY A 525 -10.12 11.27 -20.84
C GLY A 525 -9.07 11.65 -21.87
N GLU A 526 -8.91 12.96 -22.00
CA GLU A 526 -7.97 13.54 -22.94
C GLU A 526 -7.47 14.89 -22.41
N SER A 527 -6.26 15.25 -22.81
CA SER A 527 -5.71 16.59 -22.61
C SER A 527 -6.04 17.50 -23.78
N PHE A 528 -6.25 18.76 -23.46
CA PHE A 528 -6.54 19.77 -24.46
C PHE A 528 -5.94 21.09 -24.01
N GLU A 529 -5.80 22.02 -24.97
CA GLU A 529 -5.07 23.26 -24.71
C GLU A 529 -5.63 24.47 -25.42
N THR A 530 -5.17 25.63 -24.97
CA THR A 530 -5.43 26.90 -25.64
C THR A 530 -4.33 27.87 -25.28
N SER A 531 -4.29 28.98 -26.00
CA SER A 531 -3.53 30.15 -25.58
C SER A 531 -4.49 31.32 -25.42
N ALA A 532 -4.21 32.16 -24.43
CA ALA A 532 -5.07 33.31 -24.16
C ALA A 532 -4.28 34.47 -23.62
N PRO A 533 -4.82 35.70 -23.79
CA PRO A 533 -4.16 36.85 -23.19
C PRO A 533 -4.09 36.74 -21.67
N TRP A 534 -3.10 37.41 -21.07
CA TRP A 534 -2.93 37.41 -19.62
C TRP A 534 -4.20 37.77 -18.83
N ASP A 535 -4.93 38.78 -19.29
CA ASP A 535 -6.12 39.25 -18.55
C ASP A 535 -7.32 38.31 -18.63
N ARG A 536 -7.25 37.27 -19.48
CA ARG A 536 -8.34 36.27 -19.59
C ARG A 536 -7.98 34.91 -18.99
N VAL A 537 -6.78 34.74 -18.44
CA VAL A 537 -6.30 33.40 -17.97
C VAL A 537 -7.12 32.84 -16.80
N VAL A 538 -7.23 33.63 -15.75
CA VAL A 538 -7.83 33.17 -14.51
C VAL A 538 -9.29 32.82 -14.73
N ASP A 539 -10.02 33.71 -15.42
CA ASP A 539 -11.45 33.48 -15.72
C ASP A 539 -11.69 32.29 -16.65
N LEU A 540 -10.80 32.14 -17.64
CA LEU A 540 -10.89 31.05 -18.61
C LEU A 540 -10.75 29.68 -17.95
N CYS A 541 -9.73 29.55 -17.11
CA CYS A 541 -9.45 28.27 -16.39
C CYS A 541 -10.67 27.85 -15.56
N ARG A 542 -11.15 28.78 -14.75
CA ARG A 542 -12.28 28.54 -13.85
C ARG A 542 -13.56 28.16 -14.60
N ASN A 543 -13.88 28.91 -15.65
CA ASN A 543 -15.11 28.69 -16.42
C ASN A 543 -15.09 27.42 -17.26
N VAL A 544 -13.92 27.06 -17.80
CA VAL A 544 -13.78 25.83 -18.59
C VAL A 544 -13.94 24.60 -17.70
N LYS A 545 -13.31 24.60 -16.53
CA LYS A 545 -13.50 23.51 -15.54
C LYS A 545 -14.97 23.38 -15.12
N GLU A 546 -15.58 24.50 -14.79
CA GLU A 546 -17.02 24.53 -14.47
C GLU A 546 -17.88 23.95 -15.60
N ARG A 547 -17.58 24.38 -16.82
CA ARG A 547 -18.31 23.89 -17.99
C ARG A 547 -18.19 22.37 -18.16
N ILE A 548 -17.04 21.82 -17.83
CA ILE A 548 -16.83 20.38 -17.87
C ILE A 548 -17.68 19.64 -16.80
N ARG A 549 -17.71 20.13 -15.56
CA ARG A 549 -18.55 19.55 -14.48
C ARG A 549 -20.04 19.57 -14.82
N ARG A 550 -20.53 20.73 -15.25
CA ARG A 550 -21.93 20.90 -15.65
C ARG A 550 -22.33 19.97 -16.80
N GLU A 551 -21.57 19.99 -17.89
CA GLU A 551 -21.85 19.15 -19.06
C GLU A 551 -21.85 17.66 -18.70
N CYS A 552 -20.89 17.25 -17.88
CA CYS A 552 -20.83 15.85 -17.40
C CYS A 552 -22.07 15.47 -16.60
N LYS A 553 -22.43 16.28 -15.62
CA LYS A 553 -23.63 16.05 -14.83
C LYS A 553 -24.89 15.90 -15.73
N GLU A 554 -25.11 16.88 -16.60
CA GLU A 554 -26.24 16.89 -17.55
C GLU A 554 -26.31 15.67 -18.48
N LYS A 555 -25.16 15.10 -18.82
CA LYS A 555 -25.07 13.93 -19.73
C LYS A 555 -25.09 12.57 -19.01
N GLY A 556 -25.20 12.61 -17.70
CA GLY A 556 -25.43 11.40 -16.90
C GLY A 556 -24.21 10.74 -16.32
N VAL A 557 -23.18 11.51 -15.98
CA VAL A 557 -21.96 10.94 -15.38
C VAL A 557 -22.22 10.81 -13.88
N GLN A 558 -21.78 9.69 -13.30
CA GLN A 558 -22.01 9.38 -11.86
C GLN A 558 -21.21 10.24 -10.89
N PHE A 559 -19.89 10.24 -11.06
CA PHE A 559 -18.98 11.02 -10.20
C PHE A 559 -18.51 12.25 -10.95
N PRO A 560 -18.53 13.42 -10.29
CA PRO A 560 -18.01 14.57 -11.04
C PRO A 560 -16.62 14.27 -11.56
N PRO A 561 -16.32 14.71 -12.79
CA PRO A 561 -15.06 14.38 -13.39
C PRO A 561 -13.88 15.13 -12.82
N LEU A 562 -12.75 14.69 -13.30
CA LEU A 562 -11.51 15.34 -13.03
C LEU A 562 -11.36 16.34 -14.14
N SER A 563 -11.26 17.61 -13.78
CA SER A 563 -10.82 18.64 -14.74
C SER A 563 -9.85 19.57 -14.04
N THR A 564 -8.59 19.51 -14.47
CA THR A 564 -7.49 20.30 -13.93
C THR A 564 -6.77 21.05 -15.02
N CYS A 565 -5.98 22.05 -14.65
CA CYS A 565 -5.18 22.80 -15.62
C CYS A 565 -3.79 23.18 -15.10
N ARG A 566 -2.91 23.47 -16.04
CA ARG A 566 -1.67 24.13 -15.72
C ARG A 566 -1.24 25.06 -16.81
N VAL A 567 -0.54 26.13 -16.42
CA VAL A 567 0.01 27.10 -17.35
C VAL A 567 1.38 26.57 -17.74
N THR A 568 1.57 26.23 -19.02
CA THR A 568 2.81 25.58 -19.49
C THR A 568 3.82 26.47 -20.21
N GLN A 569 3.35 27.57 -20.78
CA GLN A 569 4.21 28.55 -21.44
C GLN A 569 3.76 29.97 -21.14
N THR A 570 4.72 30.87 -21.03
CA THR A 570 4.45 32.27 -20.91
C THR A 570 4.98 32.97 -22.14
N TYR A 571 4.29 34.02 -22.52
CA TYR A 571 4.64 34.88 -23.64
C TYR A 571 4.48 36.32 -23.15
N ASP A 572 4.99 37.28 -23.93
CA ASP A 572 4.72 38.69 -23.70
C ASP A 572 3.20 38.95 -23.61
N ALA A 573 2.48 38.53 -24.64
CA ALA A 573 1.05 38.87 -24.79
C ALA A 573 0.05 37.87 -24.15
N GLY A 574 0.53 36.82 -23.52
CA GLY A 574 -0.36 35.86 -22.88
C GLY A 574 0.32 34.57 -22.45
N ALA A 575 -0.45 33.49 -22.39
CA ALA A 575 0.02 32.19 -21.91
C ALA A 575 -0.68 31.03 -22.57
N CYS A 576 0.01 29.90 -22.55
CA CYS A 576 -0.53 28.62 -22.96
C CYS A 576 -1.11 27.93 -21.75
N ILE A 577 -2.32 27.40 -21.91
CA ILE A 577 -3.03 26.70 -20.80
C ILE A 577 -3.33 25.25 -21.21
N TYR A 578 -2.89 24.32 -20.38
CA TYR A 578 -2.98 22.90 -20.68
C TYR A 578 -3.97 22.21 -19.71
N PHE A 579 -5.05 21.66 -20.27
CA PHE A 579 -6.14 21.03 -19.48
C PHE A 579 -6.10 19.48 -19.55
N TYR A 580 -6.34 18.82 -18.42
CA TYR A 580 -6.73 17.37 -18.41
C TYR A 580 -8.20 17.31 -18.06
N PHE A 581 -8.88 16.35 -18.64
CA PHE A 581 -10.21 16.03 -18.14
C PHE A 581 -10.45 14.56 -18.32
N ALA A 582 -11.07 13.96 -17.31
CA ALA A 582 -11.39 12.52 -17.32
C ALA A 582 -12.55 12.15 -16.41
N PHE A 583 -13.20 11.05 -16.77
CA PHE A 583 -14.29 10.54 -15.96
C PHE A 583 -14.40 9.03 -15.98
N ASN A 584 -15.00 8.50 -14.91
CA ASN A 584 -15.46 7.10 -14.76
C ASN A 584 -16.71 6.99 -15.60
N TYR A 585 -16.64 6.21 -16.67
CA TYR A 585 -17.78 6.10 -17.58
C TYR A 585 -18.68 4.91 -17.32
N ARG A 586 -18.48 4.22 -16.19
CA ARG A 586 -19.31 3.05 -15.79
C ARG A 586 -20.75 3.55 -15.53
N GLY A 587 -21.70 2.93 -16.23
CA GLY A 587 -23.13 3.25 -16.10
C GLY A 587 -23.64 4.28 -17.10
N ILE A 588 -22.97 4.41 -18.24
CA ILE A 588 -23.32 5.38 -19.26
C ILE A 588 -23.56 4.67 -20.54
N SER A 589 -24.69 5.01 -21.17
CA SER A 589 -25.17 4.37 -22.41
C SER A 589 -24.12 4.41 -23.52
N ASP A 590 -23.76 5.63 -23.94
CA ASP A 590 -22.82 5.87 -25.05
C ASP A 590 -21.68 6.77 -24.55
N PRO A 591 -20.60 6.16 -23.98
CA PRO A 591 -19.55 6.95 -23.33
C PRO A 591 -18.66 7.79 -24.28
N LEU A 592 -18.45 7.33 -25.52
CA LEU A 592 -17.68 8.09 -26.51
C LEU A 592 -18.37 9.36 -27.02
N ALA A 593 -19.68 9.29 -27.16
CA ALA A 593 -20.49 10.47 -27.47
C ALA A 593 -20.42 11.50 -26.32
N VAL A 594 -20.43 11.01 -25.08
CA VAL A 594 -20.37 11.90 -23.91
C VAL A 594 -19.06 12.67 -23.86
N PHE A 595 -17.96 11.94 -24.02
CA PHE A 595 -16.63 12.53 -24.14
C PHE A 595 -16.56 13.53 -25.32
N GLU A 596 -16.94 13.06 -26.50
CA GLU A 596 -16.90 13.88 -27.72
C GLU A 596 -17.64 15.23 -27.49
N GLN A 597 -18.87 15.14 -27.02
CA GLN A 597 -19.73 16.32 -26.81
C GLN A 597 -19.21 17.28 -25.74
N THR A 598 -18.61 16.73 -24.67
CA THR A 598 -17.98 17.52 -23.60
C THR A 598 -16.69 18.23 -24.06
N GLU A 599 -15.85 17.53 -24.81
CA GLU A 599 -14.63 18.16 -25.36
C GLU A 599 -15.03 19.35 -26.23
N ALA A 600 -16.06 19.19 -27.02
CA ALA A 600 -16.55 20.25 -27.91
C ALA A 600 -17.15 21.40 -27.13
N ALA A 601 -17.78 21.10 -25.99
CA ALA A 601 -18.32 22.14 -25.07
C ALA A 601 -17.22 22.94 -24.39
N ALA A 602 -16.15 22.25 -24.00
CA ALA A 602 -14.95 22.89 -23.44
C ALA A 602 -14.31 23.85 -24.45
N ARG A 603 -14.21 23.43 -25.70
CA ARG A 603 -13.70 24.27 -26.77
C ARG A 603 -14.58 25.53 -26.94
N GLU A 604 -15.90 25.36 -26.87
CA GLU A 604 -16.83 26.49 -26.97
C GLU A 604 -16.54 27.47 -25.84
N GLU A 605 -16.39 26.92 -24.65
CA GLU A 605 -16.14 27.73 -23.45
C GLU A 605 -14.79 28.47 -23.56
N ILE A 606 -13.77 27.74 -24.02
CA ILE A 606 -12.46 28.35 -24.26
C ILE A 606 -12.60 29.59 -25.13
N LEU A 607 -13.22 29.43 -26.30
CA LEU A 607 -13.34 30.51 -27.30
C LEU A 607 -14.13 31.68 -26.77
N ALA A 608 -15.22 31.37 -26.08
CA ALA A 608 -16.05 32.39 -25.41
C ALA A 608 -15.34 33.17 -24.31
N ASN A 609 -14.29 32.59 -23.72
CA ASN A 609 -13.47 33.26 -22.72
C ASN A 609 -12.19 33.88 -23.26
N GLY A 610 -12.13 34.06 -24.57
CA GLY A 610 -11.03 34.74 -25.24
C GLY A 610 -9.81 33.90 -25.55
N GLY A 611 -9.91 32.59 -25.38
CA GLY A 611 -8.84 31.67 -25.75
C GLY A 611 -8.82 31.35 -27.25
N SER A 612 -7.68 30.81 -27.69
CA SER A 612 -7.46 30.44 -29.06
C SER A 612 -7.90 29.01 -29.37
N LEU A 613 -8.14 28.77 -30.65
CA LEU A 613 -8.60 27.48 -31.13
C LEU A 613 -7.57 26.40 -30.87
N SER A 614 -6.30 26.76 -31.00
CA SER A 614 -5.17 25.92 -30.57
C SER A 614 -3.90 26.74 -30.35
N HIS A 615 -3.13 26.37 -29.34
CA HIS A 615 -1.78 26.90 -29.12
C HIS A 615 -0.76 26.09 -29.88
N HIS A 616 -0.87 24.77 -29.79
CA HIS A 616 0.12 23.86 -30.45
C HIS A 616 -0.36 22.53 -31.05
N HIS A 617 -1.50 21.99 -30.62
CA HIS A 617 -2.01 20.75 -31.21
C HIS A 617 -2.47 20.88 -32.65
N GLY A 618 -2.87 22.11 -33.02
CA GLY A 618 -3.37 22.40 -34.36
C GLY A 618 -4.82 21.98 -34.51
N VAL A 619 -5.27 21.97 -35.77
CA VAL A 619 -6.68 21.84 -36.16
C VAL A 619 -7.03 20.45 -36.69
N GLY A 620 -6.27 20.00 -37.67
CA GLY A 620 -6.47 18.70 -38.29
C GLY A 620 -7.87 18.61 -38.86
N LYS A 621 -8.59 17.56 -38.47
CA LYS A 621 -10.05 17.48 -38.72
C LYS A 621 -10.89 17.63 -37.46
N LEU A 622 -10.27 17.68 -36.29
CA LEU A 622 -10.98 17.79 -35.04
C LEU A 622 -11.58 19.14 -34.84
N ARG A 623 -10.88 20.19 -35.28
CA ARG A 623 -11.33 21.59 -35.06
C ARG A 623 -11.67 22.41 -36.34
N LYS A 624 -11.85 21.73 -37.46
CA LYS A 624 -12.20 22.38 -38.74
C LYS A 624 -13.39 23.35 -38.65
N GLN A 625 -14.42 22.98 -37.90
CA GLN A 625 -15.65 23.78 -37.89
C GLN A 625 -15.45 25.21 -37.37
N TRP A 626 -14.50 25.38 -36.45
CA TRP A 626 -14.16 26.73 -35.90
C TRP A 626 -13.19 27.57 -36.72
N LEU A 627 -12.51 26.99 -37.70
CA LEU A 627 -11.41 27.69 -38.36
C LEU A 627 -11.82 29.01 -39.02
N LYS A 628 -12.92 29.03 -39.77
CA LYS A 628 -13.38 30.25 -40.47
C LYS A 628 -13.62 31.42 -39.53
N GLU A 629 -14.26 31.16 -38.38
CA GLU A 629 -14.38 32.18 -37.31
C GLU A 629 -13.01 32.68 -36.89
N SER A 630 -12.12 31.73 -36.57
CA SER A 630 -10.78 32.01 -36.04
C SER A 630 -9.92 32.93 -36.91
N ILE A 631 -9.89 32.66 -38.21
CA ILE A 631 -9.00 33.38 -39.13
C ILE A 631 -9.71 34.33 -40.10
N SER A 632 -11.05 34.35 -40.05
CA SER A 632 -11.94 35.15 -40.96
C SER A 632 -12.14 34.48 -42.31
N ASP A 633 -13.23 34.81 -43.02
CA ASP A 633 -13.59 34.11 -44.29
C ASP A 633 -12.60 34.38 -45.45
N VAL A 634 -12.16 35.63 -45.56
CA VAL A 634 -11.12 35.95 -46.52
C VAL A 634 -9.85 35.14 -46.24
N GLY A 635 -9.47 35.07 -44.97
CA GLY A 635 -8.27 34.33 -44.55
C GLY A 635 -8.35 32.86 -44.94
N PHE A 636 -9.47 32.24 -44.60
CA PHE A 636 -9.78 30.86 -45.01
C PHE A 636 -9.62 30.68 -46.53
N GLY A 637 -10.11 31.67 -47.28
CA GLY A 637 -10.03 31.68 -48.74
C GLY A 637 -8.62 31.81 -49.25
N MET A 638 -7.82 32.61 -48.54
CA MET A 638 -6.37 32.70 -48.83
C MET A 638 -5.69 31.34 -48.69
N LEU A 639 -6.00 30.60 -47.62
CA LEU A 639 -5.48 29.24 -47.47
C LEU A 639 -5.90 28.35 -48.62
N LYS A 640 -7.19 28.42 -48.99
CA LYS A 640 -7.76 27.57 -50.06
C LYS A 640 -7.14 27.91 -51.39
N SER A 641 -6.94 29.21 -51.65
CA SER A 641 -6.33 29.64 -52.91
C SER A 641 -4.93 29.03 -53.14
N VAL A 642 -4.16 28.90 -52.06
CA VAL A 642 -2.81 28.31 -52.05
C VAL A 642 -2.90 26.80 -52.29
N LYS A 643 -3.68 26.10 -51.45
CA LYS A 643 -3.99 24.66 -51.62
C LYS A 643 -4.28 24.36 -53.09
N ASP A 644 -5.16 25.14 -53.69
CA ASP A 644 -5.64 24.87 -55.07
C ASP A 644 -4.56 25.08 -56.16
N TYR A 645 -3.66 26.04 -55.93
CA TYR A 645 -2.52 26.24 -56.83
C TYR A 645 -1.50 25.12 -56.71
N VAL A 646 -1.19 24.77 -55.48
CA VAL A 646 -0.10 23.84 -55.18
C VAL A 646 -0.52 22.39 -55.45
N ASP A 647 -1.77 22.07 -55.13
CA ASP A 647 -2.28 20.69 -55.20
C ASP A 647 -3.70 20.74 -55.80
N PRO A 648 -3.81 21.12 -57.11
CA PRO A 648 -5.12 21.28 -57.73
C PRO A 648 -5.99 20.05 -57.74
N THR A 649 -5.44 18.86 -57.81
CA THR A 649 -6.29 17.65 -57.77
C THR A 649 -6.35 16.95 -56.42
N ASN A 650 -5.96 17.66 -55.36
CA ASN A 650 -6.15 17.18 -53.98
C ASN A 650 -5.42 15.84 -53.71
N ILE A 651 -4.23 15.66 -54.27
CA ILE A 651 -3.41 14.45 -54.00
C ILE A 651 -3.19 14.33 -52.48
N PHE A 652 -2.86 15.47 -51.87
CA PHE A 652 -2.66 15.56 -50.44
C PHE A 652 -3.99 15.83 -49.75
N GLY A 653 -4.73 14.73 -49.62
CA GLY A 653 -6.17 14.75 -49.32
C GLY A 653 -6.61 14.19 -47.99
N ASN A 654 -5.78 14.37 -46.97
CA ASN A 654 -6.21 14.15 -45.58
C ASN A 654 -7.37 15.08 -45.16
N ARG A 655 -7.59 16.14 -45.92
CA ARG A 655 -8.72 17.06 -45.69
C ARG A 655 -8.66 17.76 -44.35
N ASN A 656 -7.44 17.95 -43.85
CA ASN A 656 -7.21 18.70 -42.62
C ASN A 656 -7.45 20.16 -42.96
N LEU A 657 -7.83 20.94 -41.97
CA LEU A 657 -7.95 22.40 -42.03
C LEU A 657 -9.18 22.95 -42.73
N LEU A 658 -9.21 22.78 -44.05
CA LEU A 658 -10.18 23.45 -44.91
C LEU A 658 -11.44 22.61 -45.16
N GLY B 81 -41.99 -11.84 27.33
CA GLY B 81 -41.03 -12.07 26.18
C GLY B 81 -41.60 -12.64 24.87
N ILE B 82 -42.70 -13.37 24.96
CA ILE B 82 -43.49 -13.76 23.76
C ILE B 82 -44.27 -12.54 23.25
N ILE B 83 -44.23 -12.33 21.93
CA ILE B 83 -45.02 -11.29 21.26
C ILE B 83 -46.51 -11.72 21.20
N PRO B 84 -47.45 -10.90 21.74
CA PRO B 84 -48.87 -11.30 21.66
C PRO B 84 -49.47 -11.07 20.26
N LYS B 85 -50.70 -11.52 20.05
CA LYS B 85 -51.34 -11.42 18.74
C LYS B 85 -51.76 -9.98 18.41
N LYS B 86 -52.45 -9.36 19.37
CA LYS B 86 -52.82 -7.95 19.28
C LYS B 86 -51.58 -7.13 19.74
N ARG B 87 -50.67 -6.85 18.80
CA ARG B 87 -49.33 -6.27 19.13
C ARG B 87 -49.40 -4.89 19.71
N GLN B 88 -50.26 -4.06 19.13
CA GLN B 88 -50.59 -2.70 19.61
C GLN B 88 -50.89 -2.58 21.12
N GLU B 89 -51.31 -3.66 21.75
CA GLU B 89 -51.58 -3.67 23.20
C GLU B 89 -50.32 -3.56 24.08
N LEU B 90 -49.19 -4.05 23.60
CA LEU B 90 -47.91 -3.92 24.30
C LEU B 90 -46.95 -2.91 23.61
N MET B 91 -47.04 -2.85 22.27
CA MET B 91 -46.09 -2.12 21.41
C MET B 91 -46.68 -0.95 20.67
N LYS B 92 -45.83 0.00 20.35
CA LYS B 92 -46.26 1.19 19.61
C LYS B 92 -46.68 0.88 18.16
N TRP B 93 -47.88 1.32 17.85
CA TRP B 93 -48.47 1.16 16.51
C TRP B 93 -47.78 2.07 15.46
N ASN B 94 -47.18 3.17 15.92
CA ASN B 94 -46.64 4.23 15.01
C ASN B 94 -45.16 4.51 15.17
N GLY B 95 -44.48 3.65 15.92
CA GLY B 95 -43.04 3.74 16.06
C GLY B 95 -42.40 2.50 16.68
N TRP B 96 -41.16 2.69 17.13
CA TRP B 96 -40.34 1.60 17.66
C TRP B 96 -40.67 1.33 19.10
N GLY B 97 -40.71 0.07 19.45
CA GLY B 97 -40.63 -0.35 20.84
C GLY B 97 -41.95 -0.52 21.61
N TYR B 98 -41.80 -0.56 22.94
CA TYR B 98 -42.89 -0.74 23.88
C TYR B 98 -43.61 0.59 24.12
N ASN B 99 -44.94 0.51 24.23
CA ASN B 99 -45.82 1.66 24.56
C ASN B 99 -45.43 2.39 25.81
N ASP B 100 -45.04 1.63 26.83
CA ASP B 100 -44.62 2.19 28.13
C ASP B 100 -43.28 2.96 28.11
N SER B 101 -42.56 2.95 26.98
CA SER B 101 -41.23 3.58 26.85
C SER B 101 -41.17 4.66 25.74
N LYS B 102 -41.26 5.92 26.19
CA LYS B 102 -41.29 7.14 25.32
C LYS B 102 -40.40 8.20 25.98
N PHE B 103 -39.74 9.02 25.15
CA PHE B 103 -39.01 10.20 25.69
C PHE B 103 -39.98 11.36 25.91
N PHE B 104 -39.89 12.00 27.09
CA PHE B 104 -40.69 13.19 27.41
C PHE B 104 -39.88 14.23 28.16
N LEU B 105 -40.46 15.43 28.28
CA LEU B 105 -39.92 16.52 29.14
C LEU B 105 -40.47 16.41 30.56
N ASN B 106 -39.59 16.14 31.53
CA ASN B 106 -40.02 15.93 32.92
C ASN B 106 -40.36 17.29 33.56
N LYS B 107 -40.87 17.24 34.79
CA LYS B 107 -41.31 18.48 35.51
C LYS B 107 -40.20 19.52 35.81
N LYS B 108 -38.93 19.15 35.60
CA LYS B 108 -37.78 20.11 35.56
C LYS B 108 -37.42 20.65 34.16
N GLY B 109 -38.14 20.21 33.12
CA GLY B 109 -37.81 20.55 31.70
C GLY B 109 -36.61 19.82 31.09
N GLN B 110 -36.34 18.64 31.64
CA GLN B 110 -35.25 17.79 31.21
C GLN B 110 -35.87 16.60 30.48
N LEU B 111 -35.13 16.03 29.51
CA LEU B 111 -35.59 14.83 28.81
C LEU B 111 -35.41 13.63 29.71
N GLU B 112 -36.42 12.75 29.69
CA GLU B 112 -36.48 11.55 30.52
C GLU B 112 -37.23 10.46 29.76
N LEU B 113 -36.92 9.21 30.08
CA LEU B 113 -37.60 8.05 29.49
C LEU B 113 -38.67 7.51 30.47
N THR B 114 -39.83 7.16 29.92
CA THR B 114 -40.95 6.62 30.68
C THR B 114 -40.71 5.20 31.13
N GLY B 115 -41.46 4.76 32.13
CA GLY B 115 -41.53 3.34 32.48
C GLY B 115 -40.38 2.91 33.38
N LYS B 116 -40.29 1.60 33.60
CA LYS B 116 -39.25 1.00 34.43
C LYS B 116 -38.41 -0.04 33.63
N ARG B 117 -38.43 0.05 32.30
CA ARG B 117 -38.00 -1.08 31.44
C ARG B 117 -36.50 -1.26 31.22
N TYR B 118 -35.82 -0.17 30.90
CA TYR B 118 -34.38 -0.17 30.62
C TYR B 118 -33.64 0.49 31.77
N PRO B 119 -32.31 0.29 31.87
CA PRO B 119 -31.50 0.99 32.87
C PRO B 119 -31.75 2.51 32.94
N LEU B 120 -31.87 3.18 31.80
CA LEU B 120 -32.12 4.65 31.74
C LEU B 120 -33.59 5.08 31.85
N SER B 121 -34.49 4.10 31.94
CA SER B 121 -35.89 4.38 32.23
C SER B 121 -36.00 5.03 33.63
N GLY B 122 -36.71 6.14 33.67
CA GLY B 122 -36.94 6.91 34.91
C GLY B 122 -35.75 7.68 35.44
N VAL B 123 -34.76 7.90 34.58
CA VAL B 123 -33.53 8.62 34.93
C VAL B 123 -33.52 9.87 34.06
N ALA B 124 -33.39 11.01 34.71
CA ALA B 124 -33.34 12.31 34.03
C ALA B 124 -31.96 12.57 33.41
N LEU B 125 -31.98 13.27 32.28
CA LEU B 125 -30.84 13.41 31.39
C LEU B 125 -30.61 14.92 31.15
N PRO B 126 -29.94 15.61 32.10
CA PRO B 126 -29.94 17.09 32.09
C PRO B 126 -29.30 17.77 30.87
N THR B 127 -28.28 17.13 30.30
CA THR B 127 -27.53 17.70 29.18
C THR B 127 -28.11 17.33 27.78
N PHE B 128 -29.02 16.37 27.76
CA PHE B 128 -29.53 15.84 26.48
C PHE B 128 -30.31 16.91 25.71
N LYS B 129 -31.13 17.67 26.42
CA LYS B 129 -31.91 18.74 25.79
C LYS B 129 -30.99 19.73 25.08
N ASP B 130 -30.00 20.21 25.82
CA ASP B 130 -29.01 21.18 25.32
C ASP B 130 -28.30 20.66 24.07
N TRP B 131 -27.90 19.39 24.15
CA TRP B 131 -27.22 18.72 23.04
C TRP B 131 -28.06 18.75 21.74
N ILE B 132 -29.35 18.40 21.84
CA ILE B 132 -30.25 18.41 20.63
C ILE B 132 -30.37 19.82 20.05
N GLN B 133 -30.51 20.80 20.95
CA GLN B 133 -30.60 22.21 20.55
C GLN B 133 -29.33 22.69 19.86
N ASN B 134 -28.18 22.46 20.52
CA ASN B 134 -26.85 22.82 19.97
C ASN B 134 -26.56 22.17 18.60
N THR B 135 -26.86 20.87 18.50
CA THR B 135 -26.55 20.07 17.29
C THR B 135 -27.48 20.41 16.10
N PHE B 136 -28.73 20.72 16.36
CA PHE B 136 -29.70 20.88 15.28
C PHE B 136 -30.26 22.29 15.02
N GLY B 137 -30.17 23.17 16.02
CA GLY B 137 -30.74 24.53 15.94
C GLY B 137 -32.26 24.55 16.00
N ILE B 138 -32.80 23.96 17.06
CA ILE B 138 -34.25 23.95 17.33
C ILE B 138 -34.45 24.34 18.79
N ASN B 139 -35.71 24.59 19.14
CA ASN B 139 -36.03 25.05 20.47
C ASN B 139 -36.38 23.92 21.44
N LEU B 140 -37.22 22.99 20.96
CA LEU B 140 -38.09 22.12 21.78
C LEU B 140 -39.30 22.95 22.31
N ASP B 141 -39.67 23.97 21.55
CA ASP B 141 -40.81 24.84 21.87
C ASP B 141 -42.06 24.49 21.08
N HIS B 142 -41.94 23.53 20.17
CA HIS B 142 -42.88 23.37 19.07
C HIS B 142 -42.79 21.94 18.60
N LYS B 143 -43.76 21.14 19.02
CA LYS B 143 -43.90 19.76 18.57
C LYS B 143 -44.63 19.80 17.23
N THR B 144 -44.35 18.82 16.38
CA THR B 144 -45.19 18.55 15.23
C THR B 144 -46.38 17.74 15.73
N THR B 145 -47.34 17.50 14.84
CA THR B 145 -48.55 16.80 15.23
C THR B 145 -48.86 15.67 14.23
N SER B 146 -49.02 14.45 14.75
CA SER B 146 -49.30 13.26 13.96
C SER B 146 -50.58 12.58 14.44
N LYS B 147 -51.04 11.62 13.66
CA LYS B 147 -52.22 10.81 13.98
C LYS B 147 -52.08 10.18 15.35
N ALA B 148 -53.10 10.32 16.18
CA ALA B 148 -53.08 9.78 17.55
C ALA B 148 -53.31 8.30 17.49
N SER B 149 -54.15 7.89 16.56
CA SER B 149 -54.56 6.52 16.45
C SER B 149 -54.64 6.16 15.00
N LEU B 150 -54.54 4.87 14.72
CA LEU B 150 -54.79 4.40 13.38
C LEU B 150 -56.25 4.60 12.99
N ASN B 151 -56.48 4.97 11.74
CA ASN B 151 -57.80 5.13 11.15
C ASN B 151 -58.25 3.88 10.34
N PRO B 152 -59.30 3.14 10.80
CA PRO B 152 -59.75 2.04 9.92
C PRO B 152 -60.53 2.40 8.62
N SER B 153 -60.32 3.59 8.04
CA SER B 153 -61.06 4.09 6.86
C SER B 153 -60.19 4.51 5.65
N ASP B 154 -59.02 5.14 5.90
CA ASP B 154 -57.88 5.31 4.89
C ASP B 154 -57.43 3.95 4.29
N THR B 155 -57.67 3.01 5.17
CA THR B 155 -57.39 1.60 5.20
C THR B 155 -58.13 0.98 4.05
N PRO B 156 -57.40 0.26 3.19
CA PRO B 156 -58.12 -0.49 2.18
C PRO B 156 -58.94 -1.63 2.78
N PRO B 157 -59.98 -2.09 2.05
CA PRO B 157 -60.80 -3.17 2.57
C PRO B 157 -60.12 -4.51 2.34
N SER B 158 -60.50 -5.49 3.15
CA SER B 158 -59.91 -6.82 3.09
C SER B 158 -60.58 -7.63 1.98
N ILE B 159 -59.78 -8.07 1.02
CA ILE B 159 -60.27 -8.78 -0.18
C ILE B 159 -59.91 -10.26 -0.08
N VAL B 160 -60.79 -11.09 0.49
CA VAL B 160 -60.48 -12.52 0.73
C VAL B 160 -61.59 -13.43 0.22
N ASN B 161 -61.18 -14.56 -0.38
CA ASN B 161 -62.09 -15.60 -0.86
C ASN B 161 -62.77 -16.34 0.30
N GLU B 162 -64.09 -16.53 0.18
CA GLU B 162 -64.93 -17.17 1.23
C GLU B 162 -64.75 -18.70 1.33
N ASP B 163 -64.38 -19.36 0.23
CA ASP B 163 -64.04 -20.82 0.21
C ASP B 163 -62.70 -21.18 0.91
N PHE B 164 -61.70 -20.34 0.68
CA PHE B 164 -60.40 -20.45 1.40
C PHE B 164 -60.60 -20.22 2.91
N LEU B 165 -61.37 -19.17 3.22
CA LEU B 165 -61.76 -18.81 4.60
C LEU B 165 -62.48 -19.95 5.32
N HIS B 166 -63.31 -20.66 4.56
CA HIS B 166 -64.05 -21.85 5.01
C HIS B 166 -63.06 -22.94 5.40
N GLU B 167 -62.12 -23.25 4.51
CA GLU B 167 -61.08 -24.28 4.79
C GLU B 167 -60.15 -23.91 5.95
N LEU B 168 -59.84 -22.62 6.03
CA LEU B 168 -59.01 -22.06 7.10
C LEU B 168 -59.63 -22.22 8.48
N LYS B 169 -60.96 -22.04 8.55
CA LYS B 169 -61.71 -22.28 9.81
C LYS B 169 -61.63 -23.73 10.28
N LYS B 170 -61.53 -24.67 9.33
CA LYS B 170 -61.41 -26.09 9.64
C LYS B 170 -60.07 -26.47 10.31
N THR B 171 -59.07 -25.60 10.20
CA THR B 171 -57.72 -25.89 10.74
C THR B 171 -57.48 -25.41 12.18
N ASN B 172 -58.36 -24.55 12.69
CA ASN B 172 -58.13 -23.81 13.95
C ASN B 172 -56.75 -23.15 13.99
N ILE B 173 -56.40 -22.51 12.88
CA ILE B 173 -55.28 -21.60 12.81
C ILE B 173 -55.96 -20.25 12.99
N SER B 174 -55.52 -19.54 14.01
CA SER B 174 -56.05 -18.23 14.31
C SER B 174 -55.80 -17.27 13.15
N TYR B 175 -56.70 -16.34 12.94
CA TYR B 175 -56.59 -15.38 11.83
C TYR B 175 -57.35 -14.09 12.13
N SER B 176 -57.01 -13.05 11.38
CA SER B 176 -57.57 -11.73 11.60
C SER B 176 -57.62 -10.94 10.30
N GLN B 177 -58.73 -10.24 10.07
CA GLN B 177 -58.91 -9.35 8.91
C GLN B 177 -59.02 -7.91 9.38
N GLU B 178 -58.66 -7.67 10.64
CA GLU B 178 -58.88 -6.38 11.29
C GLU B 178 -57.86 -5.36 10.81
N ALA B 179 -58.29 -4.14 10.56
CA ALA B 179 -57.42 -3.05 10.07
C ALA B 179 -56.12 -2.92 10.88
N ASP B 180 -56.27 -2.67 12.17
CA ASP B 180 -55.11 -2.39 13.02
C ASP B 180 -54.06 -3.53 13.10
N ASP B 181 -54.49 -4.79 12.92
CA ASP B 181 -53.54 -5.94 12.86
C ASP B 181 -52.80 -6.03 11.53
N ARG B 182 -53.50 -5.68 10.45
CA ARG B 182 -52.94 -5.70 9.11
C ARG B 182 -52.04 -4.51 8.88
N VAL B 183 -52.42 -3.35 9.42
CA VAL B 183 -51.56 -2.15 9.35
C VAL B 183 -50.26 -2.42 10.13
N PHE B 184 -50.35 -3.04 11.29
CA PHE B 184 -49.16 -3.35 12.08
C PHE B 184 -48.11 -4.16 11.33
N ARG B 185 -48.56 -5.08 10.49
CA ARG B 185 -47.66 -6.03 9.79
C ARG B 185 -47.32 -5.64 8.37
N ALA B 186 -47.49 -4.35 8.04
CA ALA B 186 -47.25 -3.82 6.66
C ALA B 186 -45.95 -3.01 6.49
N HIS B 187 -45.12 -3.03 7.52
CA HIS B 187 -43.96 -2.14 7.64
C HIS B 187 -42.91 -2.69 8.58
N GLY B 188 -41.70 -2.20 8.37
CA GLY B 188 -40.65 -2.27 9.37
C GLY B 188 -40.35 -0.89 9.87
N HIS B 189 -39.05 -0.58 10.02
CA HIS B 189 -38.61 0.67 10.67
C HIS B 189 -37.64 1.48 9.84
N CYS B 190 -37.90 1.55 8.54
CA CYS B 190 -37.28 2.54 7.69
C CYS B 190 -38.07 3.83 7.90
N LEU B 191 -37.41 4.98 7.71
CA LEU B 191 -38.02 6.31 7.95
C LEU B 191 -39.34 6.54 7.19
N HIS B 192 -39.32 6.34 5.88
CA HIS B 192 -40.51 6.57 5.04
C HIS B 192 -41.74 5.81 5.55
N GLU B 193 -41.56 4.55 5.90
CA GLU B 193 -42.64 3.71 6.47
C GLU B 193 -43.25 4.32 7.75
N ILE B 194 -42.37 4.84 8.60
CA ILE B 194 -42.80 5.47 9.86
C ILE B 194 -43.59 6.76 9.64
N PHE B 195 -43.23 7.54 8.62
CA PHE B 195 -44.02 8.73 8.23
C PHE B 195 -45.40 8.38 7.72
N LEU B 196 -45.48 7.46 6.77
CA LEU B 196 -46.78 7.00 6.25
C LEU B 196 -47.67 6.49 7.37
N LEU B 197 -47.05 5.92 8.39
CA LEU B 197 -47.77 5.37 9.53
C LEU B 197 -48.37 6.51 10.38
N ARG B 198 -47.52 7.45 10.75
CA ARG B 198 -47.93 8.64 11.53
C ARG B 198 -48.81 9.66 10.81
N GLU B 199 -48.61 9.80 9.51
CA GLU B 199 -49.15 10.92 8.75
C GLU B 199 -49.89 10.52 7.49
N GLY B 200 -50.47 9.34 7.46
CA GLY B 200 -51.25 8.94 6.31
C GLY B 200 -51.50 7.46 6.29
N MET B 201 -51.31 6.88 5.12
CA MET B 201 -51.64 5.48 4.91
C MET B 201 -50.74 4.85 3.84
N PHE B 202 -50.59 3.54 3.96
CA PHE B 202 -49.85 2.76 2.99
C PHE B 202 -50.71 2.53 1.78
N GLU B 203 -50.08 2.32 0.63
CA GLU B 203 -50.80 1.96 -0.61
C GLU B 203 -51.38 0.56 -0.47
N ARG B 204 -50.53 -0.39 -0.15
CA ARG B 204 -50.91 -1.79 0.00
C ARG B 204 -50.54 -2.33 1.39
N ILE B 205 -51.43 -3.13 1.96
CA ILE B 205 -51.21 -3.80 3.25
C ILE B 205 -51.70 -5.24 3.16
N PRO B 206 -51.34 -6.11 4.11
CA PRO B 206 -51.83 -7.47 4.01
C PRO B 206 -53.33 -7.53 4.14
N ASP B 207 -53.94 -8.47 3.43
CA ASP B 207 -55.41 -8.63 3.40
C ASP B 207 -55.91 -9.46 4.58
N ILE B 208 -55.12 -10.44 4.97
CA ILE B 208 -55.43 -11.25 6.15
C ILE B 208 -54.14 -11.61 6.88
N VAL B 209 -54.21 -11.71 8.20
CA VAL B 209 -53.08 -12.14 9.05
C VAL B 209 -53.38 -13.53 9.58
N LEU B 210 -52.39 -14.42 9.52
CA LEU B 210 -52.50 -15.80 10.07
C LEU B 210 -51.39 -16.04 11.06
N TRP B 211 -51.70 -16.78 12.11
CA TRP B 211 -50.77 -17.08 13.20
C TRP B 211 -50.62 -18.59 13.33
N PRO B 212 -49.78 -19.22 12.50
CA PRO B 212 -49.53 -20.62 12.74
C PRO B 212 -48.79 -20.80 14.04
N THR B 213 -48.88 -22.00 14.59
CA THR B 213 -48.27 -22.33 15.91
C THR B 213 -47.21 -23.45 15.84
N CYS B 214 -47.03 -24.02 14.66
CA CYS B 214 -46.07 -25.12 14.46
C CYS B 214 -45.76 -25.30 12.96
N HIS B 215 -44.84 -26.21 12.68
CA HIS B 215 -44.46 -26.54 11.31
C HIS B 215 -45.65 -27.00 10.43
N ASP B 216 -46.47 -27.90 10.94
CA ASP B 216 -47.57 -28.49 10.13
C ASP B 216 -48.63 -27.46 9.74
N ASP B 217 -48.89 -26.52 10.63
CA ASP B 217 -49.73 -25.36 10.34
C ASP B 217 -49.22 -24.56 9.14
N VAL B 218 -47.90 -24.36 9.10
CA VAL B 218 -47.26 -23.64 7.97
C VAL B 218 -47.40 -24.40 6.62
N VAL B 219 -47.24 -25.72 6.70
CA VAL B 219 -47.46 -26.60 5.52
C VAL B 219 -48.89 -26.42 4.96
N LYS B 220 -49.88 -26.49 5.86
CA LYS B 220 -51.28 -26.20 5.53
C LYS B 220 -51.52 -24.86 4.86
N ILE B 221 -50.91 -23.82 5.39
CA ILE B 221 -51.08 -22.46 4.83
C ILE B 221 -50.49 -22.36 3.42
N VAL B 222 -49.32 -22.95 3.23
CA VAL B 222 -48.61 -22.87 1.93
C VAL B 222 -49.36 -23.70 0.89
N ASN B 223 -49.85 -24.89 1.30
CA ASN B 223 -50.77 -25.71 0.46
C ASN B 223 -52.05 -24.94 0.06
N LEU B 224 -52.63 -24.24 1.03
CA LEU B 224 -53.78 -23.37 0.75
C LEU B 224 -53.45 -22.25 -0.22
N ALA B 225 -52.27 -21.67 -0.10
CA ALA B 225 -51.87 -20.57 -1.00
C ALA B 225 -51.67 -21.02 -2.43
N CYS B 226 -51.26 -22.28 -2.62
CA CYS B 226 -51.16 -22.90 -3.96
C CYS B 226 -52.53 -23.04 -4.59
N LYS B 227 -53.45 -23.59 -3.82
CA LYS B 227 -54.82 -23.87 -4.27
C LYS B 227 -55.61 -22.61 -4.65
N TYR B 228 -55.62 -21.61 -3.76
CA TYR B 228 -56.42 -20.39 -3.97
C TYR B 228 -55.62 -19.20 -4.49
N ASN B 229 -54.42 -19.46 -5.01
CA ASN B 229 -53.59 -18.43 -5.65
C ASN B 229 -53.33 -17.22 -4.73
N LEU B 230 -52.79 -17.51 -3.55
CA LEU B 230 -52.53 -16.49 -2.54
C LEU B 230 -51.05 -16.10 -2.53
N CYS B 231 -50.77 -14.94 -1.94
CA CYS B 231 -49.41 -14.39 -1.82
C CYS B 231 -49.06 -14.33 -0.32
N ILE B 232 -47.85 -14.73 0.03
CA ILE B 232 -47.43 -14.80 1.46
C ILE B 232 -46.21 -13.95 1.77
N ILE B 233 -46.34 -13.11 2.77
CA ILE B 233 -45.21 -12.31 3.26
C ILE B 233 -45.02 -12.62 4.72
N PRO B 234 -44.03 -13.50 5.04
CA PRO B 234 -43.73 -13.85 6.43
C PRO B 234 -43.31 -12.66 7.27
N ILE B 235 -43.73 -12.65 8.53
CA ILE B 235 -43.26 -11.64 9.48
C ILE B 235 -42.89 -12.28 10.84
N GLY B 236 -41.78 -11.82 11.41
CA GLY B 236 -41.43 -12.11 12.80
C GLY B 236 -41.59 -10.84 13.63
N GLY B 237 -40.48 -10.25 14.04
CA GLY B 237 -40.52 -9.01 14.79
C GLY B 237 -41.05 -7.77 14.06
N GLY B 238 -41.05 -7.83 12.73
CA GLY B 238 -41.28 -6.63 11.94
C GLY B 238 -40.22 -5.57 12.17
N THR B 239 -38.96 -5.98 12.27
CA THR B 239 -37.89 -5.00 12.44
C THR B 239 -37.10 -4.67 11.17
N SER B 240 -37.47 -5.26 10.04
CA SER B 240 -36.78 -4.99 8.79
C SER B 240 -36.51 -3.51 8.60
N VAL B 241 -35.25 -3.19 8.32
CA VAL B 241 -34.88 -1.86 7.83
C VAL B 241 -34.48 -1.92 6.37
N SER B 242 -35.20 -2.70 5.57
CA SER B 242 -34.91 -2.80 4.15
C SER B 242 -36.14 -2.79 3.22
N TYR B 243 -37.26 -2.28 3.72
CA TYR B 243 -38.58 -2.48 3.05
C TYR B 243 -38.85 -3.97 2.76
N GLY B 244 -38.36 -4.83 3.65
CA GLY B 244 -38.46 -6.27 3.49
C GLY B 244 -39.86 -6.81 3.64
N LEU B 245 -40.70 -6.08 4.39
CA LEU B 245 -42.10 -6.43 4.67
C LEU B 245 -43.15 -5.66 3.85
N MET B 246 -42.76 -4.53 3.28
CA MET B 246 -43.66 -3.72 2.44
C MET B 246 -44.33 -4.59 1.39
N CYS B 247 -45.64 -4.43 1.24
CA CYS B 247 -46.41 -5.13 0.23
C CYS B 247 -46.31 -4.37 -1.10
N PRO B 248 -46.00 -5.08 -2.21
CA PRO B 248 -45.99 -4.40 -3.51
C PRO B 248 -47.36 -3.82 -3.83
N ALA B 249 -47.39 -2.56 -4.28
CA ALA B 249 -48.65 -1.82 -4.53
C ALA B 249 -49.49 -2.40 -5.67
N ASP B 250 -48.83 -2.97 -6.67
CA ASP B 250 -49.53 -3.56 -7.80
C ASP B 250 -49.82 -5.07 -7.65
N GLU B 251 -49.78 -5.58 -6.43
CA GLU B 251 -50.04 -7.01 -6.17
C GLU B 251 -51.55 -7.24 -6.02
N THR B 252 -52.14 -7.87 -7.04
CA THR B 252 -53.60 -8.07 -7.12
C THR B 252 -54.11 -9.23 -6.29
N ARG B 253 -53.26 -10.22 -5.99
CA ARG B 253 -53.67 -11.37 -5.17
C ARG B 253 -53.88 -10.99 -3.70
N THR B 254 -54.63 -11.83 -3.01
CA THR B 254 -54.81 -11.74 -1.57
C THR B 254 -53.46 -11.98 -0.89
N ILE B 255 -53.01 -10.99 -0.11
CA ILE B 255 -51.76 -11.08 0.67
C ILE B 255 -52.04 -11.60 2.10
N ILE B 256 -51.49 -12.76 2.41
CA ILE B 256 -51.42 -13.30 3.78
C ILE B 256 -50.18 -12.78 4.51
N SER B 257 -50.36 -12.15 5.68
CA SER B 257 -49.22 -11.87 6.57
C SER B 257 -49.02 -13.05 7.47
N LEU B 258 -48.09 -13.91 7.11
CA LEU B 258 -47.83 -15.12 7.87
C LEU B 258 -46.97 -14.75 9.07
N ASP B 259 -47.62 -14.60 10.21
CA ASP B 259 -46.99 -14.13 11.44
C ASP B 259 -46.47 -15.34 12.20
N THR B 260 -45.16 -15.34 12.48
CA THR B 260 -44.49 -16.45 13.18
C THR B 260 -44.47 -16.37 14.70
N SER B 261 -44.95 -15.27 15.29
CA SER B 261 -44.76 -14.94 16.71
C SER B 261 -45.24 -16.01 17.71
N GLN B 262 -46.26 -16.77 17.29
CA GLN B 262 -46.88 -17.84 18.11
C GLN B 262 -46.27 -19.23 17.91
N MET B 263 -45.31 -19.32 17.01
CA MET B 263 -44.64 -20.56 16.64
C MET B 263 -43.26 -20.39 17.21
N ASN B 264 -43.18 -20.56 18.53
CA ASN B 264 -42.09 -19.94 19.30
C ASN B 264 -41.51 -20.75 20.45
N ARG B 265 -41.74 -22.06 20.47
CA ARG B 265 -41.23 -22.84 21.59
C ARG B 265 -39.81 -23.37 21.30
N ILE B 266 -39.01 -23.47 22.34
CA ILE B 266 -37.75 -24.23 22.29
C ILE B 266 -38.14 -25.71 22.28
N LEU B 267 -37.84 -26.45 21.22
CA LEU B 267 -38.28 -27.86 21.11
C LEU B 267 -37.40 -28.85 21.92
N TRP B 268 -36.09 -28.70 21.86
CA TRP B 268 -35.16 -29.45 22.75
C TRP B 268 -33.87 -28.67 23.00
N VAL B 269 -33.23 -28.97 24.12
CA VAL B 269 -31.89 -28.52 24.41
C VAL B 269 -31.00 -29.75 24.47
N ASP B 270 -30.02 -29.83 23.59
CA ASP B 270 -29.09 -30.96 23.51
C ASP B 270 -27.80 -30.61 24.23
N GLU B 271 -27.71 -31.03 25.48
CA GLU B 271 -26.58 -30.67 26.34
C GLU B 271 -25.29 -31.36 25.93
N ASN B 272 -25.42 -32.48 25.22
CA ASN B 272 -24.25 -33.22 24.69
C ASN B 272 -23.57 -32.50 23.52
N ASN B 273 -24.38 -32.09 22.56
CA ASN B 273 -23.88 -31.41 21.35
C ASN B 273 -23.86 -29.88 21.45
N LEU B 274 -24.23 -29.35 22.62
CA LEU B 274 -24.43 -27.90 22.82
C LEU B 274 -25.12 -27.24 21.63
N THR B 275 -26.34 -27.72 21.39
CA THR B 275 -27.24 -27.12 20.43
C THR B 275 -28.64 -27.05 21.03
N ALA B 276 -29.44 -26.16 20.48
CA ALA B 276 -30.83 -26.00 20.87
C ALA B 276 -31.70 -25.98 19.63
N HIS B 277 -32.72 -26.79 19.61
CA HIS B 277 -33.59 -26.86 18.45
C HIS B 277 -34.84 -26.05 18.78
N VAL B 278 -35.10 -25.02 17.98
CA VAL B 278 -36.12 -24.02 18.30
C VAL B 278 -37.00 -23.71 17.12
N GLU B 279 -38.23 -23.27 17.44
CA GLU B 279 -39.14 -22.78 16.39
C GLU B 279 -38.69 -21.36 16.00
N ALA B 280 -38.92 -21.02 14.74
CA ALA B 280 -38.35 -19.84 14.12
C ALA B 280 -38.90 -18.51 14.67
N GLY B 281 -40.10 -18.54 15.24
CA GLY B 281 -40.78 -17.35 15.74
C GLY B 281 -40.34 -16.78 17.08
N ILE B 282 -39.50 -17.51 17.79
CA ILE B 282 -39.04 -17.09 19.09
C ILE B 282 -38.17 -15.85 18.96
N THR B 283 -38.41 -14.88 19.83
CA THR B 283 -37.55 -13.69 19.89
C THR B 283 -36.22 -14.00 20.55
N GLY B 284 -35.23 -13.17 20.26
CA GLY B 284 -33.90 -13.25 20.91
C GLY B 284 -33.96 -13.17 22.42
N GLN B 285 -34.68 -12.19 22.91
CA GLN B 285 -34.83 -11.96 24.34
C GLN B 285 -35.46 -13.15 25.05
N GLU B 286 -36.50 -13.70 24.44
CA GLU B 286 -37.19 -14.87 25.00
C GLU B 286 -36.28 -16.09 24.95
N LEU B 287 -35.61 -16.30 23.80
CA LEU B 287 -34.66 -17.42 23.62
C LEU B 287 -33.56 -17.37 24.69
N GLU B 288 -32.94 -16.21 24.89
CA GLU B 288 -31.88 -16.10 25.91
C GLU B 288 -32.42 -16.26 27.32
N ARG B 289 -33.64 -15.83 27.58
CA ARG B 289 -34.23 -15.94 28.92
C ARG B 289 -34.44 -17.42 29.25
N GLN B 290 -35.17 -18.13 28.38
CA GLN B 290 -35.43 -19.56 28.56
C GLN B 290 -34.16 -20.41 28.69
N LEU B 291 -33.17 -20.15 27.86
CA LEU B 291 -31.89 -20.89 27.93
C LEU B 291 -31.09 -20.62 29.19
N LYS B 292 -31.19 -19.39 29.70
CA LYS B 292 -30.45 -18.99 30.91
C LYS B 292 -30.94 -19.79 32.13
N GLU B 293 -32.23 -20.10 32.16
CA GLU B 293 -32.80 -20.94 33.22
C GLU B 293 -32.15 -22.33 33.31
N SER B 294 -31.62 -22.84 32.20
CA SER B 294 -30.83 -24.08 32.18
C SER B 294 -29.30 -23.88 32.18
N GLY B 295 -28.84 -22.67 32.43
CA GLY B 295 -27.39 -22.37 32.42
C GLY B 295 -26.73 -22.05 31.08
N TYR B 296 -27.53 -21.87 30.03
CA TYR B 296 -27.01 -21.66 28.67
C TYR B 296 -27.41 -20.33 28.05
N CYS B 297 -26.81 -20.04 26.89
CA CYS B 297 -27.17 -18.91 26.04
C CYS B 297 -26.73 -19.19 24.61
N THR B 298 -27.14 -18.35 23.65
CA THR B 298 -26.56 -18.35 22.29
C THR B 298 -25.45 -17.33 22.13
N GLY B 299 -25.63 -16.20 22.80
CA GLY B 299 -24.79 -15.00 22.65
C GLY B 299 -25.06 -14.17 21.39
N HIS B 300 -26.15 -14.48 20.68
CA HIS B 300 -26.52 -13.72 19.51
C HIS B 300 -27.39 -12.54 19.95
N GLU B 301 -26.82 -11.33 19.88
CA GLU B 301 -27.45 -10.16 20.42
C GLU B 301 -27.45 -8.98 19.45
N PRO B 302 -28.39 -9.00 18.49
CA PRO B 302 -28.61 -7.83 17.69
C PRO B 302 -29.31 -6.75 18.51
N ASP B 303 -29.20 -5.49 18.07
CA ASP B 303 -29.90 -4.38 18.74
C ASP B 303 -31.41 -4.56 18.76
N SER B 304 -31.95 -5.32 17.82
CA SER B 304 -33.39 -5.62 17.75
C SER B 304 -33.86 -6.83 18.56
N LEU B 305 -32.99 -7.39 19.39
CA LEU B 305 -33.24 -8.71 20.04
C LEU B 305 -34.54 -8.84 20.82
N GLU B 306 -35.08 -7.73 21.30
CA GLU B 306 -36.37 -7.74 21.99
C GLU B 306 -37.52 -8.24 21.10
N PHE B 307 -37.38 -8.01 19.79
CA PHE B 307 -38.45 -8.38 18.86
C PHE B 307 -38.04 -9.32 17.72
N SER B 308 -36.80 -9.24 17.28
CA SER B 308 -36.37 -9.96 16.09
C SER B 308 -36.30 -11.43 16.42
N THR B 309 -36.62 -12.26 15.44
CA THR B 309 -36.80 -13.71 15.62
C THR B 309 -35.67 -14.51 14.97
N VAL B 310 -35.60 -15.80 15.34
CA VAL B 310 -34.62 -16.74 14.77
C VAL B 310 -34.75 -16.84 13.27
N GLY B 311 -35.98 -17.00 12.81
CA GLY B 311 -36.26 -17.05 11.38
C GLY B 311 -35.87 -15.74 10.68
N GLY B 312 -36.11 -14.61 11.36
CA GLY B 312 -35.68 -13.32 10.85
C GLY B 312 -34.18 -13.30 10.63
N TRP B 313 -33.43 -13.67 11.65
CA TRP B 313 -31.98 -13.60 11.59
C TRP B 313 -31.39 -14.41 10.41
N ILE B 314 -31.97 -15.58 10.18
CA ILE B 314 -31.55 -16.46 9.09
C ILE B 314 -31.95 -15.79 7.78
N SER B 315 -33.15 -15.26 7.72
CA SER B 315 -33.63 -14.59 6.51
C SER B 315 -32.77 -13.43 6.05
N THR B 316 -32.25 -12.66 7.00
CA THR B 316 -31.54 -11.39 6.70
C THR B 316 -30.02 -11.44 6.90
N ARG B 317 -29.51 -12.62 7.25
CA ARG B 317 -28.10 -12.80 7.64
C ARG B 317 -27.72 -11.82 8.76
N ALA B 318 -28.53 -11.84 9.81
CA ALA B 318 -28.32 -10.94 10.96
C ALA B 318 -26.94 -11.14 11.64
N SER B 319 -26.41 -10.02 12.14
CA SER B 319 -25.17 -9.99 12.90
C SER B 319 -25.46 -9.49 14.28
N GLY B 320 -24.72 -10.03 15.23
CA GLY B 320 -24.90 -9.75 16.66
C GLY B 320 -23.70 -9.05 17.26
N MET B 321 -23.95 -8.32 18.34
CA MET B 321 -22.91 -7.54 19.03
C MET B 321 -21.68 -8.37 19.45
N LYS B 322 -21.90 -9.59 19.92
CA LYS B 322 -20.83 -10.43 20.44
C LYS B 322 -20.39 -11.56 19.48
N LYS B 323 -20.64 -11.36 18.20
CA LYS B 323 -20.11 -12.19 17.12
C LYS B 323 -18.66 -12.70 17.34
N ASN B 324 -17.78 -11.84 17.84
CA ASN B 324 -16.38 -12.20 18.08
C ASN B 324 -16.19 -13.50 18.85
N ILE B 325 -17.09 -13.76 19.81
CA ILE B 325 -17.12 -15.03 20.54
C ILE B 325 -18.09 -16.05 19.92
N TYR B 326 -19.34 -15.65 19.73
CA TYR B 326 -20.44 -16.60 19.46
C TYR B 326 -20.69 -16.89 17.96
N GLY B 327 -20.16 -16.00 17.14
CA GLY B 327 -20.36 -16.02 15.70
C GLY B 327 -21.51 -15.14 15.26
N ASN B 328 -21.56 -14.91 13.94
CA ASN B 328 -22.78 -14.37 13.30
C ASN B 328 -23.75 -15.53 13.06
N ILE B 329 -24.94 -15.24 12.56
CA ILE B 329 -25.96 -16.26 12.32
C ILE B 329 -25.48 -17.44 11.44
N GLU B 330 -24.66 -17.17 10.43
CA GLU B 330 -24.14 -18.26 9.53
C GLU B 330 -23.20 -19.26 10.26
N ASP B 331 -22.54 -18.78 11.30
CA ASP B 331 -21.74 -19.58 12.18
C ASP B 331 -22.58 -20.36 13.19
N LEU B 332 -23.65 -19.74 13.68
CA LEU B 332 -24.51 -20.30 14.73
C LEU B 332 -25.47 -21.42 14.31
N VAL B 333 -25.90 -21.41 13.05
CA VAL B 333 -26.94 -22.31 12.59
C VAL B 333 -26.33 -23.62 12.11
N VAL B 334 -26.73 -24.70 12.77
CA VAL B 334 -26.29 -26.08 12.45
C VAL B 334 -27.25 -26.74 11.47
N HIS B 335 -28.53 -26.43 11.58
CA HIS B 335 -29.59 -27.09 10.84
C HIS B 335 -30.81 -26.18 10.76
N MET B 336 -31.60 -26.39 9.72
CA MET B 336 -32.87 -25.70 9.56
C MET B 336 -33.88 -26.52 8.74
N LYS B 337 -35.14 -26.15 8.91
CA LYS B 337 -36.30 -26.77 8.26
C LYS B 337 -37.07 -25.62 7.58
N VAL B 338 -37.32 -25.77 6.30
CA VAL B 338 -37.92 -24.69 5.50
C VAL B 338 -39.08 -25.22 4.64
N VAL B 339 -40.23 -24.57 4.78
CA VAL B 339 -41.41 -24.93 4.02
C VAL B 339 -41.46 -24.03 2.78
N THR B 340 -41.46 -24.67 1.61
CA THR B 340 -41.62 -23.95 0.34
C THR B 340 -42.76 -24.58 -0.46
N PRO B 341 -43.29 -23.86 -1.49
CA PRO B 341 -44.28 -24.43 -2.40
C PRO B 341 -43.89 -25.76 -3.02
N ARG B 342 -42.65 -25.87 -3.49
CA ARG B 342 -42.13 -27.12 -4.04
C ARG B 342 -42.03 -28.24 -2.99
N GLY B 343 -41.98 -27.90 -1.72
CA GLY B 343 -41.87 -28.88 -0.64
C GLY B 343 -41.00 -28.39 0.51
N VAL B 344 -40.62 -29.32 1.37
CA VAL B 344 -39.85 -29.03 2.55
C VAL B 344 -38.36 -29.28 2.28
N ILE B 345 -37.52 -28.32 2.65
CA ILE B 345 -36.04 -28.52 2.69
C ILE B 345 -35.53 -28.70 4.09
N GLU B 346 -34.62 -29.65 4.24
CA GLU B 346 -34.11 -30.11 5.52
C GLU B 346 -33.00 -31.12 5.25
N LYS B 347 -31.84 -30.94 5.85
CA LYS B 347 -30.79 -31.94 5.72
C LYS B 347 -31.10 -33.10 6.64
N SER B 348 -30.71 -34.30 6.22
CA SER B 348 -31.01 -35.53 6.97
C SER B 348 -30.09 -35.79 8.14
N CYS B 349 -29.04 -35.01 8.31
CA CYS B 349 -28.17 -35.18 9.48
C CYS B 349 -27.64 -33.86 10.08
N GLN B 350 -27.27 -33.97 11.36
CA GLN B 350 -26.92 -32.84 12.24
C GLN B 350 -25.38 -32.68 12.45
N GLY B 351 -24.61 -33.15 11.47
CA GLY B 351 -23.15 -33.16 11.56
C GLY B 351 -22.61 -31.73 11.49
N PRO B 352 -21.52 -31.43 12.23
CA PRO B 352 -20.98 -30.06 12.38
C PRO B 352 -20.46 -29.38 11.12
N ARG B 353 -19.96 -30.16 10.17
CA ARG B 353 -19.36 -29.62 8.96
C ARG B 353 -19.37 -30.68 7.87
N MET B 354 -19.84 -30.32 6.69
CA MET B 354 -20.09 -31.27 5.60
C MET B 354 -19.43 -30.85 4.30
N SER B 355 -19.18 -31.85 3.45
CA SER B 355 -18.88 -31.66 2.04
C SER B 355 -19.85 -32.48 1.20
N THR B 356 -21.07 -31.97 1.02
CA THR B 356 -22.10 -32.66 0.21
C THR B 356 -22.63 -31.73 -0.86
N GLY B 357 -21.69 -31.18 -1.61
CA GLY B 357 -22.02 -30.16 -2.63
C GLY B 357 -22.18 -28.76 -2.05
N PRO B 358 -22.70 -27.82 -2.87
CA PRO B 358 -22.99 -26.49 -2.38
C PRO B 358 -23.95 -26.54 -1.20
N ASP B 359 -23.63 -25.74 -0.17
CA ASP B 359 -24.32 -25.79 1.10
C ASP B 359 -25.67 -25.11 0.97
N ILE B 360 -26.72 -25.92 0.87
CA ILE B 360 -28.09 -25.38 0.68
C ILE B 360 -28.61 -24.53 1.86
N HIS B 361 -27.96 -24.56 3.02
CA HIS B 361 -28.27 -23.59 4.07
C HIS B 361 -27.99 -22.17 3.58
N HIS B 362 -26.92 -22.00 2.83
CA HIS B 362 -26.61 -20.67 2.27
C HIS B 362 -27.50 -20.24 1.10
N PHE B 363 -28.29 -21.15 0.56
CA PHE B 363 -29.33 -20.80 -0.42
C PHE B 363 -30.51 -20.12 0.28
N ILE B 364 -30.74 -20.50 1.53
CA ILE B 364 -31.85 -19.93 2.36
C ILE B 364 -31.44 -18.75 3.24
N MET B 365 -30.26 -18.84 3.76
CA MET B 365 -29.72 -17.82 4.64
C MET B 365 -29.46 -16.55 3.82
N GLY B 366 -30.25 -15.51 4.08
CA GLY B 366 -30.27 -14.32 3.22
C GLY B 366 -31.40 -14.26 2.20
N SER B 367 -32.33 -15.19 2.22
CA SER B 367 -33.41 -15.27 1.23
C SER B 367 -34.51 -14.23 1.43
N GLU B 368 -34.47 -13.51 2.55
CA GLU B 368 -35.37 -12.36 2.79
C GLU B 368 -36.88 -12.61 2.49
N GLY B 369 -37.32 -13.82 2.84
CA GLY B 369 -38.75 -14.21 2.72
C GLY B 369 -39.31 -14.50 1.32
N THR B 370 -38.42 -14.80 0.38
CA THR B 370 -38.76 -14.94 -1.03
C THR B 370 -38.88 -16.40 -1.49
N LEU B 371 -38.37 -17.32 -0.67
CA LEU B 371 -38.32 -18.72 -1.05
C LEU B 371 -39.28 -19.59 -0.27
N GLY B 372 -39.62 -19.16 0.93
CA GLY B 372 -40.45 -19.99 1.81
C GLY B 372 -40.51 -19.49 3.24
N VAL B 373 -40.97 -20.37 4.12
CA VAL B 373 -41.01 -20.10 5.55
C VAL B 373 -40.06 -20.99 6.34
N ILE B 374 -39.10 -20.36 6.99
CA ILE B 374 -38.19 -21.04 7.90
C ILE B 374 -39.05 -21.28 9.13
N THR B 375 -39.25 -22.56 9.49
CA THR B 375 -40.11 -22.96 10.62
C THR B 375 -39.36 -23.38 11.86
N GLU B 376 -38.23 -24.04 11.68
CA GLU B 376 -37.43 -24.58 12.78
C GLU B 376 -35.96 -24.43 12.47
N ALA B 377 -35.14 -24.31 13.51
CA ALA B 377 -33.69 -24.21 13.33
C ALA B 377 -32.95 -24.75 14.54
N THR B 378 -31.75 -25.25 14.30
CA THR B 378 -30.92 -25.79 15.40
C THR B 378 -29.74 -24.87 15.54
N ILE B 379 -29.60 -24.27 16.72
CA ILE B 379 -28.62 -23.21 16.97
C ILE B 379 -27.63 -23.60 18.06
N LYS B 380 -26.39 -23.19 17.90
CA LYS B 380 -25.36 -23.44 18.87
C LYS B 380 -25.62 -22.68 20.15
N ILE B 381 -25.39 -23.35 21.27
CA ILE B 381 -25.47 -22.73 22.60
C ILE B 381 -24.14 -22.90 23.31
N ARG B 382 -23.98 -22.13 24.37
CA ARG B 382 -22.77 -22.08 25.18
C ARG B 382 -23.15 -21.96 26.65
N PRO B 383 -22.31 -22.44 27.56
CA PRO B 383 -22.55 -22.15 28.96
C PRO B 383 -22.69 -20.66 29.20
N THR B 384 -23.61 -20.27 30.06
CA THR B 384 -23.72 -18.86 30.44
C THR B 384 -22.30 -18.39 30.81
N PRO B 385 -21.80 -17.29 30.20
CA PRO B 385 -20.47 -16.80 30.53
C PRO B 385 -20.30 -16.59 32.04
N GLU B 386 -19.18 -17.05 32.56
CA GLU B 386 -18.86 -16.92 33.97
C GLU B 386 -18.84 -15.45 34.47
N TYR B 387 -18.23 -14.57 33.69
CA TYR B 387 -17.93 -13.20 34.12
C TYR B 387 -17.92 -12.21 32.96
N GLN B 388 -18.38 -10.98 33.21
CA GLN B 388 -18.28 -9.88 32.27
C GLN B 388 -17.53 -8.70 32.87
N LYS B 389 -16.86 -7.95 32.01
CA LYS B 389 -16.19 -6.71 32.38
C LYS B 389 -16.18 -5.73 31.22
N TYR B 390 -16.44 -4.46 31.51
CA TYR B 390 -16.48 -3.42 30.50
C TYR B 390 -15.19 -2.62 30.56
N GLY B 391 -14.97 -1.83 29.53
CA GLY B 391 -13.75 -1.03 29.45
C GLY B 391 -13.89 0.04 28.39
N SER B 392 -12.91 0.92 28.34
CA SER B 392 -12.85 1.91 27.28
C SER B 392 -11.42 2.39 27.08
N VAL B 393 -11.19 3.01 25.94
CA VAL B 393 -9.88 3.52 25.59
C VAL B 393 -10.11 4.79 24.79
N ALA B 394 -9.29 5.81 25.01
CA ALA B 394 -9.39 7.05 24.24
C ALA B 394 -8.19 7.21 23.35
N PHE B 395 -8.37 7.84 22.21
CA PHE B 395 -7.32 8.01 21.21
C PHE B 395 -7.25 9.48 20.76
N PRO B 396 -6.05 9.94 20.35
CA PRO B 396 -5.96 11.31 19.85
C PRO B 396 -6.91 11.61 18.73
N ASN B 397 -7.16 10.63 17.86
CA ASN B 397 -8.05 10.81 16.71
C ASN B 397 -8.66 9.48 16.27
N PHE B 398 -9.63 9.57 15.37
CA PHE B 398 -10.29 8.42 14.76
C PHE B 398 -9.27 7.51 14.06
N GLU B 399 -8.38 8.12 13.28
CA GLU B 399 -7.39 7.39 12.45
C GLU B 399 -6.55 6.40 13.28
N GLN B 400 -6.05 6.87 14.43
CA GLN B 400 -5.25 6.04 15.34
C GLN B 400 -6.07 4.93 16.02
N GLY B 401 -7.33 5.22 16.30
CA GLY B 401 -8.26 4.21 16.81
C GLY B 401 -8.47 3.05 15.83
N VAL B 402 -8.68 3.41 14.57
CA VAL B 402 -8.86 2.41 13.51
C VAL B 402 -7.61 1.54 13.42
N ALA B 403 -6.44 2.19 13.43
CA ALA B 403 -5.15 1.50 13.35
C ALA B 403 -4.99 0.49 14.52
N CYS B 404 -5.45 0.89 15.71
CA CYS B 404 -5.45 0.02 16.87
C CYS B 404 -6.43 -1.16 16.74
N LEU B 405 -7.65 -0.89 16.28
CA LEU B 405 -8.63 -1.96 16.00
C LEU B 405 -8.14 -2.95 14.93
N ARG B 406 -7.48 -2.41 13.91
CA ARG B 406 -6.79 -3.23 12.89
C ARG B 406 -5.74 -4.15 13.51
N GLU B 407 -4.96 -3.64 14.45
CA GLU B 407 -3.88 -4.39 15.10
C GLU B 407 -4.45 -5.47 16.01
N ILE B 408 -5.55 -5.16 16.67
CA ILE B 408 -6.24 -6.12 17.52
C ILE B 408 -6.77 -7.30 16.66
N ALA B 409 -7.32 -6.96 15.50
CA ALA B 409 -7.75 -7.96 14.53
C ALA B 409 -6.63 -8.83 14.01
N LYS B 410 -5.50 -8.17 13.68
CA LYS B 410 -4.28 -8.83 13.19
C LYS B 410 -3.71 -9.87 14.16
N GLN B 411 -3.70 -9.52 15.45
CA GLN B 411 -3.32 -10.44 16.55
C GLN B 411 -4.43 -11.41 16.95
N ARG B 412 -5.63 -11.28 16.38
CA ARG B 412 -6.82 -12.10 16.73
C ARG B 412 -7.11 -12.16 18.23
N CYS B 413 -7.13 -10.99 18.87
CA CYS B 413 -7.37 -10.88 20.31
C CYS B 413 -8.46 -9.84 20.59
N ALA B 414 -9.39 -9.70 19.68
CA ALA B 414 -10.54 -8.85 19.91
C ALA B 414 -11.39 -9.41 21.05
N PRO B 415 -11.86 -8.56 21.95
CA PRO B 415 -12.79 -9.02 22.96
C PRO B 415 -14.17 -9.27 22.39
N ALA B 416 -15.10 -9.69 23.25
CA ALA B 416 -16.50 -9.98 22.87
C ALA B 416 -17.07 -8.87 21.99
N SER B 417 -16.94 -7.64 22.48
CA SER B 417 -17.30 -6.48 21.69
C SER B 417 -16.20 -5.44 21.81
N ILE B 418 -15.82 -4.85 20.67
CA ILE B 418 -14.93 -3.71 20.59
C ILE B 418 -15.50 -2.77 19.52
N ARG B 419 -15.69 -1.52 19.91
CA ARG B 419 -16.31 -0.52 19.04
C ARG B 419 -15.66 0.83 19.19
N LEU B 420 -15.42 1.50 18.06
CA LEU B 420 -14.71 2.76 18.03
C LEU B 420 -15.66 3.89 17.58
N MET B 421 -15.93 4.82 18.48
CA MET B 421 -16.78 5.98 18.20
C MET B 421 -15.93 7.13 17.70
N ASP B 422 -16.42 7.88 16.71
CA ASP B 422 -15.80 9.17 16.32
C ASP B 422 -16.09 10.22 17.38
N ASN B 423 -15.60 11.45 17.17
CA ASN B 423 -15.67 12.49 18.21
C ASN B 423 -17.08 12.98 18.48
N GLN B 424 -17.84 13.22 17.42
CA GLN B 424 -19.24 13.65 17.56
C GLN B 424 -20.06 12.62 18.39
N GLN B 425 -19.84 11.32 18.19
CA GLN B 425 -20.53 10.29 19.00
C GLN B 425 -20.06 10.24 20.45
N PHE B 426 -18.77 10.47 20.67
CA PHE B 426 -18.24 10.56 22.05
C PHE B 426 -18.90 11.67 22.88
N GLN B 427 -19.05 12.84 22.26
CA GLN B 427 -19.79 13.97 22.83
C GLN B 427 -21.27 13.66 23.10
N PHE B 428 -21.90 12.99 22.13
CA PHE B 428 -23.29 12.52 22.27
C PHE B 428 -23.45 11.69 23.54
N GLY B 429 -22.61 10.67 23.68
CA GLY B 429 -22.64 9.77 24.84
C GLY B 429 -22.35 10.45 26.16
N HIS B 430 -21.50 11.49 26.10
CA HIS B 430 -21.20 12.34 27.27
C HIS B 430 -22.42 13.18 27.69
N ALA B 431 -23.14 13.67 26.68
CA ALA B 431 -24.38 14.43 26.90
C ALA B 431 -25.57 13.60 27.44
N LEU B 432 -25.39 12.29 27.62
CA LEU B 432 -26.44 11.42 28.19
C LEU B 432 -26.19 10.84 29.59
N LYS B 433 -25.11 11.25 30.25
CA LYS B 433 -24.90 10.82 31.63
C LYS B 433 -25.74 11.71 32.58
N PRO B 434 -26.15 11.17 33.74
CA PRO B 434 -26.50 12.01 34.90
C PRO B 434 -25.25 12.52 35.64
N ASP B 459 -6.47 16.74 22.04
CA ASP B 459 -7.41 17.67 21.42
C ASP B 459 -8.84 17.12 21.52
N PRO B 460 -9.72 17.76 22.31
CA PRO B 460 -11.06 17.19 22.55
C PRO B 460 -12.13 17.36 21.42
N ASN B 461 -11.70 17.77 20.23
CA ASN B 461 -12.56 17.82 19.02
C ASN B 461 -12.27 16.77 17.97
N GLN B 462 -11.09 16.16 17.99
CA GLN B 462 -10.79 14.98 17.15
C GLN B 462 -10.71 13.66 17.93
N LEU B 463 -10.67 13.75 19.25
CA LEU B 463 -10.50 12.60 20.12
C LEU B 463 -11.64 11.59 19.97
N SER B 464 -11.26 10.32 19.81
CA SER B 464 -12.20 9.23 19.63
C SER B 464 -12.04 8.25 20.77
N VAL B 465 -13.09 7.47 21.02
CA VAL B 465 -13.16 6.53 22.13
C VAL B 465 -13.66 5.17 21.67
N ALA B 466 -12.97 4.12 22.11
CA ALA B 466 -13.37 2.73 21.87
C ALA B 466 -13.99 2.17 23.14
N THR B 467 -15.15 1.53 23.02
CA THR B 467 -15.78 0.80 24.12
C THR B 467 -15.46 -0.68 23.99
N LEU B 468 -15.29 -1.34 25.12
CA LEU B 468 -14.89 -2.74 25.16
C LEU B 468 -15.85 -3.53 26.03
N LEU B 469 -16.06 -4.79 25.67
CA LEU B 469 -16.79 -5.75 26.52
C LEU B 469 -16.09 -7.09 26.45
N PHE B 470 -15.57 -7.54 27.58
CA PHE B 470 -14.90 -8.83 27.71
C PHE B 470 -15.85 -9.77 28.43
N GLU B 471 -16.05 -10.97 27.92
CA GLU B 471 -16.87 -11.95 28.62
C GLU B 471 -16.40 -13.37 28.36
N GLY B 472 -16.37 -14.13 29.44
CA GLY B 472 -16.04 -15.54 29.40
C GLY B 472 -15.66 -16.08 30.76
N ASP B 473 -14.78 -17.08 30.74
CA ASP B 473 -14.17 -17.66 31.95
C ASP B 473 -13.42 -16.57 32.73
N ARG B 474 -13.55 -16.62 34.05
CA ARG B 474 -13.02 -15.55 34.93
C ARG B 474 -11.57 -15.18 34.64
N GLU B 475 -10.76 -16.21 34.46
CA GLU B 475 -9.31 -16.07 34.34
C GLU B 475 -8.86 -15.55 32.98
N LYS B 476 -9.38 -16.15 31.92
CA LYS B 476 -9.03 -15.78 30.54
C LYS B 476 -9.38 -14.32 30.19
N VAL B 477 -10.45 -13.80 30.80
CA VAL B 477 -10.93 -12.45 30.54
C VAL B 477 -9.82 -11.42 30.81
N LEU B 478 -9.05 -11.68 31.85
CA LEU B 478 -7.98 -10.75 32.29
C LEU B 478 -6.70 -10.80 31.46
N GLN B 479 -6.31 -12.01 31.04
CA GLN B 479 -5.25 -12.21 30.03
C GLN B 479 -5.56 -11.32 28.81
N HIS B 480 -6.79 -11.46 28.28
CA HIS B 480 -7.32 -10.67 27.17
C HIS B 480 -7.26 -9.18 27.40
N GLU B 481 -7.75 -8.78 28.57
CA GLU B 481 -7.81 -7.34 28.90
C GLU B 481 -6.47 -6.63 28.82
N LYS B 482 -5.45 -7.28 29.37
CA LYS B 482 -4.09 -6.76 29.33
C LYS B 482 -3.61 -6.56 27.88
N GLN B 483 -3.75 -7.60 27.07
CA GLN B 483 -3.25 -7.56 25.71
C GLN B 483 -3.85 -6.40 24.92
N VAL B 484 -5.14 -6.16 25.13
CA VAL B 484 -5.84 -5.11 24.39
C VAL B 484 -5.28 -3.74 24.75
N TYR B 485 -5.13 -3.48 26.05
CA TYR B 485 -4.64 -2.17 26.52
C TYR B 485 -3.19 -1.89 26.14
N ASP B 486 -2.36 -2.94 26.19
CA ASP B 486 -0.97 -2.85 25.73
C ASP B 486 -0.87 -2.46 24.25
N ILE B 487 -1.64 -3.17 23.42
CA ILE B 487 -1.76 -2.83 21.99
C ILE B 487 -2.22 -1.37 21.81
N ALA B 488 -3.28 -1.01 22.53
CA ALA B 488 -3.87 0.33 22.45
C ALA B 488 -2.88 1.43 22.82
N ALA B 489 -2.07 1.16 23.85
CA ALA B 489 -0.95 2.04 24.25
C ALA B 489 -0.12 2.51 23.07
N LYS B 490 0.28 1.57 22.20
CA LYS B 490 1.13 1.90 21.06
C LYS B 490 0.49 2.76 19.96
N PHE B 491 -0.81 3.00 20.04
CA PHE B 491 -1.51 3.96 19.12
C PHE B 491 -1.96 5.25 19.81
N GLY B 492 -1.45 5.47 21.01
CA GLY B 492 -1.79 6.63 21.83
C GLY B 492 -3.10 6.42 22.57
N GLY B 493 -3.32 5.17 22.97
CA GLY B 493 -4.57 4.77 23.64
C GLY B 493 -4.44 4.69 25.15
N LEU B 494 -5.23 5.51 25.83
CA LEU B 494 -5.18 5.63 27.30
C LEU B 494 -6.46 5.03 27.89
N ALA B 495 -6.31 4.09 28.81
CA ALA B 495 -7.46 3.45 29.48
C ALA B 495 -8.36 4.53 30.07
N ALA B 496 -9.61 4.58 29.61
CA ALA B 496 -10.50 5.72 29.85
C ALA B 496 -11.71 5.36 30.71
N GLY B 497 -11.60 4.25 31.43
CA GLY B 497 -12.57 3.92 32.46
C GLY B 497 -13.56 2.82 32.18
N GLU B 498 -13.89 2.09 33.23
CA GLU B 498 -14.92 1.04 33.23
C GLU B 498 -16.35 1.58 33.09
N ASP B 499 -16.58 2.83 33.52
CA ASP B 499 -17.90 3.45 33.44
C ASP B 499 -18.26 3.74 32.00
N ASN B 500 -17.40 4.49 31.32
CA ASN B 500 -17.62 4.87 29.90
C ASN B 500 -18.07 3.69 29.09
N GLY B 501 -17.37 2.58 29.26
CA GLY B 501 -17.70 1.31 28.64
C GLY B 501 -19.11 0.87 28.97
N GLN B 502 -19.39 0.75 30.26
CA GLN B 502 -20.66 0.17 30.72
C GLN B 502 -21.85 0.98 30.26
N ARG B 503 -21.82 2.30 30.47
CA ARG B 503 -22.94 3.17 30.04
C ARG B 503 -23.11 3.19 28.50
N GLY B 504 -21.98 3.05 27.78
CA GLY B 504 -21.97 2.88 26.32
C GLY B 504 -22.80 1.72 25.78
N TYR B 505 -22.72 0.56 26.40
CA TYR B 505 -23.48 -0.63 25.98
C TYR B 505 -24.95 -0.68 26.46
N LEU B 506 -25.24 -0.11 27.61
CA LEU B 506 -26.63 0.01 28.11
C LEU B 506 -27.47 0.98 27.26
N LEU B 507 -26.79 1.96 26.72
CA LEU B 507 -27.38 2.93 25.80
C LEU B 507 -27.98 2.34 24.51
N THR B 508 -27.45 1.24 24.00
CA THR B 508 -27.76 0.76 22.63
C THR B 508 -29.23 0.37 22.43
N TYR B 509 -29.88 -0.12 23.47
CA TYR B 509 -31.30 -0.51 23.39
C TYR B 509 -32.29 0.65 23.58
N VAL B 510 -31.79 1.86 23.84
CA VAL B 510 -32.62 3.09 23.87
C VAL B 510 -32.43 4.03 22.64
N ILE B 511 -31.33 3.90 21.90
CA ILE B 511 -31.12 4.75 20.71
C ILE B 511 -32.32 4.72 19.76
N ALA B 512 -32.92 3.56 19.55
CA ALA B 512 -33.99 3.40 18.57
C ALA B 512 -35.20 4.25 18.91
N TYR B 513 -35.40 4.48 20.21
CA TYR B 513 -36.51 5.31 20.73
C TYR B 513 -36.37 6.79 20.40
N MET B 514 -35.15 7.22 20.09
CA MET B 514 -34.90 8.62 19.78
C MET B 514 -35.39 9.09 18.45
N ARG B 515 -35.72 8.17 17.55
CA ARG B 515 -36.34 8.55 16.28
C ARG B 515 -37.60 9.33 16.60
N ASP B 516 -38.47 8.71 17.38
CA ASP B 516 -39.78 9.30 17.71
C ASP B 516 -39.61 10.67 18.36
N LEU B 517 -38.61 10.82 19.22
CA LEU B 517 -38.30 12.10 19.88
C LEU B 517 -37.97 13.19 18.87
N GLY B 518 -37.05 12.86 17.99
CA GLY B 518 -36.65 13.75 16.92
C GLY B 518 -37.78 14.10 15.99
N LEU B 519 -38.69 13.17 15.74
CA LEU B 519 -39.85 13.45 14.89
C LEU B 519 -40.81 14.51 15.44
N GLU B 520 -40.92 14.61 16.76
CA GLU B 520 -41.76 15.65 17.39
C GLU B 520 -41.18 17.02 17.06
N TYR B 521 -39.86 17.12 17.10
CA TYR B 521 -39.17 18.39 16.95
C TYR B 521 -38.50 18.60 15.58
N TYR B 522 -39.21 18.21 14.53
CA TYR B 522 -38.79 18.47 13.15
C TYR B 522 -37.38 17.96 12.79
N ILE B 523 -37.01 16.82 13.36
CA ILE B 523 -35.70 16.15 13.09
C ILE B 523 -35.92 14.74 12.48
N ILE B 524 -35.29 14.50 11.34
CA ILE B 524 -35.35 13.17 10.72
C ILE B 524 -33.97 12.63 10.45
N GLY B 525 -33.91 11.32 10.37
CA GLY B 525 -32.65 10.62 10.24
C GLY B 525 -32.79 9.12 10.37
N GLU B 526 -31.75 8.45 9.87
CA GLU B 526 -31.65 7.00 9.86
C GLU B 526 -30.21 6.54 9.99
N SER B 527 -30.03 5.37 10.58
CA SER B 527 -28.73 4.70 10.60
C SER B 527 -28.57 3.80 9.37
N PHE B 528 -27.33 3.71 8.89
CA PHE B 528 -26.98 2.88 7.74
C PHE B 528 -25.57 2.31 7.87
N GLU B 529 -25.26 1.25 7.14
CA GLU B 529 -24.03 0.49 7.39
C GLU B 529 -23.39 -0.11 6.16
N THR B 530 -22.13 -0.46 6.32
CA THR B 530 -21.37 -1.14 5.28
C THR B 530 -20.29 -1.95 5.92
N SER B 531 -19.72 -2.87 5.16
CA SER B 531 -18.47 -3.47 5.51
C SER B 531 -17.44 -3.17 4.42
N ALA B 532 -16.18 -2.96 4.84
CA ALA B 532 -15.10 -2.63 3.90
C ALA B 532 -13.80 -3.20 4.33
N PRO B 533 -12.86 -3.37 3.38
CA PRO B 533 -11.52 -3.78 3.76
C PRO B 533 -10.87 -2.78 4.66
N TRP B 534 -9.92 -3.26 5.46
CA TRP B 534 -9.13 -2.41 6.40
C TRP B 534 -8.48 -1.19 5.73
N ASP B 535 -7.90 -1.39 4.56
CA ASP B 535 -7.25 -0.28 3.85
C ASP B 535 -8.17 0.73 3.17
N ARG B 536 -9.49 0.53 3.26
CA ARG B 536 -10.48 1.52 2.78
C ARG B 536 -11.31 2.18 3.88
N VAL B 537 -11.11 1.80 5.14
CA VAL B 537 -11.96 2.25 6.25
C VAL B 537 -11.90 3.77 6.43
N VAL B 538 -10.69 4.29 6.63
CA VAL B 538 -10.47 5.68 7.00
C VAL B 538 -11.01 6.61 5.94
N ASP B 539 -10.67 6.30 4.69
CA ASP B 539 -11.09 7.14 3.54
C ASP B 539 -12.59 7.08 3.32
N LEU B 540 -13.17 5.91 3.54
CA LEU B 540 -14.62 5.70 3.37
C LEU B 540 -15.43 6.52 4.35
N CYS B 541 -15.06 6.45 5.63
CA CYS B 541 -15.77 7.19 6.68
C CYS B 541 -15.79 8.69 6.37
N ARG B 542 -14.61 9.23 6.09
CA ARG B 542 -14.43 10.67 5.82
C ARG B 542 -15.22 11.13 4.59
N ASN B 543 -15.12 10.37 3.50
CA ASN B 543 -15.79 10.72 2.25
C ASN B 543 -17.32 10.61 2.33
N VAL B 544 -17.81 9.61 3.06
CA VAL B 544 -19.24 9.42 3.20
C VAL B 544 -19.86 10.55 4.02
N LYS B 545 -19.22 10.91 5.13
CA LYS B 545 -19.68 12.07 5.91
C LYS B 545 -19.70 13.36 5.09
N GLU B 546 -18.60 13.60 4.37
CA GLU B 546 -18.50 14.77 3.47
C GLU B 546 -19.62 14.78 2.45
N ARG B 547 -19.84 13.62 1.81
CA ARG B 547 -20.92 13.45 0.81
C ARG B 547 -22.32 13.80 1.36
N ILE B 548 -22.54 13.46 2.63
CA ILE B 548 -23.78 13.81 3.30
C ILE B 548 -23.91 15.34 3.46
N ARG B 549 -22.87 16.00 3.96
CA ARG B 549 -22.87 17.48 4.13
C ARG B 549 -23.14 18.23 2.84
N ARG B 550 -22.39 17.86 1.80
CA ARG B 550 -22.54 18.44 0.46
C ARG B 550 -23.96 18.28 -0.06
N GLU B 551 -24.44 17.04 -0.08
CA GLU B 551 -25.80 16.71 -0.62
C GLU B 551 -26.90 17.44 0.12
N CYS B 552 -26.78 17.52 1.43
CA CYS B 552 -27.71 18.30 2.27
C CYS B 552 -27.72 19.80 1.87
N LYS B 553 -26.54 20.42 1.85
CA LYS B 553 -26.40 21.83 1.45
C LYS B 553 -27.03 22.10 0.08
N GLU B 554 -26.66 21.29 -0.91
CA GLU B 554 -27.21 21.37 -2.27
C GLU B 554 -28.74 21.22 -2.38
N LYS B 555 -29.34 20.45 -1.47
CA LYS B 555 -30.80 20.20 -1.46
C LYS B 555 -31.59 21.15 -0.54
N GLY B 556 -30.88 22.09 0.07
CA GLY B 556 -31.52 23.22 0.75
C GLY B 556 -31.69 23.08 2.24
N VAL B 557 -30.81 22.34 2.89
CA VAL B 557 -30.91 22.14 4.36
C VAL B 557 -30.32 23.37 5.05
N GLN B 558 -30.92 23.83 6.15
CA GLN B 558 -30.49 25.10 6.80
C GLN B 558 -29.18 25.00 7.57
N PHE B 559 -28.99 23.91 8.31
CA PHE B 559 -27.76 23.71 9.11
C PHE B 559 -27.02 22.46 8.63
N PRO B 560 -25.69 22.40 8.83
CA PRO B 560 -25.01 21.18 8.38
C PRO B 560 -25.58 19.97 9.15
N PRO B 561 -25.87 18.86 8.45
CA PRO B 561 -26.49 17.70 9.08
C PRO B 561 -25.52 16.97 9.97
N LEU B 562 -26.05 16.21 10.91
CA LEU B 562 -25.28 15.36 11.80
C LEU B 562 -24.98 14.13 10.95
N SER B 563 -23.69 13.84 10.76
CA SER B 563 -23.26 12.56 10.18
C SER B 563 -22.03 12.03 10.91
N THR B 564 -22.25 10.96 11.68
CA THR B 564 -21.23 10.33 12.50
C THR B 564 -21.11 8.87 12.11
N CYS B 565 -20.05 8.25 12.60
CA CYS B 565 -19.82 6.82 12.37
C CYS B 565 -19.14 6.16 13.54
N ARG B 566 -19.30 4.86 13.61
CA ARG B 566 -18.46 4.02 14.47
C ARG B 566 -18.19 2.69 13.85
N VAL B 567 -17.02 2.14 14.18
CA VAL B 567 -16.64 0.79 13.72
C VAL B 567 -17.20 -0.17 14.74
N THR B 568 -18.14 -1.02 14.34
CA THR B 568 -18.86 -1.93 15.27
C THR B 568 -18.39 -3.40 15.30
N GLN B 569 -17.75 -3.85 14.24
CA GLN B 569 -17.19 -5.19 14.20
C GLN B 569 -15.87 -5.17 13.47
N THR B 570 -14.97 -6.04 13.90
CA THR B 570 -13.73 -6.28 13.21
C THR B 570 -13.76 -7.71 12.67
N TYR B 571 -13.04 -7.91 11.56
CA TYR B 571 -12.86 -9.20 10.91
C TYR B 571 -11.39 -9.23 10.48
N ASP B 572 -10.93 -10.41 10.06
CA ASP B 572 -9.61 -10.58 9.46
C ASP B 572 -9.45 -9.66 8.25
N ALA B 573 -10.41 -9.72 7.34
CA ALA B 573 -10.26 -9.01 6.08
C ALA B 573 -10.81 -7.58 6.05
N GLY B 574 -11.40 -7.11 7.15
CA GLY B 574 -11.96 -5.72 7.17
C GLY B 574 -12.79 -5.42 8.39
N ALA B 575 -13.75 -4.51 8.25
CA ALA B 575 -14.59 -4.07 9.39
C ALA B 575 -15.98 -3.67 8.96
N CYS B 576 -16.89 -3.65 9.94
CA CYS B 576 -18.23 -3.14 9.77
C CYS B 576 -18.24 -1.69 10.24
N ILE B 577 -18.87 -0.83 9.46
CA ILE B 577 -18.94 0.60 9.77
C ILE B 577 -20.39 1.00 9.86
N TYR B 578 -20.74 1.66 10.97
CA TYR B 578 -22.13 2.02 11.29
C TYR B 578 -22.28 3.56 11.34
N PHE B 579 -23.10 4.10 10.45
CA PHE B 579 -23.32 5.53 10.29
C PHE B 579 -24.66 6.00 10.85
N TYR B 580 -24.67 7.14 11.53
CA TYR B 580 -25.93 7.88 11.80
C TYR B 580 -25.90 9.11 10.94
N PHE B 581 -27.06 9.50 10.43
CA PHE B 581 -27.18 10.82 9.80
C PHE B 581 -28.55 11.41 10.09
N ALA B 582 -28.58 12.69 10.44
CA ALA B 582 -29.83 13.37 10.73
C ALA B 582 -29.79 14.86 10.51
N PHE B 583 -30.96 15.42 10.19
CA PHE B 583 -31.10 16.85 9.99
C PHE B 583 -32.42 17.48 10.46
N ASN B 584 -32.34 18.76 10.80
CA ASN B 584 -33.47 19.63 11.04
C ASN B 584 -34.07 19.93 9.68
N TYR B 585 -35.29 19.45 9.45
CA TYR B 585 -35.94 19.63 8.14
C TYR B 585 -36.89 20.82 8.06
N ARG B 586 -36.89 21.68 9.08
CA ARG B 586 -37.75 22.88 9.13
C ARG B 586 -37.32 23.84 8.02
N GLY B 587 -38.27 24.19 7.15
CA GLY B 587 -38.02 25.10 6.00
C GLY B 587 -37.70 24.42 4.68
N ILE B 588 -38.08 23.16 4.55
CA ILE B 588 -37.77 22.36 3.35
C ILE B 588 -39.07 21.91 2.72
N SER B 589 -39.15 22.10 1.41
CA SER B 589 -40.36 21.81 0.63
C SER B 589 -40.82 20.35 0.80
N ASP B 590 -39.97 19.43 0.40
CA ASP B 590 -40.27 18.01 0.43
C ASP B 590 -39.18 17.26 1.24
N PRO B 591 -39.35 17.16 2.57
CA PRO B 591 -38.27 16.61 3.40
C PRO B 591 -37.98 15.10 3.25
N LEU B 592 -38.98 14.30 2.92
CA LEU B 592 -38.78 12.86 2.70
C LEU B 592 -37.98 12.53 1.45
N ALA B 593 -38.21 13.29 0.39
CA ALA B 593 -37.42 13.20 -0.85
C ALA B 593 -35.96 13.56 -0.61
N VAL B 594 -35.73 14.58 0.23
CA VAL B 594 -34.37 15.02 0.59
C VAL B 594 -33.63 13.87 1.29
N PHE B 595 -34.26 13.34 2.33
CA PHE B 595 -33.73 12.18 3.06
C PHE B 595 -33.49 10.97 2.17
N GLU B 596 -34.48 10.63 1.37
CA GLU B 596 -34.41 9.51 0.44
C GLU B 596 -33.18 9.66 -0.51
N GLN B 597 -33.08 10.82 -1.15
CA GLN B 597 -32.02 11.09 -2.12
C GLN B 597 -30.63 11.17 -1.48
N THR B 598 -30.53 11.72 -0.28
CA THR B 598 -29.28 11.74 0.49
C THR B 598 -28.79 10.34 0.93
N GLU B 599 -29.71 9.52 1.43
CA GLU B 599 -29.38 8.13 1.82
C GLU B 599 -28.82 7.37 0.59
N ALA B 600 -29.43 7.59 -0.58
CA ALA B 600 -28.99 6.95 -1.82
C ALA B 600 -27.61 7.45 -2.26
N ALA B 601 -27.35 8.72 -2.02
CA ALA B 601 -26.04 9.31 -2.33
C ALA B 601 -24.95 8.74 -1.43
N ALA B 602 -25.29 8.57 -0.16
CA ALA B 602 -24.39 7.93 0.82
C ALA B 602 -24.01 6.49 0.41
N ARG B 603 -25.00 5.74 -0.07
CA ARG B 603 -24.79 4.40 -0.58
C ARG B 603 -23.88 4.37 -1.83
N GLU B 604 -24.08 5.35 -2.72
CA GLU B 604 -23.21 5.53 -3.90
C GLU B 604 -21.80 5.77 -3.45
N GLU B 605 -21.63 6.66 -2.48
CA GLU B 605 -20.32 7.01 -1.97
C GLU B 605 -19.72 5.76 -1.35
N ILE B 606 -20.47 5.09 -0.48
CA ILE B 606 -19.96 3.86 0.16
C ILE B 606 -19.35 2.90 -0.86
N LEU B 607 -20.12 2.61 -1.91
CA LEU B 607 -19.71 1.66 -2.95
C LEU B 607 -18.46 2.11 -3.68
N ALA B 608 -18.42 3.38 -4.04
CA ALA B 608 -17.27 4.00 -4.69
C ALA B 608 -15.96 3.96 -3.84
N ASN B 609 -16.12 3.93 -2.52
CA ASN B 609 -14.99 3.86 -1.60
C ASN B 609 -14.71 2.40 -1.18
N GLY B 610 -15.21 1.44 -1.94
CA GLY B 610 -14.88 0.02 -1.72
C GLY B 610 -15.67 -0.69 -0.65
N GLY B 611 -16.71 -0.04 -0.13
CA GLY B 611 -17.59 -0.66 0.86
C GLY B 611 -18.62 -1.55 0.19
N SER B 612 -19.23 -2.41 0.99
CA SER B 612 -20.24 -3.37 0.53
C SER B 612 -21.67 -2.77 0.58
N LEU B 613 -22.54 -3.39 -0.20
CA LEU B 613 -23.95 -2.96 -0.29
C LEU B 613 -24.66 -3.07 1.06
N SER B 614 -24.33 -4.12 1.80
CA SER B 614 -24.73 -4.25 3.19
C SER B 614 -23.86 -5.27 3.95
N HIS B 615 -23.57 -4.96 5.20
CA HIS B 615 -22.91 -5.89 6.15
C HIS B 615 -23.93 -6.79 6.84
N HIS B 616 -25.03 -6.20 7.33
CA HIS B 616 -26.09 -6.93 8.05
C HIS B 616 -27.57 -6.56 7.84
N HIS B 617 -27.89 -5.34 7.43
CA HIS B 617 -29.29 -4.94 7.18
C HIS B 617 -29.96 -5.66 6.02
N GLY B 618 -29.15 -6.10 5.06
CA GLY B 618 -29.64 -6.78 3.88
C GLY B 618 -30.13 -5.80 2.82
N VAL B 619 -30.79 -6.37 1.81
CA VAL B 619 -31.19 -5.64 0.61
C VAL B 619 -32.67 -5.24 0.60
N GLY B 620 -33.54 -6.23 0.83
CA GLY B 620 -34.98 -6.06 0.83
C GLY B 620 -35.42 -5.49 -0.51
N LYS B 621 -36.17 -4.39 -0.46
CA LYS B 621 -36.48 -3.58 -1.66
C LYS B 621 -35.78 -2.24 -1.66
N LEU B 622 -35.10 -1.90 -0.57
CA LEU B 622 -34.38 -0.64 -0.50
C LEU B 622 -33.14 -0.58 -1.38
N ARG B 623 -32.43 -1.70 -1.49
CA ARG B 623 -31.16 -1.78 -2.22
C ARG B 623 -31.13 -2.70 -3.45
N LYS B 624 -32.30 -3.05 -3.98
CA LYS B 624 -32.43 -3.92 -5.16
C LYS B 624 -31.63 -3.43 -6.36
N GLN B 625 -31.62 -2.13 -6.60
CA GLN B 625 -31.00 -1.59 -7.83
C GLN B 625 -29.51 -1.89 -7.93
N TRP B 626 -28.84 -1.93 -6.78
CA TRP B 626 -27.40 -2.27 -6.73
C TRP B 626 -27.02 -3.75 -6.74
N LEU B 627 -27.98 -4.65 -6.56
CA LEU B 627 -27.62 -6.05 -6.37
C LEU B 627 -26.87 -6.69 -7.52
N LYS B 628 -27.31 -6.45 -8.76
CA LYS B 628 -26.65 -7.05 -9.95
C LYS B 628 -25.17 -6.66 -10.08
N GLU B 629 -24.84 -5.40 -9.80
CA GLU B 629 -23.44 -4.97 -9.70
C GLU B 629 -22.72 -5.73 -8.60
N SER B 630 -23.33 -5.78 -7.43
CA SER B 630 -22.71 -6.42 -6.26
C SER B 630 -22.33 -7.87 -6.40
N ILE B 631 -23.18 -8.67 -7.03
CA ILE B 631 -22.96 -10.12 -7.12
C ILE B 631 -22.75 -10.64 -8.54
N SER B 632 -22.78 -9.72 -9.51
CA SER B 632 -22.65 -10.01 -10.97
C SER B 632 -23.97 -10.50 -11.59
N ASP B 633 -24.08 -10.43 -12.92
CA ASP B 633 -25.33 -10.83 -13.61
C ASP B 633 -25.58 -12.33 -13.55
N VAL B 634 -24.56 -13.13 -13.81
CA VAL B 634 -24.72 -14.57 -13.67
C VAL B 634 -25.20 -14.92 -12.25
N GLY B 635 -24.60 -14.30 -11.25
CA GLY B 635 -24.94 -14.60 -9.84
C GLY B 635 -26.40 -14.28 -9.50
N PHE B 636 -26.84 -13.13 -10.00
CA PHE B 636 -28.24 -12.70 -9.92
C PHE B 636 -29.16 -13.71 -10.56
N GLY B 637 -28.73 -14.24 -11.70
CA GLY B 637 -29.45 -15.28 -12.41
C GLY B 637 -29.49 -16.61 -11.66
N MET B 638 -28.39 -16.94 -10.98
CA MET B 638 -28.35 -18.11 -10.08
C MET B 638 -29.42 -17.98 -9.00
N LEU B 639 -29.51 -16.80 -8.38
CA LEU B 639 -30.57 -16.57 -7.37
C LEU B 639 -31.99 -16.73 -7.93
N LYS B 640 -32.20 -16.18 -9.14
CA LYS B 640 -33.50 -16.24 -9.82
C LYS B 640 -33.83 -17.68 -10.18
N SER B 641 -32.84 -18.40 -10.67
CA SER B 641 -33.04 -19.78 -11.06
C SER B 641 -33.60 -20.62 -9.89
N VAL B 642 -33.12 -20.32 -8.68
CA VAL B 642 -33.52 -21.02 -7.46
C VAL B 642 -34.93 -20.61 -7.09
N LYS B 643 -35.15 -19.31 -6.99
CA LYS B 643 -36.47 -18.73 -6.74
C LYS B 643 -37.51 -19.40 -7.65
N ASP B 644 -37.20 -19.50 -8.95
CA ASP B 644 -38.16 -20.04 -9.92
C ASP B 644 -38.43 -21.54 -9.80
N TYR B 645 -37.46 -22.30 -9.31
CA TYR B 645 -37.67 -23.71 -9.01
C TYR B 645 -38.50 -23.91 -7.75
N VAL B 646 -38.17 -23.15 -6.73
CA VAL B 646 -38.76 -23.34 -5.41
C VAL B 646 -40.21 -22.76 -5.32
N ASP B 647 -40.41 -21.64 -5.98
CA ASP B 647 -41.65 -20.87 -5.87
C ASP B 647 -41.99 -20.34 -7.27
N PRO B 648 -42.38 -21.26 -8.18
CA PRO B 648 -42.61 -20.87 -9.58
C PRO B 648 -43.69 -19.82 -9.75
N THR B 649 -44.73 -19.85 -8.94
CA THR B 649 -45.79 -18.84 -9.14
C THR B 649 -45.71 -17.62 -8.22
N ASN B 650 -44.55 -17.47 -7.56
CA ASN B 650 -44.27 -16.27 -6.77
C ASN B 650 -45.26 -16.13 -5.58
N ILE B 651 -45.58 -17.25 -4.93
CA ILE B 651 -46.41 -17.17 -3.73
C ILE B 651 -45.75 -16.27 -2.71
N PHE B 652 -44.45 -16.47 -2.54
CA PHE B 652 -43.62 -15.64 -1.65
C PHE B 652 -43.14 -14.39 -2.41
N GLY B 653 -44.06 -13.42 -2.46
CA GLY B 653 -43.98 -12.30 -3.37
C GLY B 653 -43.81 -10.95 -2.74
N ASN B 654 -43.06 -10.88 -1.66
CA ASN B 654 -42.57 -9.58 -1.17
C ASN B 654 -41.66 -8.84 -2.18
N ARG B 655 -41.15 -9.57 -3.18
CA ARG B 655 -40.32 -9.00 -4.24
C ARG B 655 -39.03 -8.35 -3.71
N ASN B 656 -38.54 -8.91 -2.60
CA ASN B 656 -37.25 -8.51 -2.08
C ASN B 656 -36.19 -9.13 -2.97
N LEU B 657 -35.04 -8.45 -3.03
CA LEU B 657 -33.82 -8.92 -3.73
C LEU B 657 -33.84 -8.76 -5.24
N LEU B 658 -34.64 -9.59 -5.91
CA LEU B 658 -34.56 -9.79 -7.37
C LEU B 658 -35.44 -8.87 -8.21
N GLY C 81 51.86 8.77 11.36
CA GLY C 81 51.30 10.16 11.32
C GLY C 81 50.48 10.57 10.10
N ILE C 82 50.70 9.90 8.96
CA ILE C 82 49.83 10.00 7.78
C ILE C 82 48.53 9.20 8.04
N ILE C 83 47.40 9.83 7.71
CA ILE C 83 46.10 9.17 7.78
C ILE C 83 46.00 8.20 6.60
N PRO C 84 45.71 6.89 6.84
CA PRO C 84 45.51 5.95 5.71
C PRO C 84 44.15 6.06 5.03
N LYS C 85 44.01 5.39 3.90
CA LYS C 85 42.79 5.50 3.09
C LYS C 85 41.57 4.85 3.75
N LYS C 86 41.78 3.61 4.20
CA LYS C 86 40.80 2.88 4.98
C LYS C 86 40.98 3.34 6.41
N ARG C 87 40.29 4.41 6.79
CA ARG C 87 40.52 5.09 8.12
C ARG C 87 40.16 4.24 9.32
N GLN C 88 39.01 3.59 9.21
CA GLN C 88 38.50 2.61 10.20
C GLN C 88 39.54 1.56 10.69
N GLU C 89 40.56 1.28 9.90
CA GLU C 89 41.65 0.36 10.28
C GLU C 89 42.56 0.87 11.41
N LEU C 90 42.72 2.20 11.49
CA LEU C 90 43.48 2.83 12.58
C LEU C 90 42.60 3.58 13.61
N MET C 91 41.50 4.15 13.12
CA MET C 91 40.63 5.04 13.90
C MET C 91 39.23 4.48 14.15
N LYS C 92 38.59 4.98 15.19
CA LYS C 92 37.24 4.59 15.54
C LYS C 92 36.24 5.06 14.51
N TRP C 93 35.43 4.12 14.03
CA TRP C 93 34.37 4.38 13.04
C TRP C 93 33.17 5.14 13.66
N ASN C 94 32.98 5.01 14.98
CA ASN C 94 31.79 5.54 15.68
C ASN C 94 32.06 6.58 16.79
N GLY C 95 33.30 7.05 16.87
CA GLY C 95 33.70 8.07 17.84
C GLY C 95 35.06 8.66 17.56
N TRP C 96 35.59 9.35 18.56
CA TRP C 96 36.82 10.10 18.44
C TRP C 96 38.01 9.20 18.60
N GLY C 97 39.01 9.42 17.75
CA GLY C 97 40.36 8.97 18.05
C GLY C 97 40.75 7.64 17.47
N TYR C 98 41.81 7.10 18.07
CA TYR C 98 42.43 5.82 17.66
C TYR C 98 41.73 4.63 18.32
N ASN C 99 41.51 3.57 17.52
CA ASN C 99 40.89 2.29 17.96
C ASN C 99 41.55 1.68 19.18
N ASP C 100 42.87 1.79 19.26
CA ASP C 100 43.65 1.29 20.40
C ASP C 100 43.51 2.09 21.71
N SER C 101 42.79 3.21 21.68
CA SER C 101 42.63 4.11 22.83
C SER C 101 41.14 4.32 23.22
N LYS C 102 40.75 3.63 24.31
CA LYS C 102 39.37 3.62 24.85
C LYS C 102 39.46 3.62 26.38
N PHE C 103 38.49 4.25 27.04
CA PHE C 103 38.37 4.13 28.51
C PHE C 103 37.65 2.83 28.86
N PHE C 104 38.19 2.11 29.85
CA PHE C 104 37.56 0.87 30.36
C PHE C 104 37.76 0.74 31.88
N LEU C 105 37.00 -0.17 32.48
CA LEU C 105 37.16 -0.52 33.90
C LEU C 105 38.22 -1.61 34.03
N ASN C 106 39.31 -1.33 34.74
CA ASN C 106 40.41 -2.31 34.87
C ASN C 106 40.07 -3.37 35.91
N LYS C 107 40.95 -4.36 36.08
CA LYS C 107 40.70 -5.51 37.01
C LYS C 107 40.69 -5.16 38.51
N LYS C 108 40.92 -3.89 38.84
CA LYS C 108 40.56 -3.29 40.17
C LYS C 108 39.27 -2.43 40.23
N GLY C 109 38.52 -2.39 39.12
CA GLY C 109 37.27 -1.58 39.02
C GLY C 109 37.52 -0.09 39.00
N GLN C 110 38.69 0.28 38.47
CA GLN C 110 39.11 1.68 38.28
C GLN C 110 39.16 1.98 36.80
N LEU C 111 38.89 3.24 36.43
CA LEU C 111 38.92 3.66 35.03
C LEU C 111 40.37 3.81 34.57
N GLU C 112 40.63 3.36 33.36
CA GLU C 112 41.97 3.29 32.79
C GLU C 112 41.84 3.44 31.27
N LEU C 113 42.91 3.93 30.66
CA LEU C 113 42.97 4.11 29.20
C LEU C 113 43.81 3.00 28.53
N THR C 114 43.27 2.46 27.45
CA THR C 114 43.90 1.37 26.70
C THR C 114 45.16 1.87 25.99
N GLY C 115 46.00 0.92 25.61
CA GLY C 115 47.07 1.19 24.66
C GLY C 115 48.26 1.82 25.34
N LYS C 116 49.24 2.20 24.52
CA LYS C 116 50.49 2.81 24.99
C LYS C 116 50.70 4.24 24.37
N ARG C 117 49.60 4.86 23.90
CA ARG C 117 49.68 6.04 23.00
C ARG C 117 49.93 7.41 23.65
N TYR C 118 49.24 7.71 24.73
CA TYR C 118 49.37 8.99 25.45
C TYR C 118 50.11 8.74 26.75
N PRO C 119 50.61 9.79 27.39
CA PRO C 119 51.12 9.70 28.76
C PRO C 119 50.23 8.95 29.77
N LEU C 120 48.91 9.20 29.76
CA LEU C 120 47.95 8.53 30.68
C LEU C 120 47.46 7.16 30.22
N SER C 121 47.88 6.75 29.02
CA SER C 121 47.60 5.39 28.53
C SER C 121 48.26 4.36 29.46
N GLY C 122 47.47 3.37 29.87
CA GLY C 122 47.93 2.31 30.78
C GLY C 122 48.21 2.77 32.19
N VAL C 123 47.60 3.89 32.59
CA VAL C 123 47.71 4.43 33.96
C VAL C 123 46.32 4.49 34.59
N ALA C 124 46.18 3.81 35.72
CA ALA C 124 44.92 3.72 36.44
C ALA C 124 44.65 5.04 37.14
N LEU C 125 43.35 5.35 37.22
CA LEU C 125 42.82 6.64 37.67
C LEU C 125 41.82 6.45 38.81
N PRO C 126 42.32 6.23 40.04
CA PRO C 126 41.43 5.69 41.11
C PRO C 126 40.21 6.55 41.48
N THR C 127 40.36 7.87 41.38
CA THR C 127 39.32 8.83 41.79
C THR C 127 38.34 9.22 40.65
N PHE C 128 38.66 8.83 39.43
CA PHE C 128 37.88 9.26 38.28
C PHE C 128 36.48 8.64 38.29
N LYS C 129 36.38 7.36 38.69
CA LYS C 129 35.07 6.69 38.80
C LYS C 129 34.18 7.45 39.78
N ASP C 130 34.71 7.66 40.98
CA ASP C 130 33.98 8.36 42.08
C ASP C 130 33.49 9.73 41.65
N TRP C 131 34.36 10.43 40.93
CA TRP C 131 34.03 11.76 40.38
C TRP C 131 32.81 11.72 39.42
N ILE C 132 32.80 10.79 38.48
CA ILE C 132 31.66 10.68 37.54
C ILE C 132 30.37 10.37 38.30
N GLN C 133 30.46 9.49 39.29
CA GLN C 133 29.31 9.12 40.13
C GLN C 133 28.79 10.32 40.91
N ASN C 134 29.69 10.96 41.66
CA ASN C 134 29.34 12.16 42.45
C ASN C 134 28.75 13.30 41.62
N THR C 135 29.32 13.53 40.44
CA THR C 135 28.93 14.68 39.58
C THR C 135 27.59 14.44 38.85
N PHE C 136 27.34 13.20 38.46
CA PHE C 136 26.17 12.90 37.59
C PHE C 136 25.06 12.03 38.15
N GLY C 137 25.32 11.33 39.25
CA GLY C 137 24.33 10.46 39.87
C GLY C 137 24.01 9.24 39.02
N ILE C 138 25.06 8.47 38.74
CA ILE C 138 24.94 7.19 38.03
C ILE C 138 25.80 6.16 38.73
N ASN C 139 25.64 4.90 38.34
CA ASN C 139 26.32 3.80 39.01
C ASN C 139 27.70 3.40 38.44
N LEU C 140 27.78 2.81 37.24
CA LEU C 140 29.08 2.40 36.65
C LEU C 140 29.67 1.12 37.31
N THR C 155 22.42 2.21 5.10
CA THR C 155 23.25 2.81 4.05
C THR C 155 22.52 3.06 2.73
N PRO C 156 22.39 4.34 2.29
CA PRO C 156 21.89 4.55 0.92
C PRO C 156 22.85 3.97 -0.15
N PRO C 157 22.31 3.70 -1.35
CA PRO C 157 23.16 3.20 -2.42
C PRO C 157 23.91 4.34 -3.12
N SER C 158 25.03 3.98 -3.74
CA SER C 158 25.91 4.94 -4.41
C SER C 158 25.38 5.26 -5.81
N ILE C 159 25.08 6.53 -6.04
CA ILE C 159 24.43 6.99 -7.28
C ILE C 159 25.49 7.77 -8.09
N VAL C 160 26.21 7.07 -8.98
CA VAL C 160 27.31 7.71 -9.75
C VAL C 160 27.22 7.41 -11.24
N ASN C 161 27.48 8.44 -12.05
CA ASN C 161 27.48 8.33 -13.51
C ASN C 161 28.65 7.45 -14.01
N GLU C 162 28.37 6.55 -14.96
CA GLU C 162 29.37 5.60 -15.50
C GLU C 162 30.38 6.23 -16.47
N ASP C 163 29.99 7.31 -17.16
CA ASP C 163 30.92 8.09 -18.05
C ASP C 163 31.97 8.92 -17.28
N PHE C 164 31.55 9.54 -16.18
CA PHE C 164 32.44 10.25 -15.25
C PHE C 164 33.44 9.24 -14.62
N LEU C 165 32.89 8.11 -14.16
CA LEU C 165 33.67 6.99 -13.59
C LEU C 165 34.73 6.44 -14.57
N HIS C 166 34.38 6.44 -15.84
CA HIS C 166 35.26 6.05 -16.96
C HIS C 166 36.47 7.01 -17.07
N GLU C 167 36.18 8.30 -17.11
CA GLU C 167 37.23 9.34 -17.15
C GLU C 167 38.11 9.38 -15.89
N LEU C 168 37.48 9.13 -14.75
CA LEU C 168 38.17 9.06 -13.47
C LEU C 168 39.18 7.91 -13.40
N LYS C 169 38.84 6.79 -14.03
CA LYS C 169 39.77 5.65 -14.12
C LYS C 169 41.01 5.99 -14.95
N LYS C 170 40.83 6.86 -15.94
CA LYS C 170 41.95 7.32 -16.80
C LYS C 170 43.00 8.17 -16.06
N THR C 171 42.65 8.70 -14.89
CA THR C 171 43.54 9.59 -14.12
C THR C 171 44.39 8.90 -13.08
N ASN C 172 44.09 7.63 -12.79
CA ASN C 172 44.68 6.93 -11.65
C ASN C 172 44.65 7.77 -10.37
N ILE C 173 43.49 8.38 -10.12
CA ILE C 173 43.18 9.00 -8.84
C ILE C 173 42.38 7.93 -8.15
N SER C 174 42.88 7.47 -7.02
CA SER C 174 42.22 6.44 -6.24
C SER C 174 40.83 6.89 -5.80
N TYR C 175 39.89 5.96 -5.76
CA TYR C 175 38.48 6.26 -5.43
C TYR C 175 37.82 5.05 -4.78
N SER C 176 36.69 5.30 -4.13
CA SER C 176 35.96 4.27 -3.42
C SER C 176 34.46 4.61 -3.36
N GLN C 177 33.63 3.59 -3.58
CA GLN C 177 32.16 3.69 -3.47
C GLN C 177 31.66 2.88 -2.28
N GLU C 178 32.57 2.45 -1.43
CA GLU C 178 32.27 1.52 -0.35
C GLU C 178 31.52 2.22 0.77
N ALA C 179 30.54 1.53 1.34
CA ALA C 179 29.71 2.06 2.43
C ALA C 179 30.53 2.64 3.58
N ASP C 180 31.39 1.80 4.17
CA ASP C 180 32.13 2.20 5.38
C ASP C 180 33.14 3.38 5.17
N ASP C 181 33.62 3.58 3.95
CA ASP C 181 34.45 4.75 3.61
C ASP C 181 33.62 6.03 3.48
N ARG C 182 32.44 5.91 2.88
CA ARG C 182 31.52 7.04 2.69
C ARG C 182 30.87 7.48 4.01
N VAL C 183 30.55 6.50 4.85
CA VAL C 183 30.00 6.78 6.17
C VAL C 183 31.02 7.50 7.04
N PHE C 184 32.27 7.06 6.97
CA PHE C 184 33.34 7.72 7.74
C PHE C 184 33.47 9.23 7.43
N ARG C 185 33.30 9.60 6.16
CA ARG C 185 33.48 10.98 5.69
C ARG C 185 32.19 11.83 5.63
N ALA C 186 31.16 11.43 6.37
CA ALA C 186 29.85 12.10 6.37
C ALA C 186 29.55 12.88 7.68
N HIS C 187 30.56 13.01 8.52
CA HIS C 187 30.37 13.57 9.85
C HIS C 187 31.67 14.12 10.39
N GLY C 188 31.54 15.04 11.33
CA GLY C 188 32.59 15.40 12.27
C GLY C 188 32.29 14.89 13.66
N HIS C 189 32.49 15.74 14.66
CA HIS C 189 32.34 15.34 16.06
C HIS C 189 31.45 16.26 16.88
N CYS C 190 30.33 16.64 16.28
CA CYS C 190 29.21 17.20 17.04
C CYS C 190 28.41 16.04 17.61
N LEU C 191 27.77 16.25 18.76
CA LEU C 191 27.05 15.18 19.48
C LEU C 191 26.02 14.44 18.62
N HIS C 192 25.12 15.18 17.99
CA HIS C 192 24.04 14.57 17.20
C HIS C 192 24.60 13.61 16.13
N GLU C 193 25.66 14.01 15.44
CA GLU C 193 26.34 13.18 14.41
C GLU C 193 26.83 11.85 15.01
N ILE C 194 27.39 11.91 16.20
CA ILE C 194 27.94 10.74 16.88
C ILE C 194 26.86 9.77 17.31
N PHE C 195 25.67 10.29 17.67
CA PHE C 195 24.49 9.43 17.94
C PHE C 195 23.99 8.70 16.70
N LEU C 196 23.73 9.44 15.63
CA LEU C 196 23.29 8.85 14.36
C LEU C 196 24.28 7.82 13.80
N LEU C 197 25.55 7.97 14.18
CA LEU C 197 26.59 7.02 13.81
C LEU C 197 26.46 5.71 14.63
N ARG C 198 26.41 5.84 15.95
CA ARG C 198 26.23 4.70 16.88
C ARG C 198 24.88 3.98 16.79
N GLU C 199 23.82 4.76 16.58
CA GLU C 199 22.45 4.32 16.84
C GLU C 199 21.53 4.49 15.63
N GLY C 200 22.08 4.41 14.42
CA GLY C 200 21.22 4.51 13.24
C GLY C 200 22.01 4.87 12.01
N MET C 201 21.46 5.82 11.25
CA MET C 201 22.01 6.18 9.96
C MET C 201 21.77 7.65 9.62
N PHE C 202 22.65 8.19 8.79
CA PHE C 202 22.52 9.55 8.28
C PHE C 202 21.50 9.55 7.17
N GLU C 203 20.89 10.70 6.94
CA GLU C 203 19.99 10.88 5.78
C GLU C 203 20.78 10.84 4.49
N ARG C 204 21.79 11.70 4.39
CA ARG C 204 22.64 11.82 3.21
C ARG C 204 24.10 11.59 3.58
N ILE C 205 24.81 10.88 2.70
CA ILE C 205 26.26 10.66 2.83
C ILE C 205 26.91 10.83 1.46
N PRO C 206 28.27 10.93 1.41
CA PRO C 206 28.87 11.09 0.10
C PRO C 206 28.68 9.85 -0.77
N ASP C 207 28.48 10.07 -2.05
CA ASP C 207 28.24 8.98 -3.00
C ASP C 207 29.55 8.29 -3.41
N ILE C 208 30.60 9.07 -3.60
CA ILE C 208 31.93 8.55 -3.90
C ILE C 208 33.02 9.35 -3.15
N VAL C 209 34.07 8.66 -2.72
CA VAL C 209 35.24 9.26 -2.09
C VAL C 209 36.39 9.27 -3.09
N LEU C 210 37.10 10.39 -3.20
CA LEU C 210 38.29 10.49 -4.06
C LEU C 210 39.46 10.92 -3.19
N TRP C 211 40.65 10.43 -3.54
CA TRP C 211 41.90 10.74 -2.83
C TRP C 211 42.89 11.31 -3.82
N PRO C 212 42.84 12.63 -4.09
CA PRO C 212 43.91 13.19 -4.91
C PRO C 212 45.18 13.15 -4.10
N THR C 213 46.30 13.25 -4.81
CA THR C 213 47.64 13.21 -4.19
C THR C 213 48.48 14.47 -4.43
N CYS C 214 47.94 15.43 -5.19
CA CYS C 214 48.63 16.65 -5.53
C CYS C 214 47.67 17.72 -6.06
N HIS C 215 48.20 18.90 -6.32
CA HIS C 215 47.42 20.00 -6.85
C HIS C 215 46.76 19.67 -8.18
N ASP C 216 47.50 19.09 -9.12
CA ASP C 216 46.94 18.84 -10.49
C ASP C 216 45.77 17.84 -10.50
N ASP C 217 45.87 16.82 -9.65
CA ASP C 217 44.74 15.92 -9.36
C ASP C 217 43.47 16.68 -8.96
N VAL C 218 43.60 17.65 -8.06
CA VAL C 218 42.46 18.43 -7.60
C VAL C 218 41.89 19.26 -8.76
N VAL C 219 42.75 19.78 -9.62
CA VAL C 219 42.30 20.56 -10.79
C VAL C 219 41.43 19.64 -11.70
N LYS C 220 41.91 18.43 -11.92
CA LYS C 220 41.17 17.40 -12.66
C LYS C 220 39.80 17.07 -12.09
N ILE C 221 39.73 16.91 -10.78
CA ILE C 221 38.47 16.59 -10.11
C ILE C 221 37.43 17.72 -10.23
N VAL C 222 37.88 18.95 -10.08
CA VAL C 222 37.00 20.12 -10.13
C VAL C 222 36.52 20.34 -11.57
N ASN C 223 37.42 20.16 -12.53
CA ASN C 223 37.04 20.18 -13.97
C ASN C 223 36.00 19.08 -14.31
N LEU C 224 36.18 17.90 -13.74
CA LEU C 224 35.20 16.82 -13.87
C LEU C 224 33.85 17.18 -13.25
N ALA C 225 33.86 17.82 -12.08
CA ALA C 225 32.62 18.23 -11.41
C ALA C 225 31.85 19.29 -12.20
N CYS C 226 32.54 20.14 -12.95
CA CYS C 226 31.87 21.10 -13.84
C CYS C 226 31.13 20.40 -14.94
N LYS C 227 31.83 19.46 -15.57
CA LYS C 227 31.35 18.71 -16.75
C LYS C 227 30.14 17.80 -16.44
N TYR C 228 30.25 17.00 -15.37
CA TYR C 228 29.20 16.05 -14.99
C TYR C 228 28.31 16.53 -13.84
N ASN C 229 28.31 17.84 -13.58
CA ASN C 229 27.41 18.46 -12.60
C ASN C 229 27.47 17.78 -11.23
N LEU C 230 28.67 17.71 -10.67
CA LEU C 230 28.91 17.05 -9.40
C LEU C 230 28.98 18.08 -8.28
N CYS C 231 28.90 17.57 -7.05
CA CYS C 231 28.99 18.38 -5.82
C CYS C 231 30.16 17.87 -4.95
N ILE C 232 30.96 18.79 -4.44
CA ILE C 232 32.19 18.43 -3.72
C ILE C 232 32.18 18.95 -2.30
N ILE C 233 32.47 18.05 -1.38
CA ILE C 233 32.67 18.41 0.03
C ILE C 233 34.07 17.94 0.46
N PRO C 234 35.04 18.90 0.52
CA PRO C 234 36.38 18.56 0.97
C PRO C 234 36.42 18.04 2.39
N ILE C 235 37.31 17.08 2.64
CA ILE C 235 37.54 16.63 4.01
C ILE C 235 39.03 16.43 4.23
N GLY C 236 39.49 16.84 5.41
CA GLY C 236 40.83 16.53 5.91
C GLY C 236 40.66 15.55 7.05
N GLY C 237 40.94 16.00 8.28
CA GLY C 237 40.81 15.17 9.47
C GLY C 237 39.40 14.75 9.84
N GLY C 238 38.40 15.40 9.27
CA GLY C 238 37.01 15.18 9.70
C GLY C 238 36.77 15.52 11.17
N THR C 239 37.36 16.62 11.65
CA THR C 239 37.20 17.01 13.05
C THR C 239 36.23 18.16 13.25
N SER C 240 35.60 18.66 12.18
CA SER C 240 34.60 19.72 12.29
C SER C 240 33.63 19.51 13.44
N VAL C 241 33.52 20.53 14.29
CA VAL C 241 32.46 20.61 15.30
C VAL C 241 31.46 21.71 14.94
N SER C 242 31.11 21.81 13.66
CA SER C 242 30.10 22.78 13.21
C SER C 242 29.11 22.27 12.15
N TYR C 243 28.96 20.94 12.05
CA TYR C 243 28.26 20.30 10.90
C TYR C 243 28.83 20.75 9.55
N GLY C 244 30.14 20.98 9.54
CA GLY C 244 30.85 21.49 8.38
C GLY C 244 30.93 20.49 7.24
N LEU C 245 30.91 19.21 7.60
CA LEU C 245 31.03 18.09 6.65
C LEU C 245 29.69 17.41 6.30
N MET C 246 28.68 17.58 7.15
CA MET C 246 27.34 17.03 6.89
C MET C 246 26.85 17.33 5.45
N CYS C 247 26.30 16.30 4.80
CA CYS C 247 25.77 16.44 3.45
C CYS C 247 24.34 16.94 3.54
N PRO C 248 23.99 17.99 2.79
CA PRO C 248 22.59 18.41 2.80
C PRO C 248 21.69 17.27 2.29
N ALA C 249 20.60 17.02 3.02
CA ALA C 249 19.69 15.89 2.77
C ALA C 249 18.95 16.00 1.44
N ASP C 250 18.65 17.22 1.01
CA ASP C 250 17.94 17.46 -0.26
C ASP C 250 18.87 17.70 -1.47
N GLU C 251 20.12 17.27 -1.36
CA GLU C 251 21.11 17.43 -2.44
C GLU C 251 21.01 16.25 -3.43
N THR C 252 20.45 16.54 -4.60
CA THR C 252 20.17 15.50 -5.61
C THR C 252 21.39 15.08 -6.43
N ARG C 253 22.38 15.95 -6.57
CA ARG C 253 23.60 15.62 -7.32
C ARG C 253 24.47 14.61 -6.60
N THR C 254 25.35 13.98 -7.38
CA THR C 254 26.37 13.08 -6.86
C THR C 254 27.34 13.88 -5.98
N ILE C 255 27.48 13.47 -4.72
CA ILE C 255 28.41 14.12 -3.79
C ILE C 255 29.73 13.36 -3.79
N ILE C 256 30.80 14.06 -4.20
CA ILE C 256 32.19 13.63 -4.01
C ILE C 256 32.72 14.04 -2.62
N SER C 257 33.21 13.09 -1.84
CA SER C 257 34.01 13.44 -0.67
C SER C 257 35.47 13.52 -1.11
N LEU C 258 35.94 14.76 -1.34
CA LEU C 258 37.30 15.03 -1.78
C LEU C 258 38.23 14.99 -0.57
N ASP C 259 38.84 13.82 -0.37
CA ASP C 259 39.68 13.54 0.79
C ASP C 259 41.09 14.02 0.49
N THR C 260 41.60 14.91 1.35
CA THR C 260 42.95 15.50 1.21
C THR C 260 44.10 14.71 1.89
N SER C 261 43.79 13.68 2.65
CA SER C 261 44.77 12.98 3.52
C SER C 261 46.05 12.44 2.85
N GLN C 262 45.96 12.13 1.56
CA GLN C 262 47.08 11.61 0.75
C GLN C 262 47.84 12.69 -0.02
N MET C 263 47.41 13.93 0.12
CA MET C 263 48.01 15.10 -0.54
C MET C 263 48.66 15.86 0.61
N ASN C 264 49.80 15.35 1.04
CA ASN C 264 50.30 15.58 2.39
C ASN C 264 51.80 15.76 2.54
N ARG C 265 52.52 16.00 1.46
CA ARG C 265 53.98 16.10 1.60
C ARG C 265 54.42 17.55 1.86
N ILE C 266 55.47 17.71 2.64
CA ILE C 266 56.18 18.98 2.79
C ILE C 266 56.95 19.18 1.48
N LEU C 267 56.67 20.26 0.75
CA LEU C 267 57.27 20.48 -0.57
C LEU C 267 58.66 21.12 -0.46
N TRP C 268 58.79 22.18 0.33
CA TRP C 268 60.13 22.75 0.66
C TRP C 268 60.19 23.46 2.00
N VAL C 269 61.36 23.42 2.62
CA VAL C 269 61.64 24.13 3.88
C VAL C 269 62.62 25.24 3.52
N ASP C 270 62.19 26.47 3.63
CA ASP C 270 63.01 27.64 3.28
C ASP C 270 63.68 28.19 4.53
N GLU C 271 64.92 27.78 4.76
CA GLU C 271 65.60 28.11 6.02
C GLU C 271 65.95 29.60 6.09
N ASN C 272 66.10 30.23 4.92
CA ASN C 272 66.38 31.67 4.82
C ASN C 272 65.20 32.55 5.29
N ASN C 273 64.02 32.25 4.77
CA ASN C 273 62.80 33.02 5.11
C ASN C 273 61.97 32.43 6.29
N LEU C 274 62.49 31.38 6.91
CA LEU C 274 61.76 30.60 7.92
C LEU C 274 60.29 30.41 7.53
N THR C 275 60.10 29.72 6.42
CA THR C 275 58.77 29.28 5.98
C THR C 275 58.88 27.86 5.48
N ALA C 276 57.76 27.17 5.51
CA ALA C 276 57.66 25.81 4.96
C ALA C 276 56.48 25.74 4.02
N HIS C 277 56.71 25.21 2.83
CA HIS C 277 55.66 25.13 1.82
C HIS C 277 55.18 23.70 1.82
N VAL C 278 53.90 23.54 2.14
CA VAL C 278 53.30 22.22 2.39
C VAL C 278 51.98 21.98 1.62
N GLU C 279 51.70 20.71 1.37
CA GLU C 279 50.39 20.34 0.83
C GLU C 279 49.38 20.35 1.97
N ALA C 280 48.15 20.72 1.60
CA ALA C 280 47.10 21.07 2.56
C ALA C 280 46.61 19.92 3.40
N GLY C 281 46.81 18.69 2.94
CA GLY C 281 46.32 17.49 3.63
C GLY C 281 47.09 16.98 4.84
N ILE C 282 48.27 17.54 5.05
CA ILE C 282 49.18 17.07 6.11
C ILE C 282 48.55 17.35 7.45
N THR C 283 48.63 16.38 8.34
CA THR C 283 48.20 16.61 9.74
C THR C 283 49.20 17.47 10.53
N GLY C 284 48.69 18.10 11.57
CA GLY C 284 49.52 18.86 12.51
C GLY C 284 50.64 18.02 13.07
N GLN C 285 50.27 16.85 13.57
CA GLN C 285 51.24 15.93 14.20
C GLN C 285 52.34 15.48 13.24
N GLU C 286 51.94 15.19 12.01
CA GLU C 286 52.88 14.79 10.98
C GLU C 286 53.76 15.96 10.55
N LEU C 287 53.14 17.13 10.39
CA LEU C 287 53.89 18.37 10.08
C LEU C 287 54.94 18.72 11.14
N GLU C 288 54.57 18.64 12.42
CA GLU C 288 55.53 18.93 13.48
C GLU C 288 56.61 17.86 13.58
N ARG C 289 56.25 16.61 13.33
CA ARG C 289 57.24 15.52 13.42
C ARG C 289 58.31 15.67 12.34
N GLN C 290 57.90 15.86 11.08
CA GLN C 290 58.82 16.06 9.94
C GLN C 290 59.71 17.30 10.08
N LEU C 291 59.14 18.41 10.49
CA LEU C 291 59.92 19.63 10.71
C LEU C 291 60.93 19.50 11.87
N LYS C 292 60.58 18.77 12.91
CA LYS C 292 61.44 18.64 14.08
C LYS C 292 62.73 17.95 13.69
N GLU C 293 62.66 16.98 12.77
CA GLU C 293 63.84 16.28 12.25
C GLU C 293 64.87 17.24 11.68
N SER C 294 64.43 18.39 11.16
CA SER C 294 65.31 19.48 10.68
C SER C 294 65.57 20.63 11.66
N GLY C 295 65.17 20.45 12.91
CA GLY C 295 65.32 21.47 13.96
C GLY C 295 64.30 22.60 14.00
N TYR C 296 63.16 22.43 13.36
CA TYR C 296 62.10 23.45 13.28
C TYR C 296 60.74 22.96 13.76
N CYS C 297 59.81 23.91 13.87
CA CYS C 297 58.39 23.64 14.15
C CYS C 297 57.52 24.79 13.65
N THR C 298 56.21 24.63 13.67
CA THR C 298 55.28 25.76 13.46
C THR C 298 54.76 26.35 14.77
N GLY C 299 54.61 25.48 15.76
CA GLY C 299 53.99 25.80 17.06
C GLY C 299 52.47 25.95 17.03
N HIS C 300 51.87 25.53 15.93
CA HIS C 300 50.41 25.57 15.81
C HIS C 300 49.85 24.25 16.33
N GLU C 301 49.24 24.32 17.51
CA GLU C 301 48.83 23.12 18.25
C GLU C 301 47.38 23.19 18.73
N PRO C 302 46.44 22.95 17.80
CA PRO C 302 45.07 22.72 18.24
C PRO C 302 44.93 21.39 18.96
N ASP C 303 43.89 21.26 19.77
CA ASP C 303 43.61 19.98 20.43
C ASP C 303 43.37 18.81 19.44
N SER C 304 42.88 19.13 18.23
CA SER C 304 42.69 18.13 17.16
C SER C 304 43.93 17.79 16.29
N LEU C 305 45.11 18.27 16.70
CA LEU C 305 46.33 18.20 15.87
C LEU C 305 46.72 16.84 15.33
N GLU C 306 46.34 15.78 16.03
CA GLU C 306 46.59 14.42 15.54
C GLU C 306 45.94 14.12 14.18
N PHE C 307 44.82 14.80 13.88
CA PHE C 307 44.08 14.54 12.64
C PHE C 307 43.81 15.75 11.78
N SER C 308 43.69 16.94 12.39
CA SER C 308 43.29 18.16 11.65
C SER C 308 44.42 18.60 10.73
N THR C 309 44.06 19.15 9.59
CA THR C 309 45.01 19.42 8.52
C THR C 309 45.26 20.90 8.32
N VAL C 310 46.29 21.21 7.53
CA VAL C 310 46.65 22.58 7.22
C VAL C 310 45.49 23.25 6.53
N GLY C 311 44.95 22.57 5.52
CA GLY C 311 43.84 23.10 4.76
C GLY C 311 42.60 23.27 5.63
N GLY C 312 42.42 22.36 6.59
CA GLY C 312 41.34 22.50 7.58
C GLY C 312 41.48 23.81 8.35
N TRP C 313 42.67 24.00 8.93
CA TRP C 313 42.92 25.16 9.78
C TRP C 313 42.61 26.46 9.05
N ILE C 314 43.01 26.53 7.78
CA ILE C 314 42.76 27.72 6.98
C ILE C 314 41.25 27.87 6.72
N SER C 315 40.61 26.76 6.45
CA SER C 315 39.19 26.75 6.18
C SER C 315 38.32 27.19 7.35
N THR C 316 38.74 26.88 8.57
CA THR C 316 37.95 27.15 9.79
C THR C 316 38.47 28.31 10.65
N ARG C 317 39.52 28.96 10.21
CA ARG C 317 40.25 29.92 11.07
C ARG C 317 40.65 29.28 12.43
N ALA C 318 41.29 28.13 12.35
CA ALA C 318 41.71 27.43 13.56
C ALA C 318 42.65 28.25 14.46
N SER C 319 42.53 28.02 15.76
CA SER C 319 43.41 28.62 16.78
C SER C 319 44.15 27.51 17.49
N GLY C 320 45.38 27.81 17.89
CA GLY C 320 46.26 26.86 18.56
C GLY C 320 46.58 27.26 19.99
N MET C 321 46.93 26.26 20.78
CA MET C 321 47.23 26.44 22.19
C MET C 321 48.29 27.50 22.44
N LYS C 322 49.34 27.50 21.60
CA LYS C 322 50.53 28.40 21.79
C LYS C 322 50.54 29.64 20.85
N LYS C 323 49.38 30.01 20.37
CA LYS C 323 49.12 31.28 19.69
C LYS C 323 49.90 32.50 20.23
N ASN C 324 50.00 32.63 21.55
CA ASN C 324 50.74 33.75 22.15
C ASN C 324 52.15 33.94 21.53
N ILE C 325 52.84 32.85 21.20
CA ILE C 325 54.14 32.90 20.54
C ILE C 325 54.04 32.79 19.04
N TYR C 326 53.36 31.78 18.56
CA TYR C 326 53.42 31.39 17.15
C TYR C 326 52.36 32.03 16.25
N GLY C 327 51.34 32.59 16.87
CA GLY C 327 50.22 33.18 16.17
C GLY C 327 49.10 32.20 15.99
N ASN C 328 47.92 32.71 15.65
CA ASN C 328 46.85 31.87 15.12
C ASN C 328 47.13 31.57 13.63
N ILE C 329 46.26 30.83 12.99
CA ILE C 329 46.46 30.50 11.57
C ILE C 329 46.57 31.72 10.64
N GLU C 330 45.82 32.79 10.92
CA GLU C 330 45.86 33.99 10.05
C GLU C 330 47.19 34.73 10.09
N ASP C 331 47.91 34.56 11.21
CA ASP C 331 49.27 35.06 11.42
C ASP C 331 50.31 34.16 10.75
N LEU C 332 50.07 32.86 10.84
CA LEU C 332 51.02 31.84 10.33
C LEU C 332 51.07 31.66 8.82
N VAL C 333 50.01 31.99 8.12
CA VAL C 333 49.93 31.73 6.67
C VAL C 333 50.44 32.88 5.79
N VAL C 334 51.55 32.66 5.11
CA VAL C 334 52.20 33.65 4.27
C VAL C 334 51.60 33.62 2.90
N HIS C 335 51.22 32.43 2.44
CA HIS C 335 50.82 32.22 1.05
C HIS C 335 49.93 30.97 0.99
N MET C 336 49.09 30.91 -0.04
CA MET C 336 48.26 29.73 -0.33
C MET C 336 47.89 29.62 -1.80
N LYS C 337 47.52 28.40 -2.18
CA LYS C 337 47.09 28.02 -3.55
C LYS C 337 45.76 27.35 -3.44
N VAL C 338 44.77 27.88 -4.14
CA VAL C 338 43.38 27.41 -3.99
C VAL C 338 42.81 27.09 -5.35
N VAL C 339 42.23 25.90 -5.47
CA VAL C 339 41.50 25.48 -6.69
C VAL C 339 39.98 25.71 -6.57
N THR C 340 39.46 26.55 -7.47
CA THR C 340 38.02 26.83 -7.53
C THR C 340 37.50 26.55 -8.94
N PRO C 341 36.16 26.40 -9.11
CA PRO C 341 35.55 26.27 -10.43
C PRO C 341 35.94 27.38 -11.41
N ARG C 342 35.97 28.63 -10.94
CA ARG C 342 36.39 29.77 -11.76
C ARG C 342 37.88 29.74 -12.18
N GLY C 343 38.68 28.98 -11.43
CA GLY C 343 40.12 28.87 -11.65
C GLY C 343 40.93 28.81 -10.38
N VAL C 344 42.24 28.98 -10.53
CA VAL C 344 43.19 28.92 -9.41
C VAL C 344 43.56 30.30 -8.82
N ILE C 345 43.42 30.44 -7.49
CA ILE C 345 43.86 31.68 -6.79
C ILE C 345 45.16 31.40 -6.09
N GLU C 346 46.03 32.41 -6.22
CA GLU C 346 47.43 32.32 -5.79
C GLU C 346 48.06 33.68 -6.03
N LYS C 347 48.66 34.26 -4.99
CA LYS C 347 49.40 35.51 -5.17
C LYS C 347 50.71 35.22 -5.85
N SER C 348 51.19 36.17 -6.66
CA SER C 348 52.42 35.98 -7.43
C SER C 348 53.71 36.21 -6.66
N CYS C 349 53.61 36.67 -5.41
CA CYS C 349 54.81 36.83 -4.60
C CYS C 349 54.61 36.49 -3.10
N GLN C 350 55.76 36.21 -2.47
CA GLN C 350 55.86 35.64 -1.12
C GLN C 350 56.28 36.68 -0.04
N GLY C 351 56.03 37.97 -0.34
CA GLY C 351 56.42 39.08 0.53
C GLY C 351 55.68 39.05 1.85
N PRO C 352 56.31 39.46 2.94
CA PRO C 352 55.75 39.30 4.29
C PRO C 352 54.46 40.07 4.58
N ARG C 353 54.32 41.22 3.96
CA ARG C 353 53.21 42.14 4.24
C ARG C 353 52.98 43.05 3.04
N MET C 354 51.73 43.10 2.60
CA MET C 354 51.36 43.81 1.37
C MET C 354 50.26 44.84 1.56
N SER C 355 50.27 45.81 0.65
CA SER C 355 49.12 46.71 0.41
C SER C 355 48.72 46.67 -1.08
N THR C 356 48.02 45.59 -1.47
CA THR C 356 47.56 45.44 -2.86
C THR C 356 46.05 45.20 -2.87
N GLY C 357 45.34 46.12 -2.22
CA GLY C 357 43.89 46.04 -2.06
C GLY C 357 43.48 45.10 -0.95
N PRO C 358 42.18 44.77 -0.86
CA PRO C 358 41.72 43.83 0.14
C PRO C 358 42.47 42.51 0.02
N ASP C 359 42.84 41.96 1.17
CA ASP C 359 43.70 40.79 1.23
C ASP C 359 42.88 39.55 0.90
N ILE C 360 43.06 39.04 -0.31
CA ILE C 360 42.28 37.86 -0.78
C ILE C 360 42.56 36.55 -0.04
N HIS C 361 43.62 36.50 0.78
CA HIS C 361 43.79 35.39 1.71
C HIS C 361 42.63 35.36 2.69
N HIS C 362 42.21 36.52 3.16
CA HIS C 362 41.09 36.58 4.12
C HIS C 362 39.73 36.27 3.52
N PHE C 363 39.64 36.29 2.17
CA PHE C 363 38.45 35.83 1.44
C PHE C 363 38.30 34.30 1.50
N ILE C 364 39.42 33.59 1.56
CA ILE C 364 39.48 32.11 1.68
C ILE C 364 39.55 31.60 3.11
N MET C 365 40.28 32.31 3.94
CA MET C 365 40.51 31.92 5.31
C MET C 365 39.20 32.11 6.07
N GLY C 366 38.60 30.99 6.48
CA GLY C 366 37.23 30.98 7.03
C GLY C 366 36.13 30.54 6.07
N SER C 367 36.50 30.13 4.86
CA SER C 367 35.50 29.80 3.79
C SER C 367 34.78 28.43 4.02
N GLU C 368 35.25 27.67 5.00
CA GLU C 368 34.59 26.43 5.45
C GLU C 368 34.17 25.46 4.30
N GLY C 369 35.03 25.37 3.29
CA GLY C 369 34.84 24.47 2.15
C GLY C 369 33.83 24.86 1.07
N THR C 370 33.45 26.12 1.03
CA THR C 370 32.36 26.59 0.16
C THR C 370 32.84 27.26 -1.12
N LEU C 371 34.13 27.56 -1.20
CA LEU C 371 34.65 28.30 -2.35
C LEU C 371 35.56 27.47 -3.24
N GLY C 372 36.22 26.48 -2.66
CA GLY C 372 37.17 25.68 -3.42
C GLY C 372 37.92 24.71 -2.57
N VAL C 373 39.01 24.19 -3.15
CA VAL C 373 39.98 23.34 -2.44
C VAL C 373 41.34 24.04 -2.23
N ILE C 374 41.69 24.23 -0.96
CA ILE C 374 43.02 24.70 -0.56
C ILE C 374 43.96 23.50 -0.72
N THR C 375 44.88 23.61 -1.70
CA THR C 375 45.80 22.51 -2.06
C THR C 375 47.17 22.61 -1.45
N GLU C 376 47.69 23.83 -1.37
CA GLU C 376 49.03 24.15 -0.86
C GLU C 376 49.02 25.45 -0.04
N ALA C 377 49.94 25.54 0.89
CA ALA C 377 50.08 26.72 1.74
C ALA C 377 51.50 26.86 2.24
N THR C 378 51.93 28.10 2.43
CA THR C 378 53.26 28.40 2.95
C THR C 378 53.09 28.90 4.38
N ILE C 379 53.71 28.22 5.32
CA ILE C 379 53.52 28.50 6.73
C ILE C 379 54.83 28.88 7.40
N LYS C 380 54.72 29.79 8.37
CA LYS C 380 55.86 30.23 9.16
C LYS C 380 56.36 29.13 10.05
N ILE C 381 57.68 28.98 10.11
CA ILE C 381 58.35 28.02 11.00
C ILE C 381 59.28 28.78 11.92
N ARG C 382 59.67 28.13 12.99
CA ARG C 382 60.56 28.66 14.05
C ARG C 382 61.54 27.58 14.49
N PRO C 383 62.72 27.98 14.98
CA PRO C 383 63.60 26.97 15.55
C PRO C 383 62.88 26.19 16.64
N THR C 384 63.11 24.89 16.71
CA THR C 384 62.57 24.10 17.82
C THR C 384 62.95 24.86 19.11
N PRO C 385 61.94 25.18 19.98
CA PRO C 385 62.20 25.90 21.21
C PRO C 385 63.26 25.18 22.04
N GLU C 386 64.20 25.97 22.55
CA GLU C 386 65.31 25.46 23.32
C GLU C 386 64.85 24.69 24.57
N TYR C 387 63.86 25.22 25.27
CA TYR C 387 63.46 24.76 26.62
C TYR C 387 61.98 25.01 26.87
N GLN C 388 61.35 24.12 27.65
CA GLN C 388 59.98 24.30 28.15
C GLN C 388 59.93 24.16 29.64
N LYS C 389 58.97 24.84 30.24
CA LYS C 389 58.70 24.75 31.66
C LYS C 389 57.20 24.95 31.93
N TYR C 390 56.66 24.17 32.85
CA TYR C 390 55.25 24.30 33.23
C TYR C 390 55.10 25.03 34.55
N GLY C 391 53.88 25.43 34.85
CA GLY C 391 53.63 26.16 36.08
C GLY C 391 52.17 26.23 36.39
N SER C 392 51.85 26.68 37.60
CA SER C 392 50.47 26.90 37.96
C SER C 392 50.38 27.94 39.07
N VAL C 393 49.18 28.51 39.20
CA VAL C 393 48.89 29.55 40.19
C VAL C 393 47.47 29.30 40.65
N ALA C 394 47.24 29.45 41.94
CA ALA C 394 45.88 29.32 42.50
C ALA C 394 45.39 30.69 42.97
N PHE C 395 44.09 30.89 42.86
CA PHE C 395 43.45 32.16 43.21
C PHE C 395 42.25 31.95 44.14
N PRO C 396 41.98 32.90 45.06
CA PRO C 396 40.78 32.77 45.89
C PRO C 396 39.49 32.51 45.12
N ASN C 397 39.37 33.10 43.94
CA ASN C 397 38.16 32.90 43.11
C ASN C 397 38.45 33.10 41.61
N PHE C 398 37.46 32.75 40.82
CA PHE C 398 37.50 32.95 39.38
C PHE C 398 37.74 34.41 39.04
N GLU C 399 36.99 35.30 39.67
CA GLU C 399 36.99 36.76 39.39
C GLU C 399 38.40 37.33 39.47
N GLN C 400 39.13 36.96 40.53
CA GLN C 400 40.53 37.43 40.73
C GLN C 400 41.50 36.85 39.70
N GLY C 401 41.25 35.61 39.28
CA GLY C 401 42.03 34.97 38.21
C GLY C 401 41.90 35.71 36.90
N VAL C 402 40.68 36.05 36.54
CA VAL C 402 40.40 36.82 35.33
C VAL C 402 41.12 38.19 35.38
N ALA C 403 41.04 38.84 36.53
CA ALA C 403 41.69 40.14 36.72
C ALA C 403 43.19 40.03 36.52
N CYS C 404 43.76 38.92 36.95
CA CYS C 404 45.20 38.66 36.79
C CYS C 404 45.59 38.39 35.31
N LEU C 405 44.80 37.53 34.66
CA LEU C 405 44.98 37.30 33.23
C LEU C 405 44.87 38.57 32.42
N ARG C 406 43.87 39.39 32.75
CA ARG C 406 43.73 40.74 32.16
C ARG C 406 45.02 41.57 32.32
N GLU C 407 45.60 41.53 33.50
CA GLU C 407 46.78 42.34 33.80
C GLU C 407 48.01 41.82 33.05
N ILE C 408 48.07 40.51 32.93
CA ILE C 408 49.13 39.88 32.15
C ILE C 408 49.03 40.34 30.70
N ALA C 409 47.82 40.32 30.14
CA ALA C 409 47.54 40.82 28.80
C ALA C 409 47.90 42.28 28.66
N LYS C 410 47.47 43.10 29.63
CA LYS C 410 47.79 44.53 29.63
C LYS C 410 49.27 44.81 29.57
N GLN C 411 50.05 44.04 30.32
CA GLN C 411 51.55 44.13 30.28
C GLN C 411 52.21 43.39 29.12
N ARG C 412 51.39 42.71 28.30
CA ARG C 412 51.87 41.92 27.15
C ARG C 412 53.02 41.02 27.53
N CYS C 413 52.83 40.23 28.59
CA CYS C 413 53.83 39.27 29.07
C CYS C 413 53.19 37.91 29.34
N ALA C 414 52.20 37.56 28.53
CA ALA C 414 51.58 36.24 28.61
C ALA C 414 52.59 35.22 28.14
N PRO C 415 52.68 34.06 28.81
CA PRO C 415 53.55 32.99 28.36
C PRO C 415 52.93 32.25 27.19
N ALA C 416 53.64 31.24 26.70
CA ALA C 416 53.19 30.44 25.55
C ALA C 416 51.74 30.05 25.66
N SER C 417 51.41 29.45 26.80
CA SER C 417 50.02 29.17 27.14
C SER C 417 49.73 29.60 28.56
N ILE C 418 48.59 30.28 28.73
CA ILE C 418 48.03 30.63 30.05
C ILE C 418 46.53 30.36 30.02
N ARG C 419 46.06 29.59 30.99
CA ARG C 419 44.67 29.20 31.04
C ARG C 419 44.17 29.18 32.46
N LEU C 420 42.96 29.69 32.66
CA LEU C 420 42.34 29.80 33.98
C LEU C 420 41.12 28.89 34.11
N MET C 421 41.22 27.91 35.00
CA MET C 421 40.14 26.95 35.25
C MET C 421 39.27 27.46 36.39
N ASP C 422 37.94 27.34 36.24
CA ASP C 422 37.02 27.55 37.39
C ASP C 422 37.14 26.40 38.41
N ASN C 423 36.40 26.48 39.50
CA ASN C 423 36.56 25.53 40.61
C ASN C 423 36.18 24.09 40.23
N GLN C 424 35.02 23.93 39.60
CA GLN C 424 34.56 22.59 39.17
C GLN C 424 35.61 21.90 38.25
N GLN C 425 36.27 22.62 37.35
CA GLN C 425 37.37 22.07 36.52
C GLN C 425 38.63 21.76 37.33
N PHE C 426 38.95 22.58 38.32
CA PHE C 426 40.08 22.26 39.20
C PHE C 426 39.91 20.91 39.91
N GLN C 427 38.71 20.70 40.44
CA GLN C 427 38.34 19.44 41.08
C GLN C 427 38.40 18.27 40.11
N PHE C 428 37.90 18.49 38.89
CA PHE C 428 37.98 17.48 37.83
C PHE C 428 39.41 17.00 37.59
N GLY C 429 40.31 17.94 37.39
CA GLY C 429 41.73 17.66 37.18
C GLY C 429 42.41 16.99 38.36
N HIS C 430 41.97 17.33 39.57
CA HIS C 430 42.45 16.67 40.80
C HIS C 430 42.00 15.21 40.88
N ALA C 431 40.78 14.96 40.43
CA ALA C 431 40.22 13.60 40.38
C ALA C 431 40.85 12.69 39.30
N LEU C 432 41.81 13.21 38.53
CA LEU C 432 42.51 12.42 37.50
C LEU C 432 43.99 12.14 37.75
N LYS C 433 44.50 12.50 38.91
CA LYS C 433 45.88 12.10 39.25
C LYS C 433 45.91 10.67 39.83
N PRO C 434 47.04 9.95 39.63
CA PRO C 434 47.36 8.79 40.48
C PRO C 434 47.89 9.21 41.86
N ASP C 459 39.18 29.34 50.38
CA ASP C 459 37.94 28.58 50.28
C ASP C 459 38.02 27.60 49.11
N PRO C 460 38.05 26.28 49.39
CA PRO C 460 38.26 25.30 48.30
C PRO C 460 37.04 24.98 47.41
N ASN C 461 35.96 25.76 47.50
CA ASN C 461 34.82 25.65 46.58
C ASN C 461 34.67 26.78 45.56
N GLN C 462 35.33 27.91 45.80
CA GLN C 462 35.43 29.01 44.80
C GLN C 462 36.82 29.15 44.18
N LEU C 463 37.80 28.48 44.78
CA LEU C 463 39.19 28.60 44.36
C LEU C 463 39.39 28.14 42.91
N SER C 464 40.10 28.96 42.16
CA SER C 464 40.40 28.72 40.72
C SER C 464 41.92 28.65 40.50
N VAL C 465 42.30 27.94 39.45
CA VAL C 465 43.70 27.65 39.15
C VAL C 465 44.01 28.00 37.70
N ALA C 466 45.14 28.66 37.50
CA ALA C 466 45.68 28.94 36.18
C ALA C 466 46.86 28.02 35.91
N THR C 467 46.83 27.38 34.76
CA THR C 467 47.98 26.58 34.27
C THR C 467 48.82 27.42 33.32
N LEU C 468 50.12 27.22 33.37
CA LEU C 468 51.08 28.01 32.60
C LEU C 468 52.01 27.10 31.80
N LEU C 469 52.41 27.55 30.63
CA LEU C 469 53.45 26.89 29.84
C LEU C 469 54.32 27.94 29.23
N PHE C 470 55.58 27.94 29.62
CA PHE C 470 56.57 28.85 29.09
C PHE C 470 57.43 28.06 28.13
N GLU C 471 57.71 28.61 26.95
CA GLU C 471 58.67 27.95 26.04
C GLU C 471 59.42 28.94 25.17
N GLY C 472 60.71 28.70 25.07
CA GLY C 472 61.59 29.50 24.22
C GLY C 472 63.05 29.30 24.58
N ASP C 473 63.83 30.35 24.32
CA ASP C 473 65.25 30.43 24.71
C ASP C 473 65.36 30.19 26.20
N ARG C 474 66.40 29.48 26.60
CA ARG C 474 66.60 29.11 28.02
C ARG C 474 66.50 30.26 29.03
N GLU C 475 67.17 31.35 28.68
CA GLU C 475 67.32 32.50 29.57
C GLU C 475 66.05 33.33 29.67
N LYS C 476 65.45 33.69 28.52
CA LYS C 476 64.27 34.55 28.45
C LYS C 476 63.05 33.95 29.16
N VAL C 477 62.97 32.61 29.18
CA VAL C 477 61.85 31.87 29.80
C VAL C 477 61.70 32.23 31.28
N LEU C 478 62.83 32.41 31.96
CA LEU C 478 62.85 32.72 33.40
C LEU C 478 62.53 34.18 33.73
N GLN C 479 63.04 35.11 32.92
CA GLN C 479 62.63 36.53 32.99
C GLN C 479 61.11 36.62 32.98
N HIS C 480 60.50 35.93 32.00
CA HIS C 480 59.03 35.80 31.89
C HIS C 480 58.38 35.22 33.13
N GLU C 481 58.90 34.10 33.57
CA GLU C 481 58.30 33.35 34.69
C GLU C 481 58.14 34.20 35.94
N LYS C 482 59.17 34.96 36.26
CA LYS C 482 59.15 35.86 37.41
C LYS C 482 58.01 36.87 37.28
N GLN C 483 57.97 37.57 36.13
CA GLN C 483 57.01 38.65 35.92
C GLN C 483 55.57 38.16 36.08
N VAL C 484 55.31 36.95 35.62
CA VAL C 484 53.98 36.37 35.70
C VAL C 484 53.56 36.12 37.16
N TYR C 485 54.46 35.52 37.93
CA TYR C 485 54.17 35.21 39.35
C TYR C 485 54.04 36.46 40.23
N ASP C 486 54.89 37.46 39.99
CA ASP C 486 54.79 38.75 40.67
C ASP C 486 53.45 39.41 40.41
N ILE C 487 53.04 39.48 39.14
CA ILE C 487 51.70 40.01 38.79
C ILE C 487 50.59 39.21 39.50
N ALA C 488 50.73 37.89 39.48
CA ALA C 488 49.75 36.99 40.09
C ALA C 488 49.63 37.17 41.60
N ALA C 489 50.76 37.42 42.24
CA ALA C 489 50.80 37.81 43.67
C ALA C 489 49.80 38.90 44.02
N LYS C 490 49.77 39.97 43.24
CA LYS C 490 48.88 41.10 43.51
C LYS C 490 47.39 40.83 43.33
N PHE C 491 47.02 39.67 42.79
CA PHE C 491 45.58 39.22 42.75
C PHE C 491 45.27 38.06 43.71
N GLY C 492 46.19 37.82 44.63
CA GLY C 492 46.07 36.73 45.59
C GLY C 492 46.43 35.41 44.95
N GLY C 493 47.44 35.44 44.09
CA GLY C 493 47.87 34.27 43.35
C GLY C 493 49.09 33.64 43.97
N LEU C 494 48.98 32.37 44.35
CA LEU C 494 50.07 31.63 45.03
C LEU C 494 50.57 30.53 44.12
N ALA C 495 51.88 30.52 43.88
CA ALA C 495 52.51 29.50 43.02
C ALA C 495 52.11 28.11 43.49
N ALA C 496 51.44 27.35 42.65
CA ALA C 496 50.76 26.11 43.05
C ALA C 496 51.35 24.87 42.41
N GLY C 497 52.58 24.99 41.93
CA GLY C 497 53.35 23.82 41.51
C GLY C 497 53.54 23.53 40.01
N GLU C 498 54.73 23.03 39.71
CA GLU C 498 55.13 22.60 38.38
C GLU C 498 54.35 21.35 37.90
N ASP C 499 53.93 20.52 38.85
CA ASP C 499 53.20 19.28 38.56
C ASP C 499 51.81 19.60 38.02
N ASN C 500 51.05 20.39 38.78
CA ASN C 500 49.68 20.82 38.38
C ASN C 500 49.66 21.28 36.94
N GLY C 501 50.61 22.16 36.61
CA GLY C 501 50.79 22.65 35.26
C GLY C 501 50.98 21.52 34.26
N GLN C 502 51.99 20.70 34.51
CA GLN C 502 52.37 19.65 33.54
C GLN C 502 51.26 18.63 33.28
N ARG C 503 50.66 18.09 34.34
CA ARG C 503 49.56 17.11 34.17
C ARG C 503 48.32 17.76 33.51
N GLY C 504 48.11 19.05 33.75
CA GLY C 504 47.06 19.85 33.07
C GLY C 504 47.11 19.86 31.53
N TYR C 505 48.31 20.04 31.00
CA TYR C 505 48.49 20.08 29.54
C TYR C 505 48.52 18.71 28.89
N LEU C 506 49.06 17.70 29.58
CA LEU C 506 49.05 16.31 29.05
C LEU C 506 47.62 15.75 28.92
N LEU C 507 46.77 16.22 29.82
CA LEU C 507 45.35 15.88 29.86
C LEU C 507 44.53 16.26 28.61
N THR C 508 44.94 17.31 27.92
CA THR C 508 44.08 17.91 26.88
C THR C 508 43.81 16.99 25.67
N TYR C 509 44.76 16.11 25.36
CA TYR C 509 44.61 15.15 24.22
C TYR C 509 43.86 13.85 24.54
N VAL C 510 43.44 13.69 25.80
CA VAL C 510 42.55 12.59 26.24
C VAL C 510 41.09 13.01 26.56
N ILE C 511 40.84 14.28 26.86
CA ILE C 511 39.48 14.78 27.15
C ILE C 511 38.50 14.33 26.08
N ALA C 512 38.87 14.41 24.81
CA ALA C 512 37.97 14.08 23.69
C ALA C 512 37.45 12.64 23.71
N TYR C 513 38.27 11.73 24.26
CA TYR C 513 37.91 10.31 24.41
C TYR C 513 36.81 10.05 25.44
N MET C 514 36.62 10.98 26.37
CA MET C 514 35.63 10.83 27.44
C MET C 514 34.19 10.94 26.97
N ARG C 515 33.95 11.50 25.79
CA ARG C 515 32.60 11.52 25.23
C ARG C 515 32.07 10.11 25.18
N ASP C 516 32.84 9.23 24.53
CA ASP C 516 32.45 7.82 24.35
C ASP C 516 32.21 7.13 25.72
N LEU C 517 33.05 7.43 26.72
CA LEU C 517 32.89 6.88 28.07
C LEU C 517 31.54 7.27 28.67
N GLY C 518 31.27 8.57 28.65
CA GLY C 518 30.01 9.10 29.11
C GLY C 518 28.81 8.49 28.38
N LEU C 519 28.94 8.28 27.09
CA LEU C 519 27.82 7.73 26.30
C LEU C 519 27.38 6.33 26.76
N GLU C 520 28.33 5.52 27.27
CA GLU C 520 28.03 4.17 27.77
C GLU C 520 27.07 4.31 28.95
N TYR C 521 27.36 5.29 29.80
CA TYR C 521 26.68 5.47 31.09
C TYR C 521 25.65 6.61 31.10
N TYR C 522 24.93 6.74 29.99
CA TYR C 522 23.78 7.67 29.88
C TYR C 522 24.11 9.14 30.17
N ILE C 523 25.33 9.56 29.79
CA ILE C 523 25.82 10.96 29.94
C ILE C 523 26.12 11.58 28.57
N ILE C 524 25.51 12.73 28.29
CA ILE C 524 25.79 13.45 27.06
C ILE C 524 26.23 14.87 27.37
N GLY C 525 26.95 15.44 26.40
CA GLY C 525 27.54 16.76 26.57
C GLY C 525 28.47 17.12 25.45
N GLU C 526 28.75 18.42 25.38
CA GLU C 526 29.62 19.00 24.36
C GLU C 526 30.31 20.24 24.91
N SER C 527 31.50 20.50 24.38
CA SER C 527 32.20 21.77 24.60
C SER C 527 31.78 22.84 23.59
N PHE C 528 31.77 24.07 24.05
CA PHE C 528 31.46 25.20 23.17
C PHE C 528 32.25 26.42 23.62
N GLU C 529 32.36 27.40 22.73
CA GLU C 529 33.25 28.54 22.98
C GLU C 529 32.73 29.88 22.47
N THR C 530 33.39 30.93 22.94
CA THR C 530 33.18 32.28 22.47
C THR C 530 34.42 33.09 22.72
N SER C 531 34.49 34.25 22.08
CA SER C 531 35.41 35.31 22.48
C SER C 531 34.60 36.54 22.90
N ALA C 532 35.11 37.26 23.90
CA ALA C 532 34.43 38.45 24.42
C ALA C 532 35.40 39.47 24.93
N PRO C 533 34.96 40.74 25.03
CA PRO C 533 35.82 41.75 25.59
C PRO C 533 36.12 41.49 27.06
N TRP C 534 37.25 41.98 27.53
CA TRP C 534 37.63 41.82 28.92
C TRP C 534 36.52 42.22 29.93
N ASP C 535 35.86 43.35 29.69
CA ASP C 535 34.86 43.86 30.64
C ASP C 535 33.54 43.08 30.64
N ARG C 536 33.40 42.11 29.74
CA ARG C 536 32.21 41.23 29.71
C ARG C 536 32.46 39.80 30.15
N VAL C 537 33.71 39.44 30.45
CA VAL C 537 34.12 38.03 30.71
C VAL C 537 33.37 37.43 31.92
N VAL C 538 33.54 38.08 33.06
CA VAL C 538 33.06 37.57 34.34
C VAL C 538 31.55 37.37 34.33
N ASP C 539 30.84 38.39 33.85
CA ASP C 539 29.37 38.34 33.75
C ASP C 539 28.91 37.29 32.76
N LEU C 540 29.63 37.15 31.65
CA LEU C 540 29.28 36.19 30.62
C LEU C 540 29.34 34.76 31.14
N CYS C 541 30.45 34.44 31.79
CA CYS C 541 30.69 33.08 32.31
C CYS C 541 29.57 32.71 33.30
N ARG C 542 29.34 33.61 34.26
CA ARG C 542 28.30 33.38 35.28
C ARG C 542 26.88 33.20 34.70
N ASN C 543 26.50 34.07 33.77
CA ASN C 543 25.15 34.04 33.15
C ASN C 543 24.94 32.89 32.17
N VAL C 544 25.99 32.45 31.49
CA VAL C 544 25.88 31.29 30.60
C VAL C 544 25.70 30.02 31.39
N LYS C 545 26.48 29.82 32.46
CA LYS C 545 26.32 28.65 33.34
C LYS C 545 24.94 28.59 33.96
N GLU C 546 24.49 29.74 34.49
CA GLU C 546 23.12 29.86 35.03
C GLU C 546 22.06 29.51 34.01
N ARG C 547 22.21 30.04 32.80
CA ARG C 547 21.28 29.74 31.69
C ARG C 547 21.21 28.25 31.37
N ILE C 548 22.32 27.55 31.50
CA ILE C 548 22.36 26.11 31.30
C ILE C 548 21.55 25.40 32.39
N ARG C 549 21.80 25.73 33.66
CA ARG C 549 21.05 25.11 34.80
C ARG C 549 19.55 25.28 34.71
N ARG C 550 19.14 26.50 34.46
CA ARG C 550 17.72 26.85 34.30
C ARG C 550 17.06 26.07 33.16
N GLU C 551 17.67 26.15 31.98
CA GLU C 551 17.12 25.48 30.78
C GLU C 551 17.01 23.98 30.99
N CYS C 552 18.02 23.38 31.61
CA CYS C 552 17.99 21.95 31.95
C CYS C 552 16.80 21.62 32.86
N LYS C 553 16.71 22.33 33.99
CA LYS C 553 15.60 22.14 34.94
C LYS C 553 14.23 22.23 34.25
N GLU C 554 14.03 23.30 33.49
CA GLU C 554 12.79 23.51 32.73
C GLU C 554 12.44 22.40 31.71
N LYS C 555 13.45 21.77 31.15
CA LYS C 555 13.27 20.69 30.14
C LYS C 555 13.21 19.27 30.72
N GLY C 556 13.33 19.17 32.05
CA GLY C 556 13.07 17.93 32.77
C GLY C 556 14.27 17.10 33.11
N VAL C 557 15.42 17.74 33.34
CA VAL C 557 16.63 17.00 33.69
C VAL C 557 16.56 16.72 35.16
N GLN C 558 16.83 15.49 35.53
CA GLN C 558 16.74 15.10 36.93
C GLN C 558 17.86 15.70 37.78
N PHE C 559 19.09 15.70 37.26
CA PHE C 559 20.26 16.13 38.04
C PHE C 559 20.86 17.42 37.55
N PRO C 560 21.38 18.25 38.48
CA PRO C 560 21.93 19.53 38.05
C PRO C 560 23.04 19.29 37.02
N PRO C 561 22.91 19.87 35.81
CA PRO C 561 23.90 19.64 34.76
C PRO C 561 25.22 20.27 35.10
N LEU C 562 26.30 19.62 34.64
CA LEU C 562 27.67 20.09 34.81
C LEU C 562 27.81 21.18 33.75
N SER C 563 28.13 22.40 34.18
CA SER C 563 28.53 23.47 33.27
C SER C 563 29.68 24.23 33.89
N THR C 564 30.84 24.09 33.25
CA THR C 564 32.10 24.72 33.70
C THR C 564 32.68 25.55 32.56
N CYS C 565 33.67 26.37 32.92
CA CYS C 565 34.40 27.16 31.92
C CYS C 565 35.85 27.35 32.28
N ARG C 566 36.64 27.65 31.25
CA ARG C 566 37.99 28.16 31.43
C ARG C 566 38.35 29.16 30.36
N VAL C 567 39.18 30.11 30.73
CA VAL C 567 39.70 31.10 29.81
C VAL C 567 40.96 30.49 29.20
N THR C 568 40.93 30.26 27.89
CA THR C 568 42.02 29.54 27.17
C THR C 568 43.03 30.42 26.42
N GLN C 569 42.58 31.59 25.98
CA GLN C 569 43.44 32.55 25.32
C GLN C 569 43.18 33.96 25.82
N THR C 570 44.25 34.74 25.86
CA THR C 570 44.16 36.18 26.12
C THR C 570 44.58 36.96 24.88
N TYR C 571 43.95 38.10 24.70
CA TYR C 571 44.24 39.03 23.63
C TYR C 571 44.28 40.41 24.26
N ASP C 572 44.76 41.38 23.48
CA ASP C 572 44.70 42.78 23.87
C ASP C 572 43.27 43.18 24.21
N ALA C 573 42.36 42.94 23.28
CA ALA C 573 40.98 43.43 23.39
C ALA C 573 39.99 42.51 24.12
N GLY C 574 40.44 41.33 24.53
CA GLY C 574 39.55 40.39 25.20
C GLY C 574 40.16 39.01 25.37
N ALA C 575 39.28 38.00 25.45
CA ALA C 575 39.66 36.61 25.76
C ALA C 575 38.75 35.58 25.14
N CYS C 576 39.31 34.38 24.99
CA CYS C 576 38.55 33.23 24.53
C CYS C 576 38.08 32.48 25.74
N ILE C 577 36.82 32.07 25.74
CA ILE C 577 36.23 31.35 26.88
C ILE C 577 35.70 30.03 26.38
N TYR C 578 36.12 28.96 27.05
CA TYR C 578 35.84 27.59 26.63
C TYR C 578 34.94 26.94 27.69
N PHE C 579 33.75 26.50 27.26
CA PHE C 579 32.72 25.89 28.14
C PHE C 579 32.57 24.37 27.93
N TYR C 580 32.47 23.61 29.03
CA TYR C 580 31.93 22.23 28.99
C TYR C 580 30.53 22.24 29.57
N PHE C 581 29.63 21.47 28.98
CA PHE C 581 28.36 21.21 29.63
C PHE C 581 27.92 19.78 29.38
N ALA C 582 27.44 19.13 30.43
CA ALA C 582 26.95 17.75 30.32
C ALA C 582 25.90 17.42 31.35
N PHE C 583 25.08 16.43 31.01
CA PHE C 583 24.05 15.92 31.91
C PHE C 583 23.73 14.44 31.76
N ASN C 584 23.30 13.86 32.88
CA ASN C 584 22.72 12.52 32.97
C ASN C 584 21.36 12.62 32.32
N TYR C 585 21.17 11.94 31.20
CA TYR C 585 19.89 12.03 30.47
C TYR C 585 18.90 10.92 30.79
N ARG C 586 19.20 10.10 31.81
CA ARG C 586 18.33 8.98 32.23
C ARG C 586 17.00 9.54 32.76
N GLY C 587 15.90 9.11 32.14
CA GLY C 587 14.55 9.55 32.49
C GLY C 587 14.02 10.73 31.70
N ILE C 588 14.54 10.91 30.49
CA ILE C 588 14.14 12.01 29.61
C ILE C 588 13.60 11.44 28.29
N SER C 589 12.45 11.95 27.88
CA SER C 589 11.75 11.49 26.69
C SER C 589 12.65 11.54 25.44
N ASP C 590 13.09 12.75 25.08
CA ASP C 590 13.87 13.03 23.86
C ASP C 590 15.18 13.76 24.24
N PRO C 591 16.24 12.99 24.57
CA PRO C 591 17.44 13.62 25.13
C PRO C 591 18.28 14.45 24.15
N LEU C 592 18.27 14.10 22.86
CA LEU C 592 18.98 14.89 21.83
C LEU C 592 18.36 16.26 21.55
N ALA C 593 17.04 16.35 21.60
CA ALA C 593 16.32 17.63 21.50
C ALA C 593 16.64 18.53 22.71
N VAL C 594 16.76 17.92 23.90
CA VAL C 594 17.08 18.68 25.13
C VAL C 594 18.47 19.31 25.03
N PHE C 595 19.45 18.50 24.63
CA PHE C 595 20.81 18.96 24.39
C PHE C 595 20.83 20.06 23.31
N GLU C 596 20.25 19.76 22.17
CA GLU C 596 20.20 20.68 21.03
C GLU C 596 19.66 22.06 21.45
N GLN C 597 18.51 22.05 22.12
CA GLN C 597 17.83 23.28 22.57
C GLN C 597 18.61 24.07 23.65
N THR C 598 19.23 23.37 24.59
CA THR C 598 20.09 23.97 25.62
C THR C 598 21.36 24.60 25.00
N GLU C 599 22.01 23.91 24.07
CA GLU C 599 23.20 24.46 23.40
C GLU C 599 22.82 25.79 22.72
N ALA C 600 21.66 25.80 22.06
CA ALA C 600 21.17 26.99 21.35
C ALA C 600 20.80 28.13 22.31
N ALA C 601 20.36 27.76 23.50
CA ALA C 601 20.07 28.73 24.56
C ALA C 601 21.37 29.36 25.10
N ALA C 602 22.38 28.52 25.29
CA ALA C 602 23.70 28.98 25.75
C ALA C 602 24.28 30.00 24.75
N ARG C 603 24.15 29.70 23.46
CA ARG C 603 24.60 30.60 22.40
C ARG C 603 23.86 31.94 22.45
N GLU C 604 22.54 31.88 22.65
CA GLU C 604 21.73 33.10 22.83
C GLU C 604 22.24 33.93 24.02
N GLU C 605 22.52 33.26 25.13
CA GLU C 605 23.03 33.92 26.32
C GLU C 605 24.38 34.53 26.03
N ILE C 606 25.28 33.74 25.41
CA ILE C 606 26.62 34.23 25.03
C ILE C 606 26.48 35.55 24.27
N LEU C 607 25.68 35.56 23.23
CA LEU C 607 25.54 36.76 22.36
C LEU C 607 24.98 37.96 23.11
N ALA C 608 23.98 37.69 23.94
CA ALA C 608 23.37 38.71 24.78
C ALA C 608 24.33 39.32 25.82
N ASN C 609 25.36 38.57 26.20
CA ASN C 609 26.39 39.05 27.15
C ASN C 609 27.65 39.59 26.44
N GLY C 610 27.51 39.89 25.16
CA GLY C 610 28.58 40.53 24.39
C GLY C 610 29.67 39.62 23.86
N GLY C 611 29.45 38.31 23.94
CA GLY C 611 30.34 37.32 23.34
C GLY C 611 30.11 37.18 21.84
N SER C 612 31.08 36.55 21.18
CA SER C 612 31.06 36.31 19.74
C SER C 612 30.37 34.98 19.38
N LEU C 613 29.93 34.92 18.14
CA LEU C 613 29.33 33.73 17.59
C LEU C 613 30.29 32.52 17.59
N SER C 614 31.56 32.79 17.30
CA SER C 614 32.61 31.79 17.51
C SER C 614 33.97 32.47 17.58
N HIS C 615 34.84 31.94 18.44
CA HIS C 615 36.26 32.30 18.50
C HIS C 615 37.06 31.45 17.48
N HIS C 616 36.86 30.14 17.50
CA HIS C 616 37.61 29.21 16.64
C HIS C 616 36.90 27.98 16.00
N HIS C 617 35.79 27.53 16.55
CA HIS C 617 35.06 26.40 15.93
C HIS C 617 34.43 26.74 14.61
N GLY C 618 34.14 28.02 14.41
CA GLY C 618 33.49 28.46 13.19
C GLY C 618 31.97 28.22 13.19
N VAL C 619 31.38 28.44 12.03
CA VAL C 619 29.92 28.48 11.87
C VAL C 619 29.37 27.17 11.31
N GLY C 620 29.92 26.74 10.19
CA GLY C 620 29.46 25.55 9.47
C GLY C 620 27.99 25.65 9.09
N LYS C 621 27.22 24.63 9.51
CA LYS C 621 25.75 24.70 9.49
C LYS C 621 25.11 24.84 10.88
N LEU C 622 25.91 24.67 11.94
CA LEU C 622 25.40 24.73 13.30
C LEU C 622 24.99 26.12 13.71
N ARG C 623 25.71 27.13 13.24
CA ARG C 623 25.46 28.55 13.63
C ARG C 623 25.02 29.52 12.47
N LYS C 624 24.57 28.95 11.35
CA LYS C 624 24.14 29.78 10.22
C LYS C 624 23.11 30.85 10.56
N GLN C 625 22.17 30.52 11.44
CA GLN C 625 21.04 31.43 11.70
C GLN C 625 21.51 32.79 12.29
N TRP C 626 22.56 32.75 13.10
CA TRP C 626 23.10 33.98 13.69
C TRP C 626 24.05 34.85 12.80
N LEU C 627 24.54 34.30 11.71
CA LEU C 627 25.60 34.96 10.96
C LEU C 627 25.21 36.36 10.48
N LYS C 628 24.02 36.53 9.90
CA LYS C 628 23.59 37.85 9.40
C LYS C 628 23.61 38.93 10.47
N GLU C 629 23.15 38.61 11.67
CA GLU C 629 23.30 39.52 12.83
C GLU C 629 24.75 39.84 13.15
N SER C 630 25.59 38.80 13.18
CA SER C 630 27.01 38.90 13.54
C SER C 630 27.86 39.77 12.63
N ILE C 631 27.63 39.68 11.31
CA ILE C 631 28.45 40.41 10.34
C ILE C 631 27.73 41.51 9.54
N SER C 632 26.42 41.65 9.80
CA SER C 632 25.48 42.59 9.13
C SER C 632 24.99 42.03 7.79
N ASP C 633 23.88 42.55 7.28
CA ASP C 633 23.27 42.04 6.02
C ASP C 633 24.14 42.32 4.77
N VAL C 634 24.64 43.56 4.66
CA VAL C 634 25.56 43.89 3.57
C VAL C 634 26.76 42.96 3.61
N GLY C 635 27.28 42.67 4.80
CA GLY C 635 28.46 41.82 4.95
C GLY C 635 28.23 40.42 4.46
N PHE C 636 27.10 39.86 4.89
CA PHE C 636 26.58 38.56 4.42
C PHE C 636 26.53 38.54 2.89
N GLY C 637 25.98 39.61 2.31
CA GLY C 637 25.88 39.76 0.87
C GLY C 637 27.21 39.87 0.16
N MET C 638 28.20 40.45 0.83
CA MET C 638 29.56 40.47 0.32
C MET C 638 30.04 39.03 0.20
N LEU C 639 29.87 38.24 1.26
CA LEU C 639 30.30 36.82 1.22
C LEU C 639 29.63 36.08 0.07
N LYS C 640 28.32 36.33 -0.12
CA LYS C 640 27.50 35.67 -1.15
C LYS C 640 27.95 36.09 -2.53
N SER C 641 28.24 37.36 -2.70
CA SER C 641 28.70 37.85 -3.99
C SER C 641 29.96 37.12 -4.46
N VAL C 642 30.85 36.80 -3.51
CA VAL C 642 32.12 36.11 -3.77
C VAL C 642 31.82 34.66 -4.15
N LYS C 643 31.14 33.96 -3.25
CA LYS C 643 30.65 32.58 -3.51
C LYS C 643 30.08 32.46 -4.92
N ASP C 644 29.23 33.40 -5.31
CA ASP C 644 28.54 33.33 -6.62
C ASP C 644 29.43 33.61 -7.83
N TYR C 645 30.50 34.38 -7.64
CA TYR C 645 31.53 34.56 -8.69
C TYR C 645 32.42 33.32 -8.84
N VAL C 646 32.88 32.83 -7.71
CA VAL C 646 33.88 31.78 -7.67
C VAL C 646 33.29 30.41 -8.03
N ASP C 647 32.09 30.15 -7.55
CA ASP C 647 31.42 28.84 -7.65
C ASP C 647 29.94 29.04 -8.03
N PRO C 648 29.70 29.58 -9.23
CA PRO C 648 28.35 29.95 -9.60
C PRO C 648 27.36 28.81 -9.50
N THR C 649 27.71 27.59 -9.83
CA THR C 649 26.69 26.52 -9.77
C THR C 649 26.79 25.67 -8.51
N ASN C 650 27.41 26.21 -7.48
CA ASN C 650 27.37 25.59 -6.15
C ASN C 650 27.98 24.20 -6.11
N ILE C 651 29.05 23.95 -6.89
CA ILE C 651 29.77 22.66 -6.84
C ILE C 651 30.19 22.37 -5.40
N PHE C 652 30.74 23.39 -4.75
CA PHE C 652 31.16 23.32 -3.34
C PHE C 652 29.99 23.60 -2.42
N GLY C 653 29.14 22.57 -2.29
CA GLY C 653 27.77 22.71 -1.78
C GLY C 653 27.48 22.04 -0.46
N ASN C 654 28.46 22.04 0.43
CA ASN C 654 28.19 21.72 1.84
C ASN C 654 27.19 22.72 2.51
N ARG C 655 26.98 23.87 1.88
CA ARG C 655 26.03 24.87 2.37
C ARG C 655 26.35 25.38 3.78
N ASN C 656 27.64 25.42 4.09
CA ASN C 656 28.11 26.04 5.31
C ASN C 656 27.98 27.55 5.13
N LEU C 657 27.86 28.26 6.25
CA LEU C 657 27.89 29.74 6.31
C LEU C 657 26.63 30.44 5.85
N LEU C 658 26.40 30.44 4.56
CA LEU C 658 25.39 31.29 3.92
C LEU C 658 24.01 30.63 3.80
N GLY D 81 7.99 -26.98 -7.25
CA GLY D 81 6.58 -26.87 -6.72
C GLY D 81 5.44 -26.64 -7.73
N ILE D 82 5.77 -26.06 -8.89
CA ILE D 82 4.84 -26.00 -10.04
C ILE D 82 4.77 -27.37 -10.72
N ILE D 83 3.56 -27.84 -10.99
CA ILE D 83 3.32 -29.07 -11.73
C ILE D 83 3.66 -28.86 -13.22
N PRO D 84 4.57 -29.67 -13.81
CA PRO D 84 4.87 -29.50 -15.23
C PRO D 84 3.75 -30.04 -16.13
N LYS D 85 3.89 -29.80 -17.43
CA LYS D 85 2.87 -30.23 -18.40
C LYS D 85 2.87 -31.75 -18.63
N LYS D 86 4.06 -32.29 -18.90
CA LYS D 86 4.27 -33.73 -19.03
C LYS D 86 4.46 -34.23 -17.58
N ARG D 87 3.34 -34.57 -16.94
CA ARG D 87 3.32 -34.89 -15.48
C ARG D 87 4.11 -36.13 -15.12
N GLN D 88 3.93 -37.17 -15.95
CA GLN D 88 4.66 -38.47 -15.86
C GLN D 88 6.19 -38.35 -15.69
N GLU D 89 6.77 -37.24 -16.13
CA GLU D 89 8.21 -36.97 -15.97
C GLU D 89 8.66 -36.74 -14.51
N LEU D 90 7.78 -36.20 -13.69
CA LEU D 90 8.04 -36.02 -12.24
C LEU D 90 7.23 -36.98 -11.32
N MET D 91 6.02 -37.32 -11.77
CA MET D 91 5.06 -38.09 -10.97
C MET D 91 4.76 -39.47 -11.55
N LYS D 92 4.30 -40.35 -10.67
CA LYS D 92 3.89 -41.70 -11.07
C LYS D 92 2.64 -41.70 -11.96
N TRP D 93 2.75 -42.38 -13.08
CA TRP D 93 1.67 -42.52 -14.06
C TRP D 93 0.58 -43.48 -13.58
N ASN D 94 0.96 -44.42 -12.71
CA ASN D 94 0.07 -45.52 -12.25
C ASN D 94 -0.23 -45.56 -10.75
N GLY D 95 0.17 -44.51 -10.03
CA GLY D 95 -0.10 -44.41 -8.61
C GLY D 95 0.10 -43.02 -8.05
N TRP D 96 0.17 -42.94 -6.73
CA TRP D 96 0.27 -41.69 -6.01
C TRP D 96 1.72 -41.20 -5.95
N GLY D 97 1.89 -39.91 -6.12
CA GLY D 97 3.10 -39.22 -5.69
C GLY D 97 4.18 -39.05 -6.73
N TYR D 98 5.37 -38.79 -6.22
CA TYR D 98 6.57 -38.57 -7.03
C TYR D 98 7.25 -39.89 -7.40
N ASN D 99 7.70 -39.98 -8.66
CA ASN D 99 8.45 -41.15 -9.20
C ASN D 99 9.63 -41.56 -8.33
N ASP D 100 10.35 -40.57 -7.81
CA ASP D 100 11.50 -40.83 -6.94
C ASP D 100 11.19 -41.41 -5.54
N SER D 101 9.90 -41.53 -5.20
CA SER D 101 9.47 -41.98 -3.87
C SER D 101 8.58 -43.22 -3.97
N LYS D 102 9.18 -44.38 -3.65
CA LYS D 102 8.55 -45.72 -3.68
C LYS D 102 9.03 -46.54 -2.48
N PHE D 103 8.16 -47.40 -1.95
CA PHE D 103 8.59 -48.35 -0.90
C PHE D 103 9.26 -49.56 -1.54
N PHE D 104 10.40 -49.96 -0.99
CA PHE D 104 11.14 -51.15 -1.47
C PHE D 104 11.76 -51.91 -0.29
N LEU D 105 12.20 -53.14 -0.56
CA LEU D 105 12.99 -53.95 0.39
C LEU D 105 14.47 -53.68 0.26
N ASN D 106 15.07 -53.10 1.30
CA ASN D 106 16.50 -52.71 1.26
C ASN D 106 17.40 -53.94 1.36
N LYS D 107 18.72 -53.74 1.24
CA LYS D 107 19.71 -54.85 1.28
C LYS D 107 19.82 -55.64 2.62
N LYS D 108 19.13 -55.18 3.67
CA LYS D 108 18.87 -55.96 4.90
C LYS D 108 17.50 -56.69 4.94
N GLY D 109 16.70 -56.58 3.88
CA GLY D 109 15.32 -57.13 3.83
C GLY D 109 14.29 -56.39 4.67
N GLN D 110 14.53 -55.10 4.86
CA GLN D 110 13.66 -54.19 5.61
C GLN D 110 13.01 -53.24 4.61
N LEU D 111 11.80 -52.79 4.92
CA LEU D 111 11.11 -51.80 4.08
C LEU D 111 11.75 -50.42 4.28
N GLU D 112 11.88 -49.70 3.17
CA GLU D 112 12.53 -48.38 3.15
C GLU D 112 11.91 -47.57 2.01
N LEU D 113 11.96 -46.26 2.16
CA LEU D 113 11.45 -45.33 1.15
C LEU D 113 12.60 -44.75 0.32
N THR D 114 12.40 -44.69 -0.99
CA THR D 114 13.38 -44.17 -1.95
C THR D 114 13.53 -42.65 -1.85
N GLY D 115 14.63 -42.14 -2.37
CA GLY D 115 14.80 -40.71 -2.63
C GLY D 115 15.22 -39.99 -1.38
N LYS D 116 15.21 -38.67 -1.46
CA LYS D 116 15.58 -37.78 -0.32
C LYS D 116 14.44 -36.81 0.03
N ARG D 117 13.21 -37.14 -0.36
CA ARG D 117 12.11 -36.15 -0.40
C ARG D 117 11.41 -35.84 0.94
N TYR D 118 11.05 -36.88 1.68
CA TYR D 118 10.36 -36.74 2.97
C TYR D 118 11.32 -37.02 4.10
N PRO D 119 10.98 -36.61 5.35
CA PRO D 119 11.74 -37.01 6.52
C PRO D 119 12.10 -38.52 6.58
N LEU D 120 11.13 -39.40 6.30
CA LEU D 120 11.34 -40.87 6.32
C LEU D 120 11.98 -41.45 5.05
N SER D 121 12.23 -40.61 4.05
CA SER D 121 12.97 -41.03 2.86
C SER D 121 14.41 -41.43 3.25
N GLY D 122 14.84 -42.59 2.76
CA GLY D 122 16.16 -43.12 3.06
C GLY D 122 16.38 -43.57 4.49
N VAL D 123 15.30 -43.84 5.21
CA VAL D 123 15.34 -44.33 6.59
C VAL D 123 14.68 -45.71 6.61
N ALA D 124 15.43 -46.68 7.13
CA ALA D 124 14.95 -48.07 7.22
C ALA D 124 13.98 -48.25 8.40
N LEU D 125 13.02 -49.13 8.17
CA LEU D 125 11.84 -49.31 9.03
C LEU D 125 11.75 -50.79 9.45
N PRO D 126 12.57 -51.18 10.47
CA PRO D 126 12.75 -52.63 10.73
C PRO D 126 11.48 -53.44 11.07
N THR D 127 10.55 -52.81 11.78
CA THR D 127 9.32 -53.48 12.27
C THR D 127 8.14 -53.44 11.27
N PHE D 128 8.27 -52.64 10.22
CA PHE D 128 7.17 -52.41 9.29
C PHE D 128 6.84 -53.67 8.48
N LYS D 129 7.87 -54.41 8.09
CA LYS D 129 7.66 -55.68 7.39
C LYS D 129 6.83 -56.64 8.25
N ASP D 130 7.32 -56.85 9.47
CA ASP D 130 6.67 -57.77 10.45
C ASP D 130 5.20 -57.40 10.68
N TRP D 131 4.96 -56.09 10.82
CA TRP D 131 3.61 -55.57 11.02
C TRP D 131 2.66 -55.95 9.87
N ILE D 132 3.09 -55.77 8.62
CA ILE D 132 2.25 -56.13 7.44
C ILE D 132 1.95 -57.62 7.43
N GLN D 133 2.96 -58.42 7.75
CA GLN D 133 2.81 -59.89 7.80
C GLN D 133 1.83 -60.29 8.90
N ASN D 134 2.06 -59.79 10.12
CA ASN D 134 1.18 -60.07 11.29
C ASN D 134 -0.27 -59.63 11.07
N THR D 135 -0.45 -58.47 10.47
CA THR D 135 -1.78 -57.87 10.28
C THR D 135 -2.58 -58.53 9.14
N PHE D 136 -1.90 -58.95 8.07
CA PHE D 136 -2.57 -59.45 6.84
C PHE D 136 -2.40 -60.92 6.45
N GLY D 137 -1.41 -61.59 7.04
CA GLY D 137 -1.14 -63.01 6.74
C GLY D 137 -0.62 -63.22 5.33
N ILE D 138 0.47 -62.53 5.03
CA ILE D 138 1.18 -62.66 3.74
C ILE D 138 2.67 -62.78 4.04
N ASN D 139 3.44 -63.12 3.01
CA ASN D 139 4.88 -63.38 3.14
C ASN D 139 5.75 -62.17 2.83
N THR D 155 -5.78 -47.73 -25.33
CA THR D 155 -6.07 -46.32 -25.55
C THR D 155 -7.08 -46.08 -26.67
N PRO D 156 -8.22 -45.40 -26.40
CA PRO D 156 -9.06 -44.95 -27.50
C PRO D 156 -8.42 -43.83 -28.31
N PRO D 157 -8.85 -43.66 -29.57
CA PRO D 157 -8.29 -42.59 -30.38
C PRO D 157 -8.92 -41.23 -30.04
N SER D 158 -8.17 -40.19 -30.35
CA SER D 158 -8.56 -38.81 -30.05
C SER D 158 -9.50 -38.30 -31.16
N ILE D 159 -10.71 -37.95 -30.77
CA ILE D 159 -11.78 -37.56 -31.71
C ILE D 159 -12.01 -36.05 -31.61
N VAL D 160 -11.32 -35.27 -32.43
CA VAL D 160 -11.40 -33.79 -32.32
C VAL D 160 -11.66 -33.12 -33.66
N ASN D 161 -12.50 -32.10 -33.65
CA ASN D 161 -12.82 -31.31 -34.84
C ASN D 161 -11.59 -30.48 -35.30
N GLU D 162 -11.34 -30.47 -36.61
CA GLU D 162 -10.17 -29.76 -37.20
C GLU D 162 -10.35 -28.22 -37.31
N ASP D 163 -11.60 -27.72 -37.39
CA ASP D 163 -11.92 -26.25 -37.36
C ASP D 163 -11.73 -25.61 -35.96
N PHE D 164 -12.14 -26.33 -34.93
CA PHE D 164 -11.90 -25.94 -33.52
C PHE D 164 -10.39 -25.87 -33.27
N LEU D 165 -9.71 -26.95 -33.67
CA LEU D 165 -8.24 -27.11 -33.57
C LEU D 165 -7.49 -25.96 -34.27
N HIS D 166 -8.05 -25.53 -35.40
CA HIS D 166 -7.55 -24.38 -36.18
C HIS D 166 -7.64 -23.09 -35.35
N GLU D 167 -8.82 -22.83 -34.76
CA GLU D 167 -9.01 -21.64 -33.91
C GLU D 167 -8.16 -21.66 -32.63
N LEU D 168 -8.02 -22.86 -32.06
CA LEU D 168 -7.19 -23.11 -30.89
C LEU D 168 -5.71 -22.79 -31.12
N LYS D 169 -5.21 -23.09 -32.32
CA LYS D 169 -3.83 -22.74 -32.71
C LYS D 169 -3.60 -21.22 -32.78
N LYS D 170 -4.65 -20.48 -33.12
CA LYS D 170 -4.60 -19.02 -33.16
C LYS D 170 -4.44 -18.35 -31.78
N THR D 171 -4.72 -19.08 -30.70
CA THR D 171 -4.68 -18.54 -29.34
C THR D 171 -3.34 -18.74 -28.62
N ASN D 172 -2.47 -19.58 -29.16
CA ASN D 172 -1.26 -20.03 -28.46
C ASN D 172 -1.56 -20.50 -27.04
N ILE D 173 -2.63 -21.28 -26.90
CA ILE D 173 -2.92 -22.01 -25.68
C ILE D 173 -2.36 -23.38 -25.98
N SER D 174 -1.43 -23.80 -25.16
CA SER D 174 -0.80 -25.10 -25.32
C SER D 174 -1.84 -26.21 -25.23
N TYR D 175 -1.65 -27.26 -26.00
CA TYR D 175 -2.59 -28.39 -26.04
C TYR D 175 -1.87 -29.67 -26.45
N SER D 176 -2.52 -30.79 -26.18
CA SER D 176 -1.95 -32.11 -26.41
C SER D 176 -3.06 -33.12 -26.66
N GLN D 177 -2.84 -33.99 -27.64
CA GLN D 177 -3.75 -35.13 -27.98
C GLN D 177 -3.09 -36.46 -27.64
N GLU D 178 -1.97 -36.42 -26.93
CA GLU D 178 -1.12 -37.58 -26.69
C GLU D 178 -1.74 -38.50 -25.67
N ALA D 179 -1.66 -39.80 -25.96
CA ALA D 179 -2.23 -40.85 -25.08
C ALA D 179 -1.90 -40.66 -23.62
N ASP D 180 -0.60 -40.65 -23.33
CA ASP D 180 -0.12 -40.64 -21.93
C ASP D 180 -0.52 -39.38 -21.13
N ASP D 181 -0.72 -38.25 -21.82
CA ASP D 181 -1.22 -37.01 -21.18
C ASP D 181 -2.71 -37.12 -20.85
N ARG D 182 -3.46 -37.71 -21.76
CA ARG D 182 -4.91 -37.89 -21.61
C ARG D 182 -5.24 -38.97 -20.58
N VAL D 183 -4.46 -40.03 -20.58
CA VAL D 183 -4.62 -41.08 -19.58
C VAL D 183 -4.31 -40.55 -18.18
N PHE D 184 -3.29 -39.72 -18.06
CA PHE D 184 -2.95 -39.11 -16.75
C PHE D 184 -4.14 -38.33 -16.12
N ARG D 185 -4.87 -37.60 -16.96
CA ARG D 185 -5.94 -36.69 -16.51
C ARG D 185 -7.36 -37.32 -16.49
N ALA D 186 -7.43 -38.65 -16.51
CA ALA D 186 -8.71 -39.40 -16.59
C ALA D 186 -9.09 -40.08 -15.26
N HIS D 187 -8.39 -39.73 -14.21
CA HIS D 187 -8.55 -40.40 -12.93
C HIS D 187 -8.06 -39.56 -11.79
N GLY D 188 -8.55 -39.90 -10.61
CA GLY D 188 -7.96 -39.49 -9.35
C GLY D 188 -7.37 -40.69 -8.65
N HIS D 189 -7.61 -40.80 -7.35
CA HIS D 189 -6.98 -41.84 -6.52
C HIS D 189 -7.97 -42.64 -5.69
N CYS D 190 -9.09 -43.00 -6.32
CA CYS D 190 -9.96 -44.05 -5.79
C CYS D 190 -9.37 -45.39 -6.23
N LEU D 191 -9.59 -46.44 -5.45
CA LEU D 191 -8.98 -47.77 -5.70
C LEU D 191 -9.25 -48.36 -7.08
N HIS D 192 -10.50 -48.37 -7.49
CA HIS D 192 -10.88 -48.94 -8.79
C HIS D 192 -10.11 -48.27 -9.96
N GLU D 193 -10.02 -46.94 -9.93
CA GLU D 193 -9.29 -46.16 -10.96
C GLU D 193 -7.82 -46.59 -11.07
N ILE D 194 -7.20 -46.82 -9.91
CA ILE D 194 -5.80 -47.23 -9.81
C ILE D 194 -5.58 -48.63 -10.39
N PHE D 195 -6.55 -49.52 -10.20
CA PHE D 195 -6.50 -50.86 -10.83
C PHE D 195 -6.60 -50.78 -12.35
N LEU D 196 -7.61 -50.09 -12.85
CA LEU D 196 -7.76 -49.93 -14.30
C LEU D 196 -6.54 -49.28 -14.95
N LEU D 197 -5.82 -48.49 -14.16
CA LEU D 197 -4.59 -47.83 -14.62
C LEU D 197 -3.44 -48.86 -14.75
N ARG D 198 -3.19 -49.59 -13.66
CA ARG D 198 -2.16 -50.65 -13.61
C ARG D 198 -2.41 -51.87 -14.49
N GLU D 199 -3.68 -52.26 -14.60
CA GLU D 199 -4.07 -53.58 -15.11
C GLU D 199 -5.07 -53.54 -16.26
N GLY D 200 -5.06 -52.47 -17.04
CA GLY D 200 -5.96 -52.40 -18.19
C GLY D 200 -6.14 -50.99 -18.69
N MET D 201 -7.39 -50.63 -18.93
CA MET D 201 -7.71 -49.36 -19.56
C MET D 201 -9.07 -48.83 -19.10
N PHE D 202 -9.21 -47.51 -19.18
CA PHE D 202 -10.46 -46.82 -18.89
C PHE D 202 -11.36 -46.95 -20.09
N GLU D 203 -12.66 -46.86 -19.85
CA GLU D 203 -13.63 -46.82 -20.94
C GLU D 203 -13.50 -45.53 -21.71
N ARG D 204 -13.62 -44.44 -20.98
CA ARG D 204 -13.56 -43.10 -21.57
C ARG D 204 -12.43 -42.30 -20.91
N ILE D 205 -11.74 -41.51 -21.73
CA ILE D 205 -10.68 -40.58 -21.28
C ILE D 205 -10.80 -39.27 -22.06
N PRO D 206 -10.13 -38.20 -21.60
CA PRO D 206 -10.28 -36.96 -22.33
C PRO D 206 -9.72 -37.09 -23.73
N ASP D 207 -10.34 -36.38 -24.67
CA ASP D 207 -9.92 -36.41 -26.06
C ASP D 207 -8.75 -35.46 -26.33
N ILE D 208 -8.79 -34.30 -25.69
CA ILE D 208 -7.69 -33.32 -25.77
C ILE D 208 -7.45 -32.68 -24.40
N VAL D 209 -6.21 -32.34 -24.12
CA VAL D 209 -5.83 -31.61 -22.90
C VAL D 209 -5.47 -30.20 -23.32
N LEU D 210 -5.95 -29.21 -22.56
CA LEU D 210 -5.58 -27.79 -22.77
C LEU D 210 -4.97 -27.26 -21.48
N TRP D 211 -3.99 -26.36 -21.62
CA TRP D 211 -3.30 -25.70 -20.50
C TRP D 211 -3.45 -24.18 -20.65
N PRO D 212 -4.57 -23.60 -20.18
CA PRO D 212 -4.60 -22.17 -20.11
C PRO D 212 -3.66 -21.69 -19.03
N THR D 213 -3.24 -20.44 -19.19
CA THR D 213 -2.26 -19.79 -18.31
C THR D 213 -2.83 -18.59 -17.54
N CYS D 214 -4.07 -18.20 -17.85
CA CYS D 214 -4.71 -17.05 -17.21
C CYS D 214 -6.24 -17.11 -17.33
N HIS D 215 -6.91 -16.14 -16.73
CA HIS D 215 -8.36 -16.03 -16.82
C HIS D 215 -8.89 -15.90 -18.28
N ASP D 216 -8.28 -15.01 -19.05
CA ASP D 216 -8.79 -14.74 -20.43
C ASP D 216 -8.69 -15.97 -21.33
N ASP D 217 -7.61 -16.74 -21.15
CA ASP D 217 -7.46 -18.05 -21.81
C ASP D 217 -8.65 -18.96 -21.52
N VAL D 218 -9.08 -19.02 -20.26
CA VAL D 218 -10.23 -19.85 -19.86
C VAL D 218 -11.53 -19.35 -20.52
N VAL D 219 -11.70 -18.04 -20.61
CA VAL D 219 -12.87 -17.46 -21.28
C VAL D 219 -12.91 -17.93 -22.73
N LYS D 220 -11.78 -17.81 -23.42
CA LYS D 220 -11.63 -18.32 -24.79
C LYS D 220 -12.03 -19.78 -24.95
N ILE D 221 -11.56 -20.63 -24.04
CA ILE D 221 -11.83 -22.08 -24.12
C ILE D 221 -13.30 -22.40 -23.96
N VAL D 222 -13.95 -21.69 -23.03
CA VAL D 222 -15.38 -21.90 -22.74
C VAL D 222 -16.25 -21.37 -23.89
N ASN D 223 -15.87 -20.23 -24.45
CA ASN D 223 -16.51 -19.69 -25.67
C ASN D 223 -16.36 -20.67 -26.85
N LEU D 224 -15.18 -21.27 -27.00
CA LEU D 224 -14.96 -22.33 -28.00
C LEU D 224 -15.80 -23.59 -27.75
N ALA D 225 -15.98 -23.97 -26.49
CA ALA D 225 -16.82 -25.13 -26.16
C ALA D 225 -18.30 -24.92 -26.46
N CYS D 226 -18.76 -23.68 -26.39
CA CYS D 226 -20.13 -23.33 -26.78
C CYS D 226 -20.32 -23.52 -28.29
N LYS D 227 -19.39 -22.95 -29.05
CA LYS D 227 -19.44 -22.93 -30.52
C LYS D 227 -19.37 -24.32 -31.14
N TYR D 228 -18.38 -25.12 -30.72
CA TYR D 228 -18.15 -26.46 -31.29
C TYR D 228 -18.69 -27.59 -30.41
N ASN D 229 -19.60 -27.27 -29.51
CA ASN D 229 -20.32 -28.27 -28.71
C ASN D 229 -19.40 -29.23 -27.95
N LEU D 230 -18.51 -28.65 -27.18
CA LEU D 230 -17.50 -29.44 -26.47
C LEU D 230 -17.90 -29.66 -25.00
N CYS D 231 -17.25 -30.63 -24.38
CA CYS D 231 -17.48 -30.95 -22.98
C CYS D 231 -16.17 -30.70 -22.19
N ILE D 232 -16.26 -30.08 -21.02
CA ILE D 232 -15.08 -29.71 -20.25
C ILE D 232 -15.07 -30.33 -18.87
N ILE D 233 -13.97 -30.96 -18.54
CA ILE D 233 -13.73 -31.49 -17.18
C ILE D 233 -12.43 -30.85 -16.62
N PRO D 234 -12.57 -29.84 -15.74
CA PRO D 234 -11.42 -29.19 -15.15
C PRO D 234 -10.60 -30.13 -14.32
N ILE D 235 -9.28 -29.96 -14.37
CA ILE D 235 -8.39 -30.71 -13.48
C ILE D 235 -7.29 -29.81 -12.86
N GLY D 236 -7.04 -30.00 -11.57
CA GLY D 236 -5.91 -29.40 -10.91
C GLY D 236 -4.94 -30.51 -10.61
N GLY D 237 -4.77 -30.83 -9.33
CA GLY D 237 -3.85 -31.90 -8.91
C GLY D 237 -4.22 -33.32 -9.35
N GLY D 238 -5.46 -33.52 -9.79
CA GLY D 238 -5.98 -34.85 -10.03
C GLY D 238 -5.93 -35.72 -8.78
N THR D 239 -6.31 -35.16 -7.64
CA THR D 239 -6.35 -35.93 -6.36
C THR D 239 -7.72 -36.37 -5.89
N SER D 240 -8.75 -36.06 -6.68
CA SER D 240 -10.11 -36.47 -6.36
C SER D 240 -10.20 -37.92 -5.91
N VAL D 241 -10.79 -38.10 -4.72
CA VAL D 241 -11.18 -39.43 -4.27
C VAL D 241 -12.71 -39.59 -4.31
N SER D 242 -13.32 -39.14 -5.39
CA SER D 242 -14.77 -39.25 -5.52
C SER D 242 -15.26 -39.55 -6.95
N TYR D 243 -14.38 -40.10 -7.77
CA TYR D 243 -14.63 -40.22 -9.21
C TYR D 243 -15.03 -38.86 -9.81
N GLY D 244 -14.45 -37.80 -9.26
CA GLY D 244 -14.74 -36.43 -9.67
C GLY D 244 -14.24 -36.07 -11.05
N LEU D 245 -13.18 -36.77 -11.47
CA LEU D 245 -12.52 -36.55 -12.77
C LEU D 245 -12.83 -37.56 -13.86
N MET D 246 -13.33 -38.75 -13.48
CA MET D 246 -13.76 -39.81 -14.40
C MET D 246 -14.67 -39.27 -15.50
N CYS D 247 -14.40 -39.66 -16.74
CA CYS D 247 -15.22 -39.24 -17.88
C CYS D 247 -16.39 -40.19 -18.02
N PRO D 248 -17.63 -39.65 -18.13
CA PRO D 248 -18.76 -40.55 -18.38
C PRO D 248 -18.57 -41.35 -19.69
N ALA D 249 -18.76 -42.68 -19.59
CA ALA D 249 -18.52 -43.61 -20.70
C ALA D 249 -19.39 -43.38 -21.93
N ASP D 250 -20.62 -42.91 -21.71
CA ASP D 250 -21.57 -42.63 -22.82
C ASP D 250 -21.54 -41.18 -23.35
N GLU D 251 -20.46 -40.46 -23.05
CA GLU D 251 -20.33 -39.05 -23.48
C GLU D 251 -19.78 -38.97 -24.91
N THR D 252 -20.65 -38.61 -25.84
CA THR D 252 -20.30 -38.64 -27.27
C THR D 252 -19.52 -37.42 -27.74
N ARG D 253 -19.61 -36.31 -27.02
CA ARG D 253 -18.89 -35.09 -27.41
C ARG D 253 -17.40 -35.21 -27.10
N THR D 254 -16.64 -34.34 -27.77
CA THR D 254 -15.20 -34.20 -27.49
C THR D 254 -15.00 -33.67 -26.06
N ILE D 255 -14.28 -34.42 -25.24
CA ILE D 255 -13.96 -34.04 -23.87
C ILE D 255 -12.59 -33.33 -23.81
N ILE D 256 -12.62 -32.04 -23.45
CA ILE D 256 -11.45 -31.25 -23.07
C ILE D 256 -11.07 -31.47 -21.60
N SER D 257 -9.85 -31.90 -21.33
CA SER D 257 -9.31 -31.85 -19.95
C SER D 257 -8.68 -30.48 -19.73
N LEU D 258 -9.43 -29.58 -19.10
CA LEU D 258 -8.96 -28.20 -18.85
C LEU D 258 -8.06 -28.25 -17.62
N ASP D 259 -6.76 -28.29 -17.89
CA ASP D 259 -5.73 -28.41 -16.88
C ASP D 259 -5.38 -26.98 -16.41
N THR D 260 -5.48 -26.78 -15.09
CA THR D 260 -5.18 -25.48 -14.45
C THR D 260 -3.72 -25.27 -13.99
N SER D 261 -2.89 -26.31 -14.10
CA SER D 261 -1.55 -26.34 -13.45
C SER D 261 -0.58 -25.25 -13.82
N GLN D 262 -0.76 -24.69 -15.02
CA GLN D 262 0.03 -23.57 -15.52
C GLN D 262 -0.58 -22.19 -15.27
N MET D 263 -1.74 -22.13 -14.63
CA MET D 263 -2.46 -20.88 -14.36
C MET D 263 -2.34 -20.76 -12.85
N ASN D 264 -1.16 -20.35 -12.44
CA ASN D 264 -0.65 -20.66 -11.09
C ASN D 264 0.16 -19.56 -10.40
N ARG D 265 0.06 -18.31 -10.85
CA ARG D 265 0.85 -17.28 -10.20
C ARG D 265 0.06 -16.63 -9.06
N ILE D 266 0.76 -16.22 -8.03
CA ILE D 266 0.23 -15.31 -7.01
C ILE D 266 0.18 -13.93 -7.68
N LEU D 267 -1.02 -13.34 -7.76
CA LEU D 267 -1.19 -12.06 -8.46
C LEU D 267 -0.78 -10.89 -7.58
N TRP D 268 -1.29 -10.82 -6.35
CA TRP D 268 -0.84 -9.80 -5.36
C TRP D 268 -0.92 -10.35 -3.95
N VAL D 269 -0.12 -9.77 -3.07
CA VAL D 269 -0.23 -10.02 -1.63
C VAL D 269 -0.61 -8.68 -1.03
N ASP D 270 -1.75 -8.64 -0.34
CA ASP D 270 -2.27 -7.43 0.32
C ASP D 270 -1.93 -7.48 1.82
N GLU D 271 -0.83 -6.81 2.16
CA GLU D 271 -0.33 -6.81 3.52
C GLU D 271 -1.24 -6.04 4.48
N ASN D 272 -1.99 -5.06 3.97
CA ASN D 272 -2.95 -4.32 4.80
C ASN D 272 -4.17 -5.15 5.20
N ASN D 273 -4.75 -5.86 4.25
CA ASN D 273 -5.97 -6.68 4.50
C ASN D 273 -5.68 -8.13 4.84
N LEU D 274 -4.39 -8.50 4.88
CA LEU D 274 -3.93 -9.89 5.04
C LEU D 274 -4.71 -10.88 4.17
N THR D 275 -4.63 -10.63 2.88
CA THR D 275 -5.20 -11.50 1.88
C THR D 275 -4.20 -11.63 0.74
N ALA D 276 -4.33 -12.71 -0.01
CA ALA D 276 -3.50 -12.96 -1.18
C ALA D 276 -4.41 -13.33 -2.33
N HIS D 277 -4.18 -12.72 -3.48
CA HIS D 277 -5.01 -12.93 -4.66
C HIS D 277 -4.22 -13.80 -5.59
N VAL D 278 -4.73 -15.00 -5.85
CA VAL D 278 -3.99 -16.06 -6.54
C VAL D 278 -4.80 -16.66 -7.66
N GLU D 279 -4.08 -17.24 -8.62
CA GLU D 279 -4.70 -18.03 -9.68
C GLU D 279 -4.99 -19.44 -9.16
N ALA D 280 -6.08 -20.00 -9.66
CA ALA D 280 -6.68 -21.19 -9.06
C ALA D 280 -5.84 -22.45 -9.18
N GLY D 281 -4.94 -22.48 -10.15
CA GLY D 281 -4.09 -23.66 -10.39
C GLY D 281 -2.89 -23.89 -9.48
N ILE D 282 -2.57 -22.92 -8.64
CA ILE D 282 -1.41 -23.02 -7.77
C ILE D 282 -1.59 -24.13 -6.73
N THR D 283 -0.56 -24.93 -6.54
CA THR D 283 -0.60 -25.98 -5.51
C THR D 283 -0.46 -25.40 -4.13
N GLY D 284 -0.94 -26.13 -3.14
CA GLY D 284 -0.76 -25.75 -1.73
C GLY D 284 0.71 -25.56 -1.34
N GLN D 285 1.52 -26.52 -1.75
CA GLN D 285 2.96 -26.51 -1.42
C GLN D 285 3.68 -25.31 -2.05
N GLU D 286 3.32 -25.00 -3.29
CA GLU D 286 3.89 -23.85 -3.98
C GLU D 286 3.38 -22.54 -3.37
N LEU D 287 2.09 -22.49 -3.08
CA LEU D 287 1.47 -21.31 -2.42
C LEU D 287 2.14 -21.02 -1.08
N GLU D 288 2.31 -22.05 -0.26
CA GLU D 288 2.96 -21.85 1.06
C GLU D 288 4.44 -21.47 0.95
N ARG D 289 5.11 -22.01 -0.04
CA ARG D 289 6.53 -21.70 -0.23
C ARG D 289 6.70 -20.23 -0.63
N GLN D 290 5.98 -19.79 -1.67
CA GLN D 290 6.03 -18.40 -2.15
C GLN D 290 5.63 -17.36 -1.07
N LEU D 291 4.59 -17.67 -0.32
CA LEU D 291 4.15 -16.79 0.77
C LEU D 291 5.13 -16.71 1.93
N LYS D 292 5.80 -17.81 2.20
CA LYS D 292 6.77 -17.86 3.31
C LYS D 292 7.95 -16.91 3.05
N GLU D 293 8.35 -16.77 1.79
CA GLU D 293 9.41 -15.81 1.39
C GLU D 293 9.13 -14.37 1.79
N SER D 294 7.86 -14.02 1.89
CA SER D 294 7.39 -12.71 2.40
C SER D 294 6.95 -12.68 3.87
N GLY D 295 7.17 -13.75 4.61
CA GLY D 295 6.78 -13.84 6.01
C GLY D 295 5.37 -14.25 6.33
N TYR D 296 4.67 -14.82 5.35
CA TYR D 296 3.24 -15.19 5.49
C TYR D 296 2.96 -16.67 5.18
N CYS D 297 1.73 -17.09 5.46
CA CYS D 297 1.21 -18.38 5.05
C CYS D 297 -0.32 -18.34 4.97
N THR D 298 -0.95 -19.40 4.46
CA THR D 298 -2.41 -19.59 4.62
C THR D 298 -2.76 -20.48 5.79
N GLY D 299 -1.90 -21.46 6.03
CA GLY D 299 -2.16 -22.54 6.99
C GLY D 299 -3.15 -23.59 6.53
N HIS D 300 -3.52 -23.56 5.27
CA HIS D 300 -4.43 -24.56 4.73
C HIS D 300 -3.58 -25.75 4.27
N GLU D 301 -3.70 -26.85 4.99
CA GLU D 301 -2.81 -28.01 4.81
C GLU D 301 -3.55 -29.31 4.74
N PRO D 302 -4.15 -29.62 3.57
CA PRO D 302 -4.69 -30.95 3.36
C PRO D 302 -3.55 -31.92 3.16
N ASP D 303 -3.82 -33.20 3.35
CA ASP D 303 -2.82 -34.26 3.06
C ASP D 303 -2.34 -34.29 1.58
N SER D 304 -3.19 -33.83 0.67
CA SER D 304 -2.85 -33.72 -0.77
C SER D 304 -2.13 -32.41 -1.20
N LEU D 305 -1.68 -31.61 -0.23
CA LEU D 305 -1.16 -30.25 -0.52
C LEU D 305 -0.05 -30.17 -1.55
N GLU D 306 0.72 -31.24 -1.70
CA GLU D 306 1.76 -31.27 -2.71
C GLU D 306 1.22 -31.08 -4.13
N PHE D 307 -0.01 -31.52 -4.36
CA PHE D 307 -0.58 -31.45 -5.71
C PHE D 307 -1.91 -30.74 -5.83
N SER D 308 -2.70 -30.74 -4.76
CA SER D 308 -4.07 -30.19 -4.80
C SER D 308 -4.00 -28.66 -4.91
N THR D 309 -4.93 -28.09 -5.67
CA THR D 309 -4.93 -26.67 -6.04
C THR D 309 -5.98 -25.85 -5.28
N VAL D 310 -5.83 -24.54 -5.34
CA VAL D 310 -6.80 -23.63 -4.74
C VAL D 310 -8.18 -23.87 -5.34
N GLY D 311 -8.24 -23.91 -6.65
CA GLY D 311 -9.52 -24.19 -7.35
C GLY D 311 -10.09 -25.57 -6.98
N GLY D 312 -9.21 -26.54 -6.79
CA GLY D 312 -9.65 -27.82 -6.28
C GLY D 312 -10.33 -27.67 -4.93
N TRP D 313 -9.65 -27.02 -3.99
CA TRP D 313 -10.18 -26.88 -2.63
C TRP D 313 -11.55 -26.21 -2.60
N ILE D 314 -11.73 -25.19 -3.43
CA ILE D 314 -13.01 -24.51 -3.48
C ILE D 314 -14.06 -25.42 -4.11
N SER D 315 -13.68 -26.14 -5.16
CA SER D 315 -14.60 -27.09 -5.83
C SER D 315 -15.10 -28.24 -4.95
N THR D 316 -14.26 -28.73 -4.04
CA THR D 316 -14.58 -29.91 -3.20
C THR D 316 -14.90 -29.61 -1.72
N ARG D 317 -14.94 -28.34 -1.37
CA ARG D 317 -15.00 -27.93 0.05
C ARG D 317 -13.91 -28.60 0.91
N ALA D 318 -12.67 -28.49 0.46
CA ALA D 318 -11.54 -29.12 1.13
C ALA D 318 -11.35 -28.65 2.55
N SER D 319 -10.90 -29.56 3.40
CA SER D 319 -10.56 -29.25 4.80
C SER D 319 -9.08 -29.52 4.99
N GLY D 320 -8.48 -28.73 5.88
CA GLY D 320 -7.06 -28.79 6.18
C GLY D 320 -6.76 -29.20 7.62
N MET D 321 -5.57 -29.74 7.81
CA MET D 321 -5.13 -30.20 9.12
C MET D 321 -5.25 -29.16 10.21
N LYS D 322 -4.89 -27.91 9.90
CA LYS D 322 -4.85 -26.84 10.92
C LYS D 322 -6.05 -25.85 10.86
N LYS D 323 -7.16 -26.32 10.32
CA LYS D 323 -8.47 -25.68 10.39
C LYS D 323 -8.78 -24.96 11.72
N ASN D 324 -8.45 -25.59 12.84
CA ASN D 324 -8.70 -24.99 14.16
C ASN D 324 -8.19 -23.54 14.28
N ILE D 325 -7.07 -23.24 13.64
CA ILE D 325 -6.54 -21.85 13.60
C ILE D 325 -6.93 -21.07 12.35
N TYR D 326 -6.70 -21.68 11.20
CA TYR D 326 -6.75 -20.97 9.91
C TYR D 326 -8.09 -21.03 9.18
N GLY D 327 -8.94 -21.96 9.61
CA GLY D 327 -10.26 -22.20 9.03
C GLY D 327 -10.19 -23.30 8.00
N ASN D 328 -11.37 -23.80 7.63
CA ASN D 328 -11.52 -24.60 6.41
C ASN D 328 -11.65 -23.64 5.20
N ILE D 329 -11.70 -24.18 3.99
CA ILE D 329 -11.70 -23.37 2.79
C ILE D 329 -12.84 -22.31 2.78
N GLU D 330 -14.02 -22.65 3.31
CA GLU D 330 -15.18 -21.69 3.30
C GLU D 330 -14.92 -20.46 4.18
N ASP D 331 -14.08 -20.66 5.18
CA ASP D 331 -13.62 -19.59 6.08
C ASP D 331 -12.49 -18.73 5.46
N LEU D 332 -11.62 -19.40 4.72
CA LEU D 332 -10.45 -18.77 4.08
C LEU D 332 -10.71 -17.94 2.83
N VAL D 333 -11.75 -18.23 2.07
CA VAL D 333 -11.97 -17.57 0.80
C VAL D 333 -12.78 -16.31 1.01
N VAL D 334 -12.19 -15.18 0.61
CA VAL D 334 -12.81 -13.87 0.67
C VAL D 334 -13.53 -13.53 -0.61
N HIS D 335 -12.98 -14.00 -1.71
CA HIS D 335 -13.45 -13.60 -3.03
C HIS D 335 -13.04 -14.63 -4.05
N MET D 336 -13.83 -14.77 -5.12
CA MET D 336 -13.49 -15.63 -6.28
C MET D 336 -14.05 -15.12 -7.58
N LYS D 337 -13.45 -15.62 -8.66
CA LYS D 337 -13.78 -15.29 -10.06
C LYS D 337 -14.01 -16.61 -10.76
N VAL D 338 -15.17 -16.77 -11.36
CA VAL D 338 -15.59 -18.06 -11.95
C VAL D 338 -16.06 -17.84 -13.38
N VAL D 339 -15.51 -18.62 -14.31
CA VAL D 339 -15.93 -18.56 -15.71
C VAL D 339 -16.95 -19.66 -15.95
N THR D 340 -18.14 -19.25 -16.40
CA THR D 340 -19.21 -20.18 -16.78
C THR D 340 -19.74 -19.88 -18.19
N PRO D 341 -20.40 -20.87 -18.83
CA PRO D 341 -21.00 -20.63 -20.13
C PRO D 341 -21.88 -19.40 -20.18
N ARG D 342 -22.69 -19.20 -19.15
CA ARG D 342 -23.59 -18.01 -19.06
C ARG D 342 -22.82 -16.69 -18.89
N GLY D 343 -21.58 -16.80 -18.42
CA GLY D 343 -20.72 -15.64 -18.17
C GLY D 343 -19.84 -15.79 -16.92
N VAL D 344 -19.27 -14.65 -16.53
CA VAL D 344 -18.35 -14.59 -15.41
C VAL D 344 -19.03 -14.18 -14.07
N ILE D 345 -18.86 -15.00 -13.03
CA ILE D 345 -19.32 -14.60 -11.68
C ILE D 345 -18.18 -14.09 -10.82
N GLU D 346 -18.49 -13.02 -10.10
CA GLU D 346 -17.53 -12.26 -9.35
C GLU D 346 -18.26 -11.18 -8.57
N LYS D 347 -18.03 -11.10 -7.28
CA LYS D 347 -18.60 -10.00 -6.52
C LYS D 347 -17.78 -8.73 -6.73
N SER D 348 -18.44 -7.58 -6.71
CA SER D 348 -17.80 -6.31 -7.03
C SER D 348 -16.98 -5.73 -5.89
N CYS D 349 -17.08 -6.31 -4.71
CA CYS D 349 -16.30 -5.80 -3.59
C CYS D 349 -15.74 -6.91 -2.70
N GLN D 350 -14.67 -6.54 -1.98
CA GLN D 350 -13.80 -7.45 -1.20
C GLN D 350 -14.07 -7.38 0.32
N GLY D 351 -15.27 -6.94 0.69
CA GLY D 351 -15.63 -6.72 2.10
C GLY D 351 -15.69 -8.04 2.85
N PRO D 352 -15.27 -8.04 4.15
CA PRO D 352 -15.09 -9.25 4.95
C PRO D 352 -16.35 -10.10 5.22
N ARG D 353 -17.50 -9.44 5.27
CA ARG D 353 -18.78 -10.09 5.61
C ARG D 353 -19.99 -9.26 5.07
N MET D 354 -20.88 -9.93 4.34
CA MET D 354 -21.95 -9.27 3.63
C MET D 354 -23.34 -9.81 3.95
N SER D 355 -24.33 -8.94 3.75
CA SER D 355 -25.74 -9.34 3.68
C SER D 355 -26.34 -8.80 2.40
N THR D 356 -26.05 -9.49 1.30
CA THR D 356 -26.59 -9.13 -0.03
C THR D 356 -27.30 -10.33 -0.66
N GLY D 357 -28.26 -10.87 0.08
CA GLY D 357 -28.97 -12.10 -0.33
C GLY D 357 -28.18 -13.35 -0.01
N PRO D 358 -28.63 -14.51 -0.55
CA PRO D 358 -27.89 -15.75 -0.44
C PRO D 358 -26.47 -15.62 -1.02
N ASP D 359 -25.50 -16.15 -0.31
CA ASP D 359 -24.09 -15.97 -0.62
C ASP D 359 -23.70 -16.83 -1.81
N ILE D 360 -23.59 -16.19 -2.97
CA ILE D 360 -23.27 -16.93 -4.21
C ILE D 360 -21.90 -17.64 -4.22
N HIS D 361 -21.00 -17.31 -3.28
CA HIS D 361 -19.77 -18.10 -3.11
C HIS D 361 -20.11 -19.55 -2.74
N HIS D 362 -21.13 -19.71 -1.89
CA HIS D 362 -21.56 -21.06 -1.50
C HIS D 362 -22.32 -21.83 -2.60
N PHE D 363 -22.76 -21.14 -3.65
CA PHE D 363 -23.29 -21.79 -4.85
C PHE D 363 -22.17 -22.48 -5.65
N ILE D 364 -20.97 -21.92 -5.62
CA ILE D 364 -19.79 -22.46 -6.32
C ILE D 364 -18.95 -23.41 -5.46
N MET D 365 -18.84 -23.08 -4.19
CA MET D 365 -18.02 -23.82 -3.24
C MET D 365 -18.64 -25.17 -2.94
N GLY D 366 -18.03 -26.22 -3.46
CA GLY D 366 -18.67 -27.55 -3.51
C GLY D 366 -19.29 -27.95 -4.86
N SER D 367 -19.11 -27.13 -5.90
CA SER D 367 -19.72 -27.41 -7.22
C SER D 367 -19.04 -28.55 -8.01
N GLU D 368 -17.92 -29.06 -7.51
CA GLU D 368 -17.24 -30.25 -8.06
C GLU D 368 -17.07 -30.25 -9.61
N GLY D 369 -16.79 -29.07 -10.15
CA GLY D 369 -16.49 -28.88 -11.61
C GLY D 369 -17.66 -28.83 -12.58
N THR D 370 -18.86 -28.67 -12.04
CA THR D 370 -20.12 -28.86 -12.80
C THR D 370 -20.70 -27.57 -13.31
N LEU D 371 -20.23 -26.46 -12.78
CA LEU D 371 -20.81 -25.15 -13.11
C LEU D 371 -19.89 -24.30 -13.99
N GLY D 372 -18.60 -24.46 -13.84
CA GLY D 372 -17.66 -23.59 -14.53
C GLY D 372 -16.23 -23.82 -14.08
N VAL D 373 -15.38 -22.88 -14.46
CA VAL D 373 -13.98 -22.88 -14.04
C VAL D 373 -13.71 -21.73 -13.08
N ILE D 374 -13.26 -22.09 -11.88
CA ILE D 374 -12.73 -21.16 -10.89
C ILE D 374 -11.33 -20.77 -11.39
N THR D 375 -11.14 -19.51 -11.74
CA THR D 375 -9.86 -19.05 -12.30
C THR D 375 -8.97 -18.28 -11.30
N GLU D 376 -9.61 -17.56 -10.39
CA GLU D 376 -8.91 -16.73 -9.42
C GLU D 376 -9.64 -16.75 -8.10
N ALA D 377 -8.89 -16.57 -7.01
CA ALA D 377 -9.48 -16.50 -5.67
C ALA D 377 -8.64 -15.66 -4.74
N THR D 378 -9.32 -15.02 -3.79
CA THR D 378 -8.65 -14.21 -2.77
C THR D 378 -8.74 -14.96 -1.44
N ILE D 379 -7.59 -15.30 -0.88
CA ILE D 379 -7.49 -16.13 0.30
C ILE D 379 -6.83 -15.38 1.44
N LYS D 380 -7.29 -15.67 2.65
CA LYS D 380 -6.74 -15.09 3.84
C LYS D 380 -5.31 -15.60 4.09
N ILE D 381 -4.44 -14.70 4.51
CA ILE D 381 -3.10 -15.07 4.93
C ILE D 381 -2.87 -14.61 6.36
N ARG D 382 -1.81 -15.16 6.95
CA ARG D 382 -1.44 -14.89 8.33
C ARG D 382 0.09 -14.79 8.40
N PRO D 383 0.63 -14.04 9.40
CA PRO D 383 2.07 -14.07 9.63
C PRO D 383 2.53 -15.48 9.86
N THR D 384 3.69 -15.82 9.31
CA THR D 384 4.28 -17.14 9.57
C THR D 384 4.25 -17.34 11.08
N PRO D 385 3.68 -18.47 11.57
CA PRO D 385 3.61 -18.70 13.01
C PRO D 385 4.99 -18.61 13.67
N GLU D 386 5.06 -17.91 14.77
CA GLU D 386 6.31 -17.71 15.47
C GLU D 386 7.00 -19.02 15.90
N TYR D 387 6.22 -19.97 16.40
CA TYR D 387 6.70 -21.20 17.06
C TYR D 387 5.73 -22.39 16.90
N GLN D 388 6.29 -23.59 16.77
CA GLN D 388 5.51 -24.84 16.79
C GLN D 388 6.03 -25.76 17.89
N LYS D 389 5.11 -26.59 18.39
CA LYS D 389 5.41 -27.60 19.38
C LYS D 389 4.45 -28.78 19.23
N TYR D 390 5.00 -29.98 19.32
CA TYR D 390 4.21 -31.21 19.20
C TYR D 390 3.95 -31.79 20.59
N GLY D 391 3.03 -32.73 20.64
CA GLY D 391 2.67 -33.35 21.90
C GLY D 391 1.87 -34.61 21.66
N SER D 392 1.69 -35.37 22.74
CA SER D 392 0.81 -36.53 22.69
C SER D 392 0.28 -36.87 24.07
N VAL D 393 -0.80 -37.63 24.08
CA VAL D 393 -1.48 -38.03 25.30
C VAL D 393 -1.96 -39.43 25.04
N ALA D 394 -1.88 -40.28 26.07
CA ALA D 394 -2.41 -41.65 25.99
C ALA D 394 -3.57 -41.81 26.95
N PHE D 395 -4.52 -42.64 26.54
CA PHE D 395 -5.77 -42.86 27.28
C PHE D 395 -6.01 -44.37 27.49
N PRO D 396 -6.67 -44.75 28.61
CA PRO D 396 -7.03 -46.16 28.78
C PRO D 396 -7.79 -46.78 27.62
N ASN D 397 -8.65 -46.01 26.97
CA ASN D 397 -9.41 -46.52 25.83
C ASN D 397 -9.81 -45.41 24.86
N PHE D 398 -10.35 -45.81 23.72
CA PHE D 398 -10.87 -44.88 22.72
C PHE D 398 -11.97 -43.98 23.31
N GLU D 399 -12.90 -44.59 24.05
CA GLU D 399 -14.08 -43.91 24.63
C GLU D 399 -13.68 -42.70 25.49
N GLN D 400 -12.69 -42.88 26.34
CA GLN D 400 -12.20 -41.79 27.20
C GLN D 400 -11.50 -40.68 26.42
N GLY D 401 -10.81 -41.06 25.36
CA GLY D 401 -10.17 -40.08 24.45
C GLY D 401 -11.20 -39.17 23.80
N VAL D 402 -12.23 -39.78 23.24
CA VAL D 402 -13.34 -39.05 22.62
C VAL D 402 -13.97 -38.09 23.60
N ALA D 403 -14.21 -38.55 24.82
CA ALA D 403 -14.76 -37.71 25.89
C ALA D 403 -13.84 -36.51 26.19
N CYS D 404 -12.53 -36.73 26.12
CA CYS D 404 -11.54 -35.66 26.32
C CYS D 404 -11.53 -34.63 25.16
N LEU D 405 -11.56 -35.15 23.94
CA LEU D 405 -11.66 -34.29 22.74
C LEU D 405 -12.94 -33.44 22.75
N ARG D 406 -14.04 -34.07 23.13
CA ARG D 406 -15.33 -33.38 23.35
C ARG D 406 -15.19 -32.23 24.34
N GLU D 407 -14.47 -32.48 25.43
CA GLU D 407 -14.32 -31.48 26.50
C GLU D 407 -13.44 -30.33 26.04
N ILE D 408 -12.43 -30.65 25.24
CA ILE D 408 -11.54 -29.65 24.66
C ILE D 408 -12.34 -28.73 23.72
N ALA D 409 -13.20 -29.36 22.92
CA ALA D 409 -14.11 -28.64 22.04
C ALA D 409 -15.09 -27.76 22.82
N LYS D 410 -15.66 -28.30 23.90
CA LYS D 410 -16.57 -27.57 24.79
C LYS D 410 -15.95 -26.31 25.42
N GLN D 411 -14.69 -26.42 25.83
CA GLN D 411 -13.92 -25.25 26.34
C GLN D 411 -13.32 -24.36 25.25
N ARG D 412 -13.49 -24.76 23.98
CA ARG D 412 -12.92 -24.05 22.82
C ARG D 412 -11.44 -23.72 23.00
N CYS D 413 -10.66 -24.75 23.33
CA CYS D 413 -9.22 -24.62 23.51
C CYS D 413 -8.45 -25.71 22.77
N ALA D 414 -9.01 -26.16 21.64
CA ALA D 414 -8.33 -27.13 20.80
C ALA D 414 -7.08 -26.47 20.23
N PRO D 415 -5.96 -27.21 20.18
CA PRO D 415 -4.77 -26.70 19.51
C PRO D 415 -4.91 -26.79 18.01
N ALA D 416 -3.89 -26.29 17.30
CA ALA D 416 -3.87 -26.26 15.83
C ALA D 416 -4.40 -27.56 15.24
N SER D 417 -3.80 -28.65 15.69
CA SER D 417 -4.28 -29.97 15.35
C SER D 417 -4.35 -30.81 16.61
N ILE D 418 -5.46 -31.53 16.74
CA ILE D 418 -5.65 -32.57 17.75
C ILE D 418 -6.32 -33.76 17.09
N ARG D 419 -5.73 -34.94 17.26
CA ARG D 419 -6.22 -36.16 16.62
C ARG D 419 -6.10 -37.36 17.53
N LEU D 420 -7.14 -38.18 17.55
CA LEU D 420 -7.21 -39.33 18.44
C LEU D 420 -7.19 -40.62 17.62
N MET D 421 -6.12 -41.40 17.81
CA MET D 421 -5.96 -42.69 17.16
C MET D 421 -6.52 -43.79 18.03
N ASP D 422 -7.20 -44.77 17.41
CA ASP D 422 -7.58 -46.02 18.12
C ASP D 422 -6.34 -46.87 18.38
N ASN D 423 -6.52 -48.02 19.01
CA ASN D 423 -5.37 -48.86 19.40
C ASN D 423 -4.62 -49.48 18.22
N GLN D 424 -5.35 -50.03 17.24
CA GLN D 424 -4.74 -50.58 16.02
C GLN D 424 -3.82 -49.56 15.32
N GLN D 425 -4.26 -48.29 15.23
CA GLN D 425 -3.43 -47.21 14.63
C GLN D 425 -2.24 -46.80 15.48
N PHE D 426 -2.38 -46.86 16.80
CA PHE D 426 -1.25 -46.61 17.70
C PHE D 426 -0.12 -47.63 17.49
N GLN D 427 -0.51 -48.89 17.40
CA GLN D 427 0.43 -49.99 17.09
C GLN D 427 1.09 -49.81 15.72
N PHE D 428 0.29 -49.41 14.73
CA PHE D 428 0.80 -49.12 13.38
C PHE D 428 1.94 -48.09 13.43
N GLY D 429 1.68 -46.97 14.07
CA GLY D 429 2.66 -45.88 14.21
C GLY D 429 3.91 -46.26 15.00
N HIS D 430 3.72 -47.15 15.96
CA HIS D 430 4.84 -47.73 16.74
C HIS D 430 5.71 -48.62 15.86
N ALA D 431 5.07 -49.38 14.97
CA ALA D 431 5.76 -50.26 14.01
C ALA D 431 6.52 -49.52 12.89
N LEU D 432 6.48 -48.18 12.88
CA LEU D 432 7.21 -47.36 11.88
C LEU D 432 8.36 -46.50 12.40
N LYS D 433 8.69 -46.62 13.69
CA LYS D 433 9.87 -45.93 14.20
C LYS D 433 11.14 -46.72 13.88
N PRO D 434 12.29 -46.04 13.72
CA PRO D 434 13.60 -46.70 13.87
C PRO D 434 13.98 -46.90 15.34
N ASP D 459 -4.11 -51.09 29.93
CA ASP D 459 -4.24 -52.24 29.03
C ASP D 459 -3.77 -51.87 27.61
N PRO D 460 -2.66 -52.47 27.12
CA PRO D 460 -2.09 -52.05 25.83
C PRO D 460 -2.81 -52.56 24.55
N ASN D 461 -4.01 -53.14 24.70
CA ASN D 461 -4.85 -53.53 23.54
C ASN D 461 -6.09 -52.67 23.30
N GLN D 462 -6.50 -51.89 24.31
CA GLN D 462 -7.55 -50.86 24.14
C GLN D 462 -7.02 -49.43 24.19
N LEU D 463 -5.77 -49.27 24.62
CA LEU D 463 -5.18 -47.95 24.82
C LEU D 463 -5.13 -47.15 23.51
N SER D 464 -5.56 -45.90 23.59
CA SER D 464 -5.58 -44.98 22.46
C SER D 464 -4.69 -43.77 22.74
N VAL D 465 -4.26 -43.11 21.66
CA VAL D 465 -3.32 -42.01 21.76
C VAL D 465 -3.80 -40.82 20.93
N ALA D 466 -3.72 -39.64 21.54
CA ALA D 466 -4.00 -38.38 20.84
C ALA D 466 -2.70 -37.66 20.53
N THR D 467 -2.54 -37.26 19.27
CA THR D 467 -1.41 -36.43 18.83
C THR D 467 -1.84 -34.97 18.85
N LEU D 468 -0.91 -34.11 19.21
CA LEU D 468 -1.16 -32.67 19.33
C LEU D 468 -0.16 -31.84 18.50
N LEU D 469 -0.62 -30.72 17.97
CA LEU D 469 0.26 -29.74 17.34
C LEU D 469 -0.25 -28.38 17.74
N PHE D 470 0.60 -27.64 18.44
CA PHE D 470 0.32 -26.29 18.87
C PHE D 470 1.15 -25.39 17.98
N GLU D 471 0.55 -24.33 17.43
CA GLU D 471 1.33 -23.33 16.69
C GLU D 471 0.74 -21.92 16.79
N GLY D 472 1.65 -20.97 16.99
CA GLY D 472 1.32 -19.54 17.06
C GLY D 472 2.41 -18.69 17.69
N ASP D 473 1.97 -17.64 18.36
CA ASP D 473 2.84 -16.77 19.19
C ASP D 473 3.51 -17.57 20.30
N ARG D 474 4.80 -17.29 20.53
CA ARG D 474 5.62 -18.07 21.48
C ARG D 474 4.93 -18.30 22.83
N GLU D 475 4.35 -17.23 23.35
CA GLU D 475 3.80 -17.21 24.70
C GLU D 475 2.46 -17.91 24.85
N LYS D 476 1.56 -17.62 23.93
CA LYS D 476 0.19 -18.19 23.95
C LYS D 476 0.13 -19.71 23.73
N VAL D 477 1.10 -20.24 23.01
CA VAL D 477 1.20 -21.68 22.73
C VAL D 477 1.23 -22.45 24.05
N LEU D 478 1.98 -21.93 25.03
CA LEU D 478 2.19 -22.60 26.33
C LEU D 478 0.99 -22.56 27.26
N GLN D 479 0.33 -21.40 27.31
CA GLN D 479 -0.98 -21.24 27.98
C GLN D 479 -1.94 -22.34 27.52
N HIS D 480 -2.04 -22.47 26.20
CA HIS D 480 -2.83 -23.54 25.58
C HIS D 480 -2.40 -24.95 25.97
N GLU D 481 -1.09 -25.20 25.89
CA GLU D 481 -0.55 -26.53 26.16
C GLU D 481 -1.02 -27.03 27.52
N LYS D 482 -0.86 -26.19 28.53
CA LYS D 482 -1.23 -26.52 29.91
C LYS D 482 -2.70 -26.94 30.02
N GLN D 483 -3.56 -26.09 29.49
CA GLN D 483 -5.00 -26.33 29.57
C GLN D 483 -5.42 -27.66 28.95
N VAL D 484 -4.78 -28.03 27.85
CA VAL D 484 -5.09 -29.28 27.17
C VAL D 484 -4.74 -30.47 28.05
N TYR D 485 -3.52 -30.48 28.61
CA TYR D 485 -3.05 -31.61 29.43
C TYR D 485 -3.86 -31.77 30.71
N ASP D 486 -4.17 -30.63 31.36
CA ASP D 486 -5.00 -30.62 32.57
C ASP D 486 -6.38 -31.24 32.32
N ILE D 487 -7.02 -30.83 31.23
CA ILE D 487 -8.30 -31.43 30.78
C ILE D 487 -8.13 -32.93 30.51
N ALA D 488 -7.06 -33.29 29.81
CA ALA D 488 -6.76 -34.70 29.48
C ALA D 488 -6.54 -35.56 30.73
N ALA D 489 -5.87 -35.00 31.74
CA ALA D 489 -5.71 -35.63 33.06
C ALA D 489 -7.03 -36.21 33.59
N LYS D 490 -8.09 -35.42 33.58
CA LYS D 490 -9.40 -35.84 34.11
C LYS D 490 -10.13 -36.95 33.33
N PHE D 491 -9.61 -37.34 32.16
CA PHE D 491 -10.11 -38.53 31.43
C PHE D 491 -9.15 -39.72 31.44
N GLY D 492 -8.15 -39.65 32.32
CA GLY D 492 -7.11 -40.66 32.42
C GLY D 492 -6.06 -40.50 31.34
N GLY D 493 -5.75 -39.24 31.04
CA GLY D 493 -4.80 -38.89 29.97
C GLY D 493 -3.43 -38.54 30.52
N LEU D 494 -2.42 -39.29 30.08
CA LEU D 494 -1.04 -39.13 30.57
C LEU D 494 -0.17 -38.61 29.43
N ALA D 495 0.53 -37.50 29.67
CA ALA D 495 1.44 -36.90 28.68
C ALA D 495 2.41 -37.97 28.19
N ALA D 496 2.37 -38.26 26.89
CA ALA D 496 3.03 -39.45 26.32
C ALA D 496 4.15 -39.08 25.36
N GLY D 497 4.67 -37.86 25.50
CA GLY D 497 5.89 -37.46 24.79
C GLY D 497 5.76 -36.58 23.56
N GLU D 498 6.76 -35.72 23.41
CA GLU D 498 6.93 -34.83 22.26
C GLU D 498 7.28 -35.58 20.97
N ASP D 499 7.95 -36.73 21.11
CA ASP D 499 8.39 -37.53 19.96
C ASP D 499 7.18 -38.13 19.26
N ASN D 500 6.36 -38.85 20.01
CA ASN D 500 5.15 -39.51 19.47
C ASN D 500 4.36 -38.57 18.59
N GLY D 501 4.15 -37.37 19.12
CA GLY D 501 3.50 -36.30 18.38
C GLY D 501 4.22 -36.01 17.07
N GLN D 502 5.49 -35.67 17.16
CA GLN D 502 6.23 -35.20 15.97
C GLN D 502 6.29 -36.25 14.85
N ARG D 503 6.66 -37.48 15.18
CA ARG D 503 6.72 -38.55 14.16
C ARG D 503 5.32 -38.87 13.59
N GLY D 504 4.28 -38.70 14.41
CA GLY D 504 2.86 -38.85 13.97
C GLY D 504 2.47 -37.97 12.81
N TYR D 505 2.86 -36.70 12.88
CA TYR D 505 2.52 -35.71 11.82
C TYR D 505 3.42 -35.75 10.57
N LEU D 506 4.70 -36.12 10.74
CA LEU D 506 5.61 -36.32 9.59
C LEU D 506 5.16 -37.52 8.73
N LEU D 507 4.57 -38.49 9.40
CA LEU D 507 4.05 -39.70 8.76
C LEU D 507 2.96 -39.47 7.71
N THR D 508 2.16 -38.41 7.89
CA THR D 508 0.90 -38.24 7.13
C THR D 508 1.09 -38.12 5.62
N TYR D 509 2.23 -37.54 5.20
CA TYR D 509 2.54 -37.35 3.76
C TYR D 509 3.19 -38.56 3.09
N VAL D 510 3.43 -39.62 3.85
CA VAL D 510 3.89 -40.92 3.29
C VAL D 510 2.79 -42.00 3.26
N ILE D 511 1.79 -41.91 4.13
CA ILE D 511 0.70 -42.92 4.15
C ILE D 511 0.18 -43.24 2.73
N ALA D 512 -0.02 -42.21 1.91
CA ALA D 512 -0.64 -42.37 0.58
C ALA D 512 0.19 -43.28 -0.35
N TYR D 513 1.50 -43.31 -0.14
CA TYR D 513 2.43 -44.17 -0.89
C TYR D 513 2.27 -45.67 -0.61
N MET D 514 1.72 -46.00 0.56
CA MET D 514 1.55 -47.39 0.99
C MET D 514 0.51 -48.17 0.22
N ARG D 515 -0.38 -47.47 -0.50
CA ARG D 515 -1.34 -48.16 -1.36
C ARG D 515 -0.55 -49.02 -2.33
N ASP D 516 0.37 -48.38 -3.04
CA ASP D 516 1.19 -49.08 -4.06
C ASP D 516 1.98 -50.27 -3.47
N LEU D 517 2.50 -50.12 -2.25
CA LEU D 517 3.21 -51.21 -1.55
C LEU D 517 2.31 -52.41 -1.33
N GLY D 518 1.16 -52.15 -0.72
CA GLY D 518 0.12 -53.15 -0.50
C GLY D 518 -0.34 -53.84 -1.78
N LEU D 519 -0.43 -53.09 -2.88
CA LEU D 519 -0.88 -53.67 -4.16
C LEU D 519 0.07 -54.73 -4.72
N GLU D 520 1.36 -54.60 -4.43
CA GLU D 520 2.37 -55.61 -4.86
C GLU D 520 2.04 -56.96 -4.19
N TYR D 521 1.72 -56.87 -2.90
CA TYR D 521 1.55 -58.03 -2.02
C TYR D 521 0.09 -58.41 -1.74
N TYR D 522 -0.74 -58.29 -2.77
CA TYR D 522 -2.15 -58.73 -2.72
C TYR D 522 -3.00 -58.11 -1.59
N ILE D 523 -2.72 -56.84 -1.27
CA ILE D 523 -3.47 -56.06 -0.25
C ILE D 523 -4.17 -54.84 -0.88
N ILE D 524 -5.47 -54.73 -0.68
CA ILE D 524 -6.22 -53.57 -1.14
C ILE D 524 -6.95 -52.90 0.01
N GLY D 525 -7.23 -51.63 -0.19
CA GLY D 525 -7.84 -50.82 0.83
C GLY D 525 -7.88 -49.35 0.49
N GLU D 526 -8.77 -48.65 1.19
CA GLU D 526 -9.02 -47.23 0.98
C GLU D 526 -9.39 -46.58 2.30
N SER D 527 -9.07 -45.29 2.42
CA SER D 527 -9.55 -44.47 3.52
C SER D 527 -10.89 -43.82 3.16
N PHE D 528 -11.72 -43.65 4.17
CA PHE D 528 -13.04 -43.00 4.00
C PHE D 528 -13.38 -42.24 5.27
N GLU D 529 -14.32 -41.32 5.14
CA GLU D 529 -14.61 -40.35 6.24
C GLU D 529 -16.08 -39.97 6.39
N THR D 530 -16.36 -39.40 7.56
CA THR D 530 -17.66 -38.81 7.84
C THR D 530 -17.48 -37.75 8.91
N SER D 531 -18.50 -36.93 9.05
CA SER D 531 -18.65 -36.09 10.24
C SER D 531 -19.94 -36.48 10.92
N ALA D 532 -19.93 -36.42 12.26
CA ALA D 532 -21.10 -36.76 13.09
C ALA D 532 -21.19 -35.97 14.38
N PRO D 533 -22.41 -35.88 14.95
CA PRO D 533 -22.52 -35.19 16.21
C PRO D 533 -21.76 -35.91 17.29
N TRP D 534 -21.33 -35.17 18.30
CA TRP D 534 -20.58 -35.74 19.42
C TRP D 534 -21.23 -36.97 20.06
N ASP D 535 -22.53 -36.92 20.27
CA ASP D 535 -23.25 -38.03 20.92
C ASP D 535 -23.41 -39.29 20.05
N ARG D 536 -23.01 -39.23 18.79
CA ARG D 536 -23.03 -40.41 17.90
C ARG D 536 -21.63 -40.94 17.52
N VAL D 537 -20.57 -40.35 18.06
CA VAL D 537 -19.18 -40.70 17.65
C VAL D 537 -18.80 -42.13 18.01
N VAL D 538 -18.92 -42.42 19.30
CA VAL D 538 -18.45 -43.69 19.87
C VAL D 538 -19.17 -44.87 19.22
N ASP D 539 -20.49 -44.76 19.16
CA ASP D 539 -21.32 -45.82 18.58
C ASP D 539 -21.08 -46.00 17.09
N LEU D 540 -20.87 -44.90 16.38
CA LEU D 540 -20.62 -44.92 14.93
C LEU D 540 -19.31 -45.62 14.59
N CYS D 541 -18.25 -45.28 15.30
CA CYS D 541 -16.94 -45.90 15.07
C CYS D 541 -17.03 -47.42 15.23
N ARG D 542 -17.52 -47.84 16.39
CA ARG D 542 -17.66 -49.27 16.73
C ARG D 542 -18.50 -50.03 15.69
N ASN D 543 -19.66 -49.50 15.35
CA ASN D 543 -20.61 -50.17 14.42
C ASN D 543 -20.14 -50.22 12.97
N VAL D 544 -19.40 -49.20 12.53
CA VAL D 544 -18.82 -49.18 11.18
C VAL D 544 -17.70 -50.23 11.04
N LYS D 545 -16.81 -50.29 12.03
CA LYS D 545 -15.77 -51.33 12.05
C LYS D 545 -16.36 -52.74 12.03
N GLU D 546 -17.33 -52.96 12.92
CA GLU D 546 -18.05 -54.24 12.97
C GLU D 546 -18.67 -54.58 11.61
N ARG D 547 -19.33 -53.61 11.01
CA ARG D 547 -19.98 -53.78 9.69
C ARG D 547 -18.99 -54.18 8.60
N ILE D 548 -17.76 -53.66 8.71
CA ILE D 548 -16.69 -54.04 7.79
C ILE D 548 -16.29 -55.51 7.98
N ARG D 549 -16.05 -55.93 9.23
CA ARG D 549 -15.69 -57.34 9.54
C ARG D 549 -16.72 -58.34 9.07
N ARG D 550 -17.98 -58.07 9.42
CA ARG D 550 -19.12 -58.92 9.00
C ARG D 550 -19.23 -59.03 7.48
N GLU D 551 -19.24 -57.89 6.79
CA GLU D 551 -19.38 -57.87 5.32
C GLU D 551 -18.23 -58.60 4.62
N CYS D 552 -17.02 -58.42 5.13
CA CYS D 552 -15.84 -59.14 4.61
C CYS D 552 -16.00 -60.66 4.76
N LYS D 553 -16.28 -61.12 5.98
CA LYS D 553 -16.53 -62.56 6.25
C LYS D 553 -17.59 -63.17 5.33
N GLU D 554 -18.75 -62.51 5.24
CA GLU D 554 -19.84 -62.92 4.34
C GLU D 554 -19.50 -62.99 2.83
N LYS D 555 -18.56 -62.15 2.40
CA LYS D 555 -18.13 -62.08 0.98
C LYS D 555 -16.93 -62.98 0.64
N GLY D 556 -16.40 -63.67 1.66
CA GLY D 556 -15.39 -64.71 1.48
C GLY D 556 -13.95 -64.33 1.74
N VAL D 557 -13.70 -63.39 2.63
CA VAL D 557 -12.33 -62.93 2.90
C VAL D 557 -11.58 -63.89 3.83
N LEU D 562 -8.23 -55.52 8.38
CA LEU D 562 -8.01 -54.22 9.05
C LEU D 562 -9.14 -53.20 8.82
N SER D 563 -9.72 -52.72 9.94
CA SER D 563 -10.56 -51.50 9.95
C SER D 563 -10.30 -50.70 11.23
N THR D 564 -9.71 -49.53 11.05
CA THR D 564 -9.33 -48.63 12.14
C THR D 564 -9.94 -47.26 11.90
N CYS D 565 -9.90 -46.42 12.93
CA CYS D 565 -10.37 -45.03 12.81
C CYS D 565 -9.56 -44.07 13.66
N ARG D 566 -9.62 -42.80 13.26
CA ARG D 566 -9.17 -41.72 14.15
C ARG D 566 -10.04 -40.48 13.96
N VAL D 567 -10.16 -39.72 15.05
CA VAL D 567 -10.90 -38.46 15.04
C VAL D 567 -9.87 -37.42 14.64
N THR D 568 -10.10 -36.76 13.51
CA THR D 568 -9.13 -35.82 12.93
C THR D 568 -9.44 -34.35 13.16
N GLN D 569 -10.71 -34.02 13.31
CA GLN D 569 -11.12 -32.65 13.58
C GLN D 569 -12.20 -32.63 14.63
N THR D 570 -12.17 -31.58 15.44
CA THR D 570 -13.24 -31.29 16.39
C THR D 570 -13.95 -29.99 15.98
N TYR D 571 -15.24 -29.96 16.24
CA TYR D 571 -16.10 -28.80 16.01
C TYR D 571 -16.95 -28.60 17.26
N ASP D 572 -17.64 -27.48 17.33
CA ASP D 572 -18.64 -27.25 18.38
C ASP D 572 -19.67 -28.38 18.40
N ALA D 573 -20.28 -28.63 17.23
CA ALA D 573 -21.45 -29.52 17.14
C ALA D 573 -21.11 -30.98 16.87
N GLY D 574 -19.82 -31.31 16.72
CA GLY D 574 -19.41 -32.71 16.44
C GLY D 574 -17.94 -32.90 16.07
N ALA D 575 -17.67 -33.95 15.27
CA ALA D 575 -16.30 -34.29 14.87
C ALA D 575 -16.22 -34.96 13.53
N CYS D 576 -15.02 -34.90 12.97
CA CYS D 576 -14.69 -35.62 11.74
C CYS D 576 -14.02 -36.93 12.10
N ILE D 577 -14.50 -38.00 11.46
CA ILE D 577 -13.96 -39.33 11.74
C ILE D 577 -13.36 -39.88 10.47
N TYR D 578 -12.12 -40.35 10.58
CA TYR D 578 -11.34 -40.84 9.43
C TYR D 578 -10.99 -42.33 9.55
N PHE D 579 -11.54 -43.13 8.64
CA PHE D 579 -11.43 -44.59 8.64
C PHE D 579 -10.42 -45.11 7.62
N TYR D 580 -9.59 -46.08 8.02
CA TYR D 580 -8.86 -46.96 7.08
C TYR D 580 -9.54 -48.32 7.08
N PHE D 581 -9.59 -48.95 5.92
CA PHE D 581 -9.95 -50.37 5.87
C PHE D 581 -9.21 -51.07 4.74
N ALA D 582 -8.68 -52.25 5.04
CA ALA D 582 -7.93 -53.02 4.06
C ALA D 582 -7.98 -54.51 4.33
N PHE D 583 -7.79 -55.28 3.27
CA PHE D 583 -7.74 -56.74 3.36
C PHE D 583 -6.85 -57.44 2.34
N ASN D 584 -6.32 -58.58 2.76
CA ASN D 584 -5.60 -59.54 1.91
C ASN D 584 -6.65 -60.17 1.00
N TYR D 585 -6.55 -59.93 -0.30
CA TYR D 585 -7.56 -60.43 -1.25
C TYR D 585 -7.16 -61.74 -1.96
N ARG D 586 -6.09 -62.37 -1.48
CA ARG D 586 -5.62 -63.66 -2.04
C ARG D 586 -6.66 -64.74 -1.77
N GLY D 587 -7.16 -65.35 -2.84
CA GLY D 587 -8.19 -66.41 -2.77
C GLY D 587 -9.62 -65.95 -2.93
N ILE D 588 -9.80 -64.81 -3.59
CA ILE D 588 -11.13 -64.22 -3.81
C ILE D 588 -11.39 -64.07 -5.29
N SER D 589 -12.56 -64.51 -5.71
CA SER D 589 -12.97 -64.53 -7.13
C SER D 589 -12.87 -63.15 -7.78
N ASP D 590 -13.64 -62.20 -7.27
CA ASP D 590 -13.71 -60.84 -7.80
C ASP D 590 -13.39 -59.84 -6.68
N PRO D 591 -12.10 -59.48 -6.50
CA PRO D 591 -11.72 -58.67 -5.32
C PRO D 591 -12.15 -57.19 -5.37
N LEU D 592 -12.29 -56.61 -6.57
CA LEU D 592 -12.77 -55.23 -6.71
C LEU D 592 -14.25 -55.04 -6.40
N ALA D 593 -15.06 -56.02 -6.76
CA ALA D 593 -16.48 -56.06 -6.37
C ALA D 593 -16.65 -56.19 -4.84
N VAL D 594 -15.78 -56.96 -4.21
CA VAL D 594 -15.82 -57.14 -2.74
C VAL D 594 -15.53 -55.82 -2.03
N PHE D 595 -14.45 -55.17 -2.44
CA PHE D 595 -14.07 -53.84 -1.93
C PHE D 595 -15.18 -52.80 -2.16
N GLU D 596 -15.64 -52.73 -3.40
CA GLU D 596 -16.72 -51.81 -3.80
C GLU D 596 -17.96 -51.96 -2.90
N GLN D 597 -18.44 -53.19 -2.79
CA GLN D 597 -19.65 -53.50 -2.01
C GLN D 597 -19.47 -53.29 -0.49
N THR D 598 -18.30 -53.60 0.04
CA THR D 598 -17.98 -53.31 1.45
C THR D 598 -17.90 -51.81 1.76
N GLU D 599 -17.27 -51.03 0.88
CA GLU D 599 -17.19 -49.56 1.04
C GLU D 599 -18.62 -48.99 1.09
N ALA D 600 -19.48 -49.47 0.19
CA ALA D 600 -20.88 -49.01 0.13
C ALA D 600 -21.69 -49.43 1.36
N ALA D 601 -21.33 -50.55 1.96
CA ALA D 601 -21.93 -51.03 3.20
C ALA D 601 -21.50 -50.16 4.40
N ALA D 602 -20.22 -49.79 4.41
CA ALA D 602 -19.68 -48.87 5.43
C ALA D 602 -20.38 -47.50 5.41
N ARG D 603 -20.61 -46.99 4.20
CA ARG D 603 -21.35 -45.74 4.00
C ARG D 603 -22.80 -45.84 4.51
N GLU D 604 -23.46 -46.97 4.24
CA GLU D 604 -24.82 -47.23 4.77
C GLU D 604 -24.80 -47.23 6.28
N GLU D 605 -23.80 -47.89 6.86
CA GLU D 605 -23.68 -47.96 8.31
C GLU D 605 -23.45 -46.57 8.89
N ILE D 606 -22.53 -45.82 8.27
CA ILE D 606 -22.24 -44.43 8.68
C ILE D 606 -23.53 -43.59 8.77
N LEU D 607 -24.31 -43.61 7.68
CA LEU D 607 -25.54 -42.82 7.61
C LEU D 607 -26.59 -43.23 8.62
N ALA D 608 -26.73 -44.55 8.79
CA ALA D 608 -27.61 -45.13 9.83
C ALA D 608 -27.19 -44.80 11.28
N ASN D 609 -25.90 -44.52 11.49
CA ASN D 609 -25.41 -44.10 12.82
C ASN D 609 -25.31 -42.58 12.97
N GLY D 610 -25.99 -41.85 12.09
CA GLY D 610 -26.07 -40.38 12.18
C GLY D 610 -24.91 -39.57 11.61
N GLY D 611 -24.01 -40.24 10.91
CA GLY D 611 -22.90 -39.59 10.26
C GLY D 611 -23.32 -38.98 8.94
N SER D 612 -22.47 -38.10 8.43
CA SER D 612 -22.73 -37.39 7.16
C SER D 612 -22.18 -38.12 5.94
N LEU D 613 -22.78 -37.83 4.81
CA LEU D 613 -22.39 -38.44 3.53
C LEU D 613 -20.92 -38.19 3.21
N SER D 614 -20.45 -36.98 3.53
CA SER D 614 -19.01 -36.63 3.52
C SER D 614 -18.71 -35.40 4.39
N HIS D 615 -17.57 -35.41 5.06
CA HIS D 615 -17.02 -34.25 5.76
C HIS D 615 -16.17 -33.37 4.84
N HIS D 616 -15.30 -34.00 4.05
CA HIS D 616 -14.40 -33.28 3.13
C HIS D 616 -14.08 -33.86 1.74
N HIS D 617 -14.20 -35.18 1.55
CA HIS D 617 -13.94 -35.80 0.21
C HIS D 617 -14.94 -35.40 -0.86
N GLY D 618 -16.15 -35.09 -0.43
CA GLY D 618 -17.19 -34.72 -1.37
C GLY D 618 -17.84 -35.93 -2.00
N VAL D 619 -18.67 -35.65 -2.99
CA VAL D 619 -19.61 -36.62 -3.53
C VAL D 619 -19.11 -37.17 -4.85
N GLY D 620 -18.82 -36.28 -5.78
CA GLY D 620 -18.37 -36.65 -7.12
C GLY D 620 -19.39 -37.50 -7.86
N LYS D 621 -18.93 -38.67 -8.32
CA LYS D 621 -19.83 -39.74 -8.80
C LYS D 621 -19.87 -40.97 -7.87
N LEU D 622 -19.01 -41.00 -6.86
CA LEU D 622 -18.97 -42.12 -5.94
C LEU D 622 -20.21 -42.18 -5.03
N ARG D 623 -20.70 -41.01 -4.59
CA ARG D 623 -21.78 -40.92 -3.60
C ARG D 623 -23.07 -40.27 -4.12
N LYS D 624 -23.22 -40.16 -5.43
CA LYS D 624 -24.43 -39.55 -6.03
C LYS D 624 -25.77 -40.10 -5.57
N GLN D 625 -25.83 -41.42 -5.37
CA GLN D 625 -27.11 -42.09 -5.03
C GLN D 625 -27.71 -41.62 -3.69
N TRP D 626 -26.85 -41.30 -2.72
CA TRP D 626 -27.29 -40.78 -1.42
C TRP D 626 -27.66 -39.28 -1.34
N LEU D 627 -27.28 -38.49 -2.33
CA LEU D 627 -27.35 -37.04 -2.20
C LEU D 627 -28.78 -36.56 -1.89
N LYS D 628 -29.76 -37.03 -2.66
CA LYS D 628 -31.18 -36.60 -2.49
C LYS D 628 -31.71 -36.80 -1.07
N GLU D 629 -31.38 -37.92 -0.45
CA GLU D 629 -31.67 -38.14 0.97
C GLU D 629 -30.96 -37.08 1.81
N SER D 630 -29.67 -36.89 1.55
CA SER D 630 -28.81 -35.99 2.36
C SER D 630 -29.26 -34.54 2.44
N ILE D 631 -29.72 -34.00 1.32
CA ILE D 631 -30.06 -32.58 1.22
C ILE D 631 -31.55 -32.32 0.96
N SER D 632 -32.33 -33.40 0.80
CA SER D 632 -33.77 -33.39 0.45
C SER D 632 -34.01 -33.19 -1.05
N ASP D 633 -35.21 -33.53 -1.52
CA ASP D 633 -35.55 -33.43 -2.95
C ASP D 633 -35.62 -32.02 -3.45
N VAL D 634 -36.26 -31.14 -2.69
CA VAL D 634 -36.30 -29.72 -3.09
C VAL D 634 -34.87 -29.15 -3.20
N GLY D 635 -34.02 -29.51 -2.25
CA GLY D 635 -32.64 -29.04 -2.22
C GLY D 635 -31.85 -29.45 -3.45
N PHE D 636 -31.93 -30.74 -3.77
CA PHE D 636 -31.37 -31.29 -5.02
C PHE D 636 -31.83 -30.47 -6.24
N GLY D 637 -33.12 -30.17 -6.27
CA GLY D 637 -33.73 -29.41 -7.36
C GLY D 637 -33.22 -27.98 -7.43
N MET D 638 -32.94 -27.42 -6.25
CA MET D 638 -32.30 -26.10 -6.18
C MET D 638 -30.95 -26.18 -6.86
N LEU D 639 -30.15 -27.20 -6.53
CA LEU D 639 -28.83 -27.39 -7.21
C LEU D 639 -28.98 -27.53 -8.72
N LYS D 640 -29.95 -28.34 -9.14
CA LYS D 640 -30.22 -28.56 -10.57
C LYS D 640 -30.65 -27.28 -11.25
N SER D 641 -31.54 -26.53 -10.62
CA SER D 641 -32.01 -25.27 -11.21
C SER D 641 -30.84 -24.29 -11.53
N VAL D 642 -29.83 -24.29 -10.66
CA VAL D 642 -28.63 -23.45 -10.82
C VAL D 642 -27.80 -23.97 -11.97
N LYS D 643 -27.43 -25.25 -11.89
CA LYS D 643 -26.74 -25.97 -13.00
C LYS D 643 -27.34 -25.63 -14.36
N ASP D 644 -28.67 -25.71 -14.45
CA ASP D 644 -29.37 -25.50 -15.73
C ASP D 644 -29.37 -24.06 -16.22
N TYR D 645 -29.32 -23.09 -15.30
CA TYR D 645 -29.19 -21.66 -15.69
C TYR D 645 -27.78 -21.36 -16.17
N VAL D 646 -26.81 -21.85 -15.43
CA VAL D 646 -25.41 -21.49 -15.62
C VAL D 646 -24.80 -22.21 -16.82
N ASP D 647 -25.19 -23.48 -16.99
CA ASP D 647 -24.61 -24.40 -17.98
C ASP D 647 -25.75 -25.20 -18.64
N PRO D 648 -26.61 -24.50 -19.40
CA PRO D 648 -27.77 -25.17 -19.94
C PRO D 648 -27.49 -26.36 -20.82
N THR D 649 -26.39 -26.34 -21.59
CA THR D 649 -26.08 -27.47 -22.46
C THR D 649 -25.05 -28.42 -21.91
N ASN D 650 -24.85 -28.38 -20.60
CA ASN D 650 -24.03 -29.38 -19.91
C ASN D 650 -22.60 -29.43 -20.45
N ILE D 651 -22.03 -28.28 -20.81
CA ILE D 651 -20.61 -28.24 -21.21
C ILE D 651 -19.75 -28.83 -20.08
N PHE D 652 -20.02 -28.43 -18.85
CA PHE D 652 -19.31 -28.95 -17.69
C PHE D 652 -19.96 -30.23 -17.22
N GLY D 653 -19.61 -31.30 -17.93
CA GLY D 653 -20.33 -32.56 -17.92
C GLY D 653 -19.62 -33.74 -17.34
N ASN D 654 -18.81 -33.51 -16.33
CA ASN D 654 -18.33 -34.63 -15.50
C ASN D 654 -19.47 -35.42 -14.82
N ARG D 655 -20.66 -34.82 -14.74
CA ARG D 655 -21.86 -35.43 -14.14
C ARG D 655 -21.67 -35.78 -12.68
N ASN D 656 -20.84 -35.00 -11.99
CA ASN D 656 -20.69 -35.11 -10.54
C ASN D 656 -21.97 -34.59 -9.91
N LEU D 657 -22.26 -35.08 -8.70
CA LEU D 657 -23.36 -34.57 -7.82
C LEU D 657 -24.76 -35.00 -8.24
N LEU D 658 -25.25 -34.42 -9.33
CA LEU D 658 -26.66 -34.51 -9.71
C LEU D 658 -26.98 -35.71 -10.63
#